data_6SLF
#
_entry.id   6SLF
#
_cell.length_a   53.688
_cell.length_b   181.919
_cell.length_c   93.122
_cell.angle_alpha   90.000
_cell.angle_beta   104.140
_cell.angle_gamma   90.000
#
_symmetry.space_group_name_H-M   'P 1 21 1'
#
loop_
_entity.id
_entity.type
_entity.pdbx_description
1 polymer 'N-alpha-acyl-glutamine aminoacylase'
2 non-polymer 'ZINC ION'
3 non-polymer '(2~{S})-5-azanyl-2-[[[(3~{S})-3-methyl-5-phenyl-pentyl]-oxidanyl-phosphoryl]methyl]-5-oxidanylidene-pentanoic acid'
4 non-polymer GLYCEROL
5 non-polymer 'ACETATE ION'
6 non-polymer 2-[BIS-(2-HYDROXY-ETHYL)-AMINO]-2-HYDROXYMETHYL-PROPANE-1,3-DIOL
7 water water
#
_entity_poly.entity_id   1
_entity_poly.type   'polypeptide(L)'
_entity_poly.pdbx_seq_one_letter_code
;MAQENLQKIVDSLESSRAEREELYKWFHQHPEMSMQEHETSKRIAEELEKLGLEPQNIGVTGQVAVIKNGEGPSVAFRAD
FDALPITENTGLDYSADPELGMMHACGHDLHTTALLGAVRALVENKDLWSGTFIAVHQPGEEGGGGARHMVDDGLAEKIA
APDVCFAQHVFNEDPAFGYVFTPGRFLTAASNWRIHIHGEGGHGSRPHLTKDPIVVAASIITKLQTIVSREVDPNEVAVV
TVGSIEGGKSTNSIPYTVTLGVNTRASNDELSEYVQNAIKRIVIAECQAAGIEQEPEFEYLDSVPAVINDEDLTEQLMAQ
FREFFGEDQAVEIPPLSGSEDYPFIPNAWGVPSVMWGWSGFAAGSDAPGNHTDKFAPELPDALERGTQAILVAAAPWLMK
;
_entity_poly.pdbx_strand_id   A,B,C,D
#
# COMPACT_ATOMS: atom_id res chain seq x y z
N ALA A 2 -3.36 -55.34 14.36
CA ALA A 2 -2.08 -55.97 14.82
C ALA A 2 -2.17 -57.50 14.67
N GLN A 3 -1.08 -58.11 14.20
CA GLN A 3 -1.00 -59.58 14.04
C GLN A 3 0.42 -60.11 14.27
N GLU A 4 0.54 -61.43 14.36
CA GLU A 4 1.86 -62.06 14.50
C GLU A 4 2.66 -61.99 13.20
N ASN A 5 2.00 -62.23 12.07
CA ASN A 5 2.66 -62.06 10.77
C ASN A 5 3.05 -60.61 10.54
N LEU A 6 2.16 -59.70 10.92
CA LEU A 6 2.47 -58.28 10.86
C LEU A 6 3.72 -57.96 11.65
N GLN A 7 3.79 -58.39 12.90
CA GLN A 7 4.99 -58.10 13.71
C GLN A 7 6.26 -58.70 13.08
N LYS A 8 6.15 -59.90 12.56
CA LYS A 8 7.28 -60.55 11.89
C LYS A 8 7.80 -59.77 10.69
N ILE A 9 6.90 -59.28 9.84
CA ILE A 9 7.30 -58.50 8.65
C ILE A 9 7.95 -57.17 9.06
N VAL A 10 7.40 -56.53 10.08
CA VAL A 10 7.95 -55.28 10.64
C VAL A 10 9.35 -55.57 11.17
N ASP A 11 9.48 -56.66 11.91
CA ASP A 11 10.79 -57.03 12.47
C ASP A 11 11.85 -57.29 11.41
N SER A 12 11.42 -57.72 10.22
CA SER A 12 12.34 -58.01 9.12
C SER A 12 13.04 -56.75 8.60
N LEU A 13 12.45 -55.59 8.86
CA LEU A 13 13.04 -54.31 8.43
C LEU A 13 14.44 -54.05 8.98
N GLU A 14 14.74 -54.56 10.18
CA GLU A 14 16.07 -54.39 10.75
C GLU A 14 17.17 -54.90 9.81
N SER A 15 16.92 -56.03 9.13
CA SER A 15 17.96 -56.59 8.24
C SER A 15 18.33 -55.70 7.05
N SER A 16 17.40 -54.83 6.64
CA SER A 16 17.64 -53.97 5.48
C SER A 16 17.86 -52.51 5.86
N ARG A 17 17.84 -52.17 7.15
CA ARG A 17 17.88 -50.75 7.56
C ARG A 17 19.07 -49.96 7.00
N ALA A 18 20.25 -50.58 7.03
CA ALA A 18 21.47 -49.92 6.53
C ALA A 18 21.34 -49.51 5.08
N GLU A 19 20.89 -50.44 4.23
CA GLU A 19 20.78 -50.19 2.79
C GLU A 19 19.66 -49.20 2.54
N ARG A 20 18.57 -49.30 3.30
CA ARG A 20 17.42 -48.38 3.12
C ARG A 20 17.79 -46.95 3.50
N GLU A 21 18.54 -46.79 4.58
CA GLU A 21 19.01 -45.45 4.97
C GLU A 21 19.99 -44.86 3.95
N GLU A 22 20.87 -45.70 3.39
CA GLU A 22 21.77 -45.27 2.35
C GLU A 22 20.97 -44.82 1.13
N LEU A 23 19.87 -45.54 0.88
CA LEU A 23 19.05 -45.26 -0.28
C LEU A 23 18.35 -43.92 -0.09
N TYR A 24 17.85 -43.69 1.13
CA TYR A 24 17.19 -42.41 1.46
C TYR A 24 18.16 -41.24 1.23
N LYS A 25 19.37 -41.42 1.75
CA LYS A 25 20.43 -40.41 1.60
C LYS A 25 20.75 -40.14 0.11
N TRP A 26 20.77 -41.19 -0.70
CA TRP A 26 20.94 -41.02 -2.15
C TRP A 26 19.84 -40.12 -2.74
N PHE A 27 18.59 -40.46 -2.46
CA PHE A 27 17.48 -39.66 -2.97
C PHE A 27 17.58 -38.22 -2.49
N HIS A 28 17.96 -38.04 -1.22
CA HIS A 28 18.08 -36.72 -0.63
C HIS A 28 19.10 -35.87 -1.39
N GLN A 29 20.15 -36.52 -1.89
CA GLN A 29 21.21 -35.81 -2.57
C GLN A 29 20.96 -35.66 -4.07
N HIS A 30 19.81 -36.15 -4.54
CA HIS A 30 19.47 -36.01 -5.96
C HIS A 30 18.08 -35.37 -6.12
N PRO A 31 17.86 -34.19 -5.50
CA PRO A 31 16.53 -33.55 -5.58
C PRO A 31 16.35 -32.99 -6.99
N GLU A 32 15.17 -33.23 -7.57
CA GLU A 32 14.90 -32.79 -8.93
C GLU A 32 13.53 -32.11 -9.02
N MET A 33 13.42 -31.22 -10.01
CA MET A 33 12.21 -30.45 -10.25
C MET A 33 11.03 -31.28 -10.72
N SER A 34 9.82 -30.82 -10.37
CA SER A 34 8.58 -31.49 -10.76
C SER A 34 8.52 -31.81 -12.26
N MET A 35 8.21 -33.07 -12.54
CA MET A 35 8.11 -33.64 -13.90
C MET A 35 9.44 -33.73 -14.65
N GLN A 36 10.55 -33.43 -13.97
CA GLN A 36 11.89 -33.57 -14.56
C GLN A 36 12.78 -34.42 -13.67
N GLU A 37 12.20 -35.40 -12.97
CA GLU A 37 12.92 -36.19 -11.95
C GLU A 37 13.64 -37.39 -12.57
N HIS A 38 14.53 -37.11 -13.53
CA HIS A 38 15.13 -38.18 -14.35
C HIS A 38 15.93 -39.20 -13.55
N GLU A 39 16.81 -38.70 -12.68
CA GLU A 39 17.67 -39.61 -11.96
C GLU A 39 16.88 -40.29 -10.87
N THR A 40 15.95 -39.55 -10.24
CA THR A 40 15.15 -40.21 -9.19
C THR A 40 14.23 -41.29 -9.77
N SER A 41 13.55 -41.00 -10.87
CA SER A 41 12.72 -42.02 -11.54
C SER A 41 13.55 -43.26 -11.91
N LYS A 42 14.73 -43.04 -12.50
CA LYS A 42 15.59 -44.13 -12.94
C LYS A 42 16.00 -44.98 -11.75
N ARG A 43 16.32 -44.35 -10.62
CA ARG A 43 16.72 -45.09 -9.44
C ARG A 43 15.55 -45.89 -8.82
N ILE A 44 14.35 -45.29 -8.80
CA ILE A 44 13.17 -46.00 -8.35
C ILE A 44 12.97 -47.28 -9.18
N ALA A 45 12.99 -47.14 -10.50
CA ALA A 45 12.86 -48.28 -11.40
C ALA A 45 13.89 -49.37 -11.08
N GLU A 46 15.14 -48.96 -10.87
CA GLU A 46 16.22 -49.90 -10.59
C GLU A 46 16.01 -50.63 -9.27
N GLU A 47 15.51 -49.90 -8.26
CA GLU A 47 15.27 -50.50 -6.96
C GLU A 47 14.14 -51.54 -7.02
N LEU A 48 13.13 -51.28 -7.84
CA LEU A 48 12.04 -52.25 -8.02
C LEU A 48 12.57 -53.45 -8.82
N GLU A 49 13.38 -53.18 -9.84
CA GLU A 49 14.03 -54.26 -10.63
C GLU A 49 14.96 -55.15 -9.78
N LYS A 50 15.71 -54.53 -8.87
CA LYS A 50 16.49 -55.28 -7.87
C LYS A 50 15.67 -56.34 -7.10
N LEU A 51 14.38 -56.06 -6.88
CA LEU A 51 13.50 -56.93 -6.12
C LEU A 51 12.77 -57.92 -7.03
N GLY A 52 13.18 -57.96 -8.30
CA GLY A 52 12.60 -58.86 -9.29
C GLY A 52 11.24 -58.40 -9.78
N LEU A 53 10.92 -57.13 -9.53
CA LEU A 53 9.65 -56.56 -10.00
C LEU A 53 9.80 -55.94 -11.37
N GLU A 54 8.66 -55.67 -12.02
CA GLU A 54 8.61 -55.11 -13.37
C GLU A 54 7.97 -53.70 -13.34
N PRO A 55 8.76 -52.65 -13.05
CA PRO A 55 8.11 -51.34 -12.93
C PRO A 55 7.59 -50.88 -14.27
N GLN A 56 6.38 -50.31 -14.28
CA GLN A 56 5.81 -49.74 -15.49
C GLN A 56 5.92 -48.22 -15.44
N ASN A 57 6.58 -47.66 -16.45
CA ASN A 57 6.76 -46.23 -16.54
C ASN A 57 5.47 -45.59 -17.02
N ILE A 58 4.79 -44.89 -16.11
CA ILE A 58 3.47 -44.28 -16.42
C ILE A 58 3.51 -42.82 -15.98
N GLY A 59 3.09 -41.88 -16.84
CA GLY A 59 3.09 -40.45 -16.51
C GLY A 59 4.46 -39.79 -16.53
N VAL A 60 5.16 -39.92 -17.66
CA VAL A 60 6.48 -39.32 -17.92
C VAL A 60 7.56 -39.98 -17.08
N THR A 61 7.63 -39.64 -15.78
CA THR A 61 8.65 -40.17 -14.87
C THR A 61 8.06 -41.13 -13.82
N GLY A 62 6.75 -41.29 -13.75
CA GLY A 62 6.12 -42.17 -12.75
C GLY A 62 6.49 -43.62 -12.95
N GLN A 63 6.41 -44.42 -11.88
CA GLN A 63 6.70 -45.86 -11.94
C GLN A 63 5.69 -46.59 -11.08
N VAL A 64 5.12 -47.66 -11.61
CA VAL A 64 4.18 -48.49 -10.86
C VAL A 64 4.65 -49.94 -10.92
N ALA A 65 4.67 -50.62 -9.79
CA ALA A 65 4.99 -52.04 -9.74
C ALA A 65 3.87 -52.79 -9.03
N VAL A 66 3.49 -53.91 -9.62
CA VAL A 66 2.43 -54.76 -9.04
C VAL A 66 3.13 -55.99 -8.46
N ILE A 67 2.92 -56.26 -7.19
CA ILE A 67 3.46 -57.46 -6.55
C ILE A 67 2.28 -58.39 -6.32
N LYS A 68 2.21 -59.49 -7.07
CA LYS A 68 1.11 -60.44 -6.87
C LYS A 68 1.68 -61.63 -6.09
N ASN A 69 0.98 -62.02 -5.04
CA ASN A 69 1.47 -63.10 -4.18
C ASN A 69 0.26 -63.84 -3.62
N GLY A 70 -0.27 -64.77 -4.41
CA GLY A 70 -1.40 -65.56 -3.97
C GLY A 70 -2.74 -64.84 -4.08
N GLU A 71 -3.79 -65.57 -3.77
CA GLU A 71 -5.15 -65.04 -3.68
C GLU A 71 -5.32 -64.06 -2.55
N GLY A 72 -6.15 -63.06 -2.79
CA GLY A 72 -6.52 -62.13 -1.75
C GLY A 72 -6.79 -60.74 -2.32
N PRO A 73 -7.14 -59.79 -1.44
CA PRO A 73 -7.47 -58.41 -1.80
C PRO A 73 -6.22 -57.70 -2.30
N SER A 74 -6.41 -56.49 -2.80
CA SER A 74 -5.34 -55.72 -3.39
C SER A 74 -5.30 -54.36 -2.71
N VAL A 75 -4.09 -53.95 -2.36
CA VAL A 75 -3.89 -52.67 -1.67
C VAL A 75 -2.92 -51.88 -2.50
N ALA A 76 -3.25 -50.62 -2.82
CA ALA A 76 -2.28 -49.74 -3.48
C ALA A 76 -1.74 -48.72 -2.50
N PHE A 77 -0.49 -48.34 -2.71
CA PHE A 77 0.15 -47.33 -1.89
C PHE A 77 0.91 -46.36 -2.77
N ARG A 78 0.64 -45.08 -2.61
CA ARG A 78 1.30 -44.02 -3.38
C ARG A 78 2.31 -43.21 -2.56
N ALA A 79 3.46 -42.92 -3.20
CA ALA A 79 4.50 -42.01 -2.68
C ALA A 79 5.01 -41.15 -3.84
N ASP A 80 5.12 -39.86 -3.59
CA ASP A 80 5.59 -38.88 -4.57
C ASP A 80 7.10 -38.66 -4.41
N PHE A 81 7.74 -38.14 -5.45
CA PHE A 81 9.20 -38.09 -5.45
C PHE A 81 9.89 -36.81 -5.94
N ASP A 82 9.12 -35.76 -6.24
CA ASP A 82 9.73 -34.48 -6.68
C ASP A 82 10.25 -33.67 -5.48
N ALA A 83 11.27 -32.86 -5.72
CA ALA A 83 11.81 -31.94 -4.72
C ALA A 83 11.42 -30.49 -5.04
N LEU A 84 12.09 -29.52 -4.41
CA LEU A 84 11.75 -28.09 -4.52
C LEU A 84 12.99 -27.23 -4.79
N PRO A 85 12.81 -26.10 -5.50
CA PRO A 85 13.89 -25.14 -5.78
C PRO A 85 14.17 -24.28 -4.55
N ILE A 86 14.76 -24.94 -3.55
CA ILE A 86 15.12 -24.33 -2.26
C ILE A 86 16.57 -24.76 -2.00
N THR A 87 17.43 -23.82 -1.63
CA THR A 87 18.82 -24.17 -1.36
C THR A 87 18.94 -24.86 -0.01
N GLU A 88 19.50 -26.08 0.02
CA GLU A 88 19.48 -26.84 1.28
C GLU A 88 20.39 -26.16 2.32
N ASN A 89 19.89 -26.06 3.55
CA ASN A 89 20.58 -25.36 4.64
C ASN A 89 20.46 -26.15 5.94
N THR A 90 20.59 -27.46 5.82
CA THR A 90 20.45 -28.36 6.96
C THR A 90 21.76 -28.65 7.66
N GLY A 91 22.88 -28.56 6.95
CA GLY A 91 24.18 -29.00 7.47
C GLY A 91 24.27 -30.51 7.68
N LEU A 92 23.30 -31.27 7.18
CA LEU A 92 23.39 -32.76 7.21
C LEU A 92 24.63 -33.22 6.46
N ASP A 93 25.29 -34.28 6.93
CA ASP A 93 26.44 -34.81 6.18
C ASP A 93 26.00 -35.36 4.83
N TYR A 94 24.71 -35.68 4.71
CA TYR A 94 24.13 -36.12 3.42
C TYR A 94 23.26 -35.04 2.75
N SER A 95 23.51 -33.78 3.10
CA SER A 95 22.82 -32.66 2.47
C SER A 95 22.99 -32.72 0.96
N ALA A 96 21.95 -32.29 0.23
CA ALA A 96 22.15 -31.97 -1.17
C ALA A 96 23.19 -30.83 -1.28
N ASP A 97 23.89 -30.78 -2.40
CA ASP A 97 24.83 -29.70 -2.65
C ASP A 97 24.08 -28.36 -2.70
N PRO A 98 24.44 -27.39 -1.83
CA PRO A 98 23.77 -26.08 -1.88
C PRO A 98 23.87 -25.35 -3.22
N GLU A 99 24.89 -25.64 -4.00
CA GLU A 99 25.04 -25.01 -5.32
C GLU A 99 23.94 -25.47 -6.29
N LEU A 100 23.30 -26.58 -5.96
CA LEU A 100 22.22 -27.14 -6.77
C LEU A 100 20.98 -26.23 -6.72
N GLY A 101 20.77 -25.56 -5.59
CA GLY A 101 19.60 -24.71 -5.42
C GLY A 101 18.34 -25.57 -5.36
N MET A 102 18.53 -26.84 -5.00
CA MET A 102 17.44 -27.83 -4.89
C MET A 102 17.50 -28.58 -3.56
N MET A 103 16.33 -28.98 -3.05
CA MET A 103 16.24 -29.65 -1.75
C MET A 103 14.94 -30.41 -1.63
N HIS A 104 15.03 -31.60 -1.02
CA HIS A 104 13.82 -32.32 -0.59
C HIS A 104 13.19 -31.74 0.68
N ALA A 105 12.75 -30.48 0.56
CA ALA A 105 12.22 -29.71 1.67
C ALA A 105 10.80 -30.14 2.07
N CYS A 106 10.28 -31.17 1.41
CA CYS A 106 8.93 -31.65 1.76
C CYS A 106 8.93 -33.14 2.17
N GLY A 107 10.10 -33.76 2.19
CA GLY A 107 10.24 -35.16 2.60
C GLY A 107 9.84 -36.21 1.56
N HIS A 108 9.71 -35.82 0.30
CA HIS A 108 9.29 -36.79 -0.74
C HIS A 108 10.30 -37.92 -0.93
N ASP A 109 11.58 -37.62 -0.73
CA ASP A 109 12.62 -38.66 -0.64
C ASP A 109 12.36 -39.73 0.45
N LEU A 110 11.90 -39.27 1.62
CA LEU A 110 11.47 -40.14 2.70
C LEU A 110 10.24 -40.98 2.32
N HIS A 111 9.23 -40.34 1.71
CA HIS A 111 8.03 -41.06 1.25
C HIS A 111 8.45 -42.20 0.32
N THR A 112 9.33 -41.86 -0.62
CA THR A 112 9.76 -42.78 -1.64
C THR A 112 10.50 -43.98 -1.02
N THR A 113 11.42 -43.68 -0.10
CA THR A 113 12.24 -44.72 0.53
C THR A 113 11.38 -45.61 1.46
N ALA A 114 10.39 -45.01 2.12
CA ALA A 114 9.42 -45.74 2.93
C ALA A 114 8.70 -46.77 2.06
N LEU A 115 8.26 -46.32 0.89
CA LEU A 115 7.53 -47.21 -0.01
C LEU A 115 8.42 -48.34 -0.56
N LEU A 116 9.60 -47.98 -1.07
CA LEU A 116 10.57 -48.99 -1.49
C LEU A 116 10.97 -49.98 -0.40
N GLY A 117 11.09 -49.52 0.85
CA GLY A 117 11.43 -50.39 1.99
C GLY A 117 10.31 -51.37 2.30
N ALA A 118 9.08 -50.86 2.28
CA ALA A 118 7.88 -51.68 2.48
C ALA A 118 7.77 -52.77 1.38
N VAL A 119 7.96 -52.36 0.14
CA VAL A 119 7.93 -53.29 -1.01
C VAL A 119 8.99 -54.40 -0.80
N ARG A 120 10.18 -54.00 -0.36
CA ARG A 120 11.24 -54.97 -0.08
C ARG A 120 10.82 -55.97 1.00
N ALA A 121 10.22 -55.50 2.09
CA ALA A 121 9.75 -56.37 3.17
C ALA A 121 8.73 -57.36 2.65
N LEU A 122 7.85 -56.89 1.76
CA LEU A 122 6.79 -57.72 1.22
C LEU A 122 7.36 -58.81 0.30
N VAL A 123 8.30 -58.40 -0.56
CA VAL A 123 8.93 -59.29 -1.56
C VAL A 123 9.77 -60.36 -0.84
N GLU A 124 10.46 -59.96 0.25
CA GLU A 124 11.33 -60.88 1.01
C GLU A 124 10.55 -61.81 1.97
N ASN A 125 9.27 -61.55 2.19
CA ASN A 125 8.50 -62.31 3.18
C ASN A 125 7.12 -62.73 2.67
N LYS A 126 7.12 -63.29 1.46
CA LYS A 126 5.87 -63.65 0.78
C LYS A 126 5.07 -64.73 1.54
N ASP A 127 5.74 -65.45 2.44
CA ASP A 127 5.07 -66.44 3.32
C ASP A 127 4.13 -65.79 4.35
N LEU A 128 4.30 -64.48 4.56
CA LEU A 128 3.63 -63.76 5.65
C LEU A 128 2.40 -62.99 5.20
N TRP A 129 2.15 -62.97 3.89
CA TRP A 129 0.99 -62.25 3.36
C TRP A 129 0.41 -62.96 2.14
N SER A 130 -0.75 -62.49 1.68
CA SER A 130 -1.43 -63.07 0.55
C SER A 130 -2.31 -62.00 -0.13
N GLY A 131 -2.12 -61.87 -1.43
CA GLY A 131 -2.92 -60.94 -2.22
C GLY A 131 -2.03 -60.12 -3.14
N THR A 132 -2.40 -58.85 -3.33
CA THR A 132 -1.68 -58.01 -4.27
C THR A 132 -1.33 -56.67 -3.64
N PHE A 133 -0.11 -56.21 -3.88
CA PHE A 133 0.29 -54.85 -3.45
C PHE A 133 0.75 -54.08 -4.67
N ILE A 134 0.23 -52.85 -4.84
CA ILE A 134 0.60 -52.01 -5.97
C ILE A 134 1.40 -50.79 -5.42
N ALA A 135 2.65 -50.66 -5.82
CA ALA A 135 3.48 -49.49 -5.48
C ALA A 135 3.33 -48.44 -6.57
N VAL A 136 2.83 -47.27 -6.18
CA VAL A 136 2.65 -46.19 -7.09
C VAL A 136 3.60 -45.01 -6.78
N HIS A 137 4.60 -44.83 -7.63
CA HIS A 137 5.59 -43.78 -7.44
C HIS A 137 5.22 -42.63 -8.38
N GLN A 138 4.76 -41.53 -7.79
CA GLN A 138 4.19 -40.39 -8.52
C GLN A 138 5.16 -39.20 -8.65
N PRO A 139 5.33 -38.66 -9.87
CA PRO A 139 6.15 -37.46 -10.02
C PRO A 139 5.31 -36.20 -9.74
N GLY A 140 5.97 -35.05 -9.70
CA GLY A 140 5.32 -33.76 -9.94
C GLY A 140 4.19 -33.36 -9.01
N GLU A 141 4.32 -33.70 -7.73
CA GLU A 141 3.26 -33.41 -6.79
C GLU A 141 3.23 -31.92 -6.39
N GLU A 142 4.38 -31.24 -6.47
CA GLU A 142 4.46 -29.83 -6.03
C GLU A 142 3.91 -28.88 -7.10
N GLY A 143 2.63 -29.07 -7.44
CA GLY A 143 1.95 -28.29 -8.47
C GLY A 143 2.44 -28.61 -9.89
N GLY A 144 2.97 -29.81 -10.09
CA GLY A 144 3.47 -30.25 -11.40
C GLY A 144 2.40 -30.96 -12.21
N GLY A 145 1.26 -31.25 -11.58
CA GLY A 145 0.18 -32.01 -12.26
C GLY A 145 0.52 -33.48 -12.38
N GLY A 146 1.36 -33.98 -11.47
CA GLY A 146 1.88 -35.34 -11.59
C GLY A 146 0.86 -36.46 -11.51
N ALA A 147 -0.10 -36.36 -10.58
CA ALA A 147 -1.18 -37.37 -10.45
C ALA A 147 -2.03 -37.38 -11.74
N ARG A 148 -2.40 -36.18 -12.18
CA ARG A 148 -3.10 -36.03 -13.46
C ARG A 148 -2.32 -36.66 -14.62
N HIS A 149 -0.99 -36.44 -14.69
CA HIS A 149 -0.17 -37.03 -15.74
C HIS A 149 -0.27 -38.55 -15.75
N MET A 150 -0.26 -39.15 -14.56
CA MET A 150 -0.34 -40.61 -14.48
C MET A 150 -1.69 -41.13 -14.98
N VAL A 151 -2.77 -40.45 -14.55
CA VAL A 151 -4.15 -40.80 -14.91
C VAL A 151 -4.30 -40.65 -16.42
N ASP A 152 -3.78 -39.54 -16.94
CA ASP A 152 -3.89 -39.23 -18.39
C ASP A 152 -3.09 -40.19 -19.27
N ASP A 153 -2.01 -40.76 -18.71
CA ASP A 153 -1.17 -41.77 -19.39
C ASP A 153 -1.70 -43.19 -19.12
N GLY A 154 -2.98 -43.28 -18.76
CA GLY A 154 -3.67 -44.58 -18.69
C GLY A 154 -3.41 -45.46 -17.48
N LEU A 155 -3.15 -44.85 -16.32
CA LEU A 155 -2.97 -45.65 -15.10
C LEU A 155 -4.06 -46.72 -14.89
N ALA A 156 -5.31 -46.28 -14.90
CA ALA A 156 -6.47 -47.14 -14.60
C ALA A 156 -6.73 -48.24 -15.66
N GLU A 157 -6.24 -48.04 -16.87
CA GLU A 157 -6.33 -49.06 -17.95
C GLU A 157 -5.12 -49.99 -17.96
N LYS A 158 -4.00 -49.52 -17.43
CA LYS A 158 -2.75 -50.29 -17.46
C LYS A 158 -2.57 -51.14 -16.22
N ILE A 159 -3.04 -50.62 -15.09
CA ILE A 159 -2.97 -51.28 -13.79
C ILE A 159 -4.37 -51.57 -13.28
N ALA A 160 -4.64 -52.85 -13.03
CA ALA A 160 -5.92 -53.26 -12.45
C ALA A 160 -6.14 -52.57 -11.11
N ALA A 161 -7.36 -52.08 -10.87
CA ALA A 161 -7.70 -51.39 -9.60
C ALA A 161 -7.42 -52.26 -8.39
N PRO A 162 -6.95 -51.64 -7.29
CA PRO A 162 -6.90 -52.31 -5.99
C PRO A 162 -8.29 -52.26 -5.33
N ASP A 163 -8.40 -52.80 -4.13
CA ASP A 163 -9.60 -52.67 -3.32
C ASP A 163 -9.59 -51.37 -2.55
N VAL A 164 -8.39 -50.97 -2.09
CA VAL A 164 -8.22 -49.73 -1.34
C VAL A 164 -6.91 -49.08 -1.76
N CYS A 165 -6.79 -47.77 -1.55
CA CYS A 165 -5.60 -47.05 -1.96
C CYS A 165 -5.21 -46.06 -0.84
N PHE A 166 -3.92 -46.01 -0.50
CA PHE A 166 -3.45 -45.15 0.57
C PHE A 166 -2.26 -44.30 0.13
N ALA A 167 -2.01 -43.27 0.93
CA ALA A 167 -0.81 -42.46 0.85
C ALA A 167 -0.53 -41.86 2.22
N GLN A 168 0.67 -41.33 2.38
CA GLN A 168 1.00 -40.64 3.63
C GLN A 168 1.96 -39.48 3.38
N HIS A 169 2.05 -38.59 4.37
CA HIS A 169 2.95 -37.45 4.22
C HIS A 169 3.64 -37.16 5.54
N VAL A 170 4.96 -36.95 5.49
CA VAL A 170 5.73 -36.59 6.70
C VAL A 170 5.63 -35.08 6.97
N PHE A 171 5.52 -34.69 8.25
CA PHE A 171 5.63 -33.27 8.59
C PHE A 171 6.09 -33.09 10.03
N ASN A 172 6.20 -31.84 10.46
CA ASN A 172 6.59 -31.53 11.84
C ASN A 172 5.33 -31.54 12.71
N GLU A 173 4.96 -32.73 13.18
CA GLU A 173 3.69 -32.90 13.84
C GLU A 173 3.84 -33.54 15.22
N ASP A 174 2.85 -33.31 16.09
CA ASP A 174 2.72 -34.04 17.38
C ASP A 174 1.62 -35.12 17.26
N PRO A 175 1.81 -36.29 17.91
CA PRO A 175 2.96 -36.64 18.76
C PRO A 175 4.20 -36.95 17.93
N ALA A 176 5.36 -36.77 18.53
CA ALA A 176 6.64 -37.07 17.88
C ALA A 176 6.71 -38.51 17.37
N PHE A 177 7.00 -38.62 16.07
CA PHE A 177 7.13 -39.91 15.38
C PHE A 177 5.84 -40.70 15.31
N GLY A 178 4.72 -40.06 15.66
CA GLY A 178 3.41 -40.69 15.63
C GLY A 178 2.64 -40.39 14.34
N TYR A 179 1.37 -40.79 14.31
CA TYR A 179 0.54 -40.70 13.13
C TYR A 179 -0.70 -39.84 13.37
N VAL A 180 -1.16 -39.14 12.32
CA VAL A 180 -2.34 -38.29 12.44
C VAL A 180 -3.31 -38.57 11.31
N PHE A 181 -4.60 -38.66 11.63
CA PHE A 181 -5.67 -38.99 10.65
C PHE A 181 -6.81 -37.95 10.73
N THR A 182 -7.49 -37.74 9.61
CA THR A 182 -8.67 -36.90 9.58
C THR A 182 -9.71 -37.56 8.66
N PRO A 183 -10.84 -37.99 9.22
CA PRO A 183 -11.91 -38.50 8.35
C PRO A 183 -12.55 -37.31 7.59
N GLY A 184 -12.99 -37.54 6.34
CA GLY A 184 -13.69 -36.48 5.58
C GLY A 184 -12.68 -35.46 5.12
N ARG A 185 -13.05 -34.17 5.09
CA ARG A 185 -12.10 -33.18 4.55
C ARG A 185 -10.83 -33.11 5.39
N PHE A 186 -9.71 -33.34 4.72
CA PHE A 186 -8.39 -33.40 5.33
C PHE A 186 -7.56 -32.17 4.94
N LEU A 187 -7.69 -31.74 3.69
CA LEU A 187 -6.84 -30.66 3.19
C LEU A 187 -7.71 -29.58 2.53
N THR A 188 -7.09 -28.68 1.76
CA THR A 188 -7.79 -27.52 1.16
C THR A 188 -7.64 -27.62 -0.32
N ALA A 189 -8.57 -27.00 -1.06
CA ALA A 189 -8.47 -26.86 -2.50
C ALA A 189 -7.37 -25.84 -2.81
N ALA A 190 -6.54 -26.11 -3.82
CA ALA A 190 -5.46 -25.14 -4.16
C ALA A 190 -5.40 -24.80 -5.64
N SER A 191 -4.73 -23.69 -5.96
CA SER A 191 -4.32 -23.42 -7.33
C SER A 191 -2.97 -22.73 -7.32
N ASN A 192 -2.31 -22.79 -8.46
CA ASN A 192 -1.00 -22.18 -8.66
C ASN A 192 -0.97 -21.51 -10.02
N TRP A 193 -0.51 -20.28 -10.04
CA TRP A 193 -0.49 -19.46 -11.23
C TRP A 193 0.82 -18.70 -11.32
N ARG A 194 1.19 -18.34 -12.55
CA ARG A 194 2.14 -17.24 -12.73
C ARG A 194 1.37 -16.09 -13.31
N ILE A 195 1.65 -14.89 -12.83
CA ILE A 195 0.95 -13.71 -13.28
C ILE A 195 2.00 -12.76 -13.82
N HIS A 196 1.80 -12.33 -15.07
CA HIS A 196 2.80 -11.54 -15.77
C HIS A 196 2.26 -10.12 -15.98
N ILE A 197 3.00 -9.14 -15.48
CA ILE A 197 2.58 -7.75 -15.50
C ILE A 197 3.48 -7.09 -16.53
N HIS A 198 2.85 -6.49 -17.54
CA HIS A 198 3.60 -5.98 -18.69
C HIS A 198 3.52 -4.46 -18.72
N GLY A 199 4.58 -3.78 -18.31
CA GLY A 199 4.63 -2.32 -18.36
C GLY A 199 5.40 -1.81 -19.58
N GLU A 200 5.99 -0.62 -19.44
CA GLU A 200 6.81 -0.04 -20.48
C GLU A 200 8.06 0.47 -19.76
N GLY A 201 9.21 -0.08 -20.13
CA GLY A 201 10.50 0.26 -19.50
C GLY A 201 11.13 1.58 -19.88
N GLY A 202 12.26 1.88 -19.26
CA GLY A 202 12.95 3.13 -19.56
C GLY A 202 14.07 3.38 -18.56
N HIS A 203 14.49 4.64 -18.51
CA HIS A 203 15.61 5.04 -17.67
C HIS A 203 15.09 5.29 -16.25
N GLY A 204 15.87 4.88 -15.25
CA GLY A 204 15.43 5.07 -13.86
C GLY A 204 15.15 6.51 -13.44
N SER A 205 15.79 7.47 -14.11
CA SER A 205 15.63 8.89 -13.77
C SER A 205 14.46 9.55 -14.56
N ARG A 206 13.81 8.79 -15.46
CA ARG A 206 12.72 9.32 -16.28
C ARG A 206 11.45 8.45 -16.17
N PRO A 207 10.94 8.31 -14.93
CA PRO A 207 9.81 7.39 -14.73
C PRO A 207 8.53 7.84 -15.47
N HIS A 208 8.41 9.13 -15.76
CA HIS A 208 7.22 9.70 -16.39
C HIS A 208 7.07 9.23 -17.86
N LEU A 209 8.15 8.68 -18.44
CA LEU A 209 8.13 8.15 -19.81
C LEU A 209 8.00 6.62 -19.79
N THR A 210 7.65 6.09 -18.62
CA THR A 210 7.53 4.65 -18.40
C THR A 210 6.15 4.32 -17.82
N LYS A 211 5.83 3.04 -17.83
CA LYS A 211 4.78 2.48 -16.98
C LYS A 211 5.48 1.40 -16.14
N ASP A 212 5.70 1.75 -14.87
CA ASP A 212 6.64 1.02 -14.00
C ASP A 212 5.96 -0.24 -13.43
N PRO A 213 6.35 -1.43 -13.94
CA PRO A 213 5.65 -2.63 -13.50
C PRO A 213 6.01 -3.10 -12.07
N ILE A 214 7.12 -2.62 -11.54
CA ILE A 214 7.57 -3.01 -10.17
C ILE A 214 6.66 -2.32 -9.15
N VAL A 215 6.40 -1.05 -9.36
CA VAL A 215 5.44 -0.33 -8.53
C VAL A 215 4.05 -0.98 -8.63
N VAL A 216 3.64 -1.34 -9.84
CA VAL A 216 2.34 -1.99 -10.00
C VAL A 216 2.31 -3.34 -9.28
N ALA A 217 3.34 -4.16 -9.45
CA ALA A 217 3.41 -5.48 -8.83
C ALA A 217 3.33 -5.34 -7.30
N ALA A 218 3.99 -4.33 -6.76
CA ALA A 218 3.96 -4.11 -5.31
C ALA A 218 2.54 -3.78 -4.85
N SER A 219 1.87 -2.91 -5.58
CA SER A 219 0.51 -2.53 -5.28
C SER A 219 -0.44 -3.76 -5.38
N ILE A 220 -0.23 -4.63 -6.37
CA ILE A 220 -0.98 -5.89 -6.50
C ILE A 220 -0.79 -6.76 -5.26
N ILE A 221 0.46 -7.07 -4.93
CA ILE A 221 0.74 -7.94 -3.77
C ILE A 221 0.01 -7.41 -2.55
N THR A 222 0.10 -6.12 -2.29
CA THR A 222 -0.56 -5.50 -1.13
C THR A 222 -2.10 -5.64 -1.21
N LYS A 223 -2.65 -5.26 -2.35
CA LYS A 223 -4.10 -5.33 -2.51
C LYS A 223 -4.65 -6.73 -2.40
N LEU A 224 -3.88 -7.74 -2.81
CA LEU A 224 -4.32 -9.14 -2.78
C LEU A 224 -4.62 -9.60 -1.33
N GLN A 225 -3.98 -8.93 -0.36
CA GLN A 225 -4.22 -9.29 1.06
C GLN A 225 -5.69 -9.11 1.49
N THR A 226 -6.39 -8.19 0.83
CA THR A 226 -7.78 -7.94 1.15
C THR A 226 -8.73 -9.07 0.76
N ILE A 227 -8.29 -9.99 -0.11
CA ILE A 227 -9.15 -11.15 -0.41
C ILE A 227 -9.43 -11.93 0.88
N VAL A 228 -8.36 -12.34 1.56
CA VAL A 228 -8.48 -13.05 2.83
C VAL A 228 -8.95 -12.13 3.97
N SER A 229 -8.45 -10.88 4.00
CA SER A 229 -8.71 -10.00 5.13
C SER A 229 -10.10 -9.36 5.12
N ARG A 230 -10.74 -9.27 3.95
CA ARG A 230 -12.03 -8.54 3.83
C ARG A 230 -13.11 -9.29 3.04
N GLU A 231 -12.73 -10.17 2.11
CA GLU A 231 -13.73 -10.67 1.13
C GLU A 231 -14.24 -12.07 1.51
N VAL A 232 -13.51 -12.74 2.39
CA VAL A 232 -13.81 -14.12 2.74
C VAL A 232 -14.41 -14.16 4.14
N ASP A 233 -15.45 -14.96 4.31
CA ASP A 233 -16.08 -15.17 5.60
C ASP A 233 -15.01 -15.57 6.64
N PRO A 234 -14.91 -14.81 7.74
CA PRO A 234 -13.90 -15.11 8.76
C PRO A 234 -13.93 -16.56 9.25
N ASN A 235 -15.10 -17.19 9.20
CA ASN A 235 -15.25 -18.59 9.61
C ASN A 235 -14.74 -19.60 8.57
N GLU A 236 -14.45 -19.14 7.36
CA GLU A 236 -13.97 -20.02 6.32
C GLU A 236 -12.45 -20.18 6.38
N VAL A 237 -11.87 -20.91 5.43
CA VAL A 237 -10.42 -21.05 5.31
C VAL A 237 -10.01 -20.62 3.91
N ALA A 238 -9.12 -19.62 3.84
CA ALA A 238 -8.63 -19.08 2.57
C ALA A 238 -7.20 -18.60 2.76
N VAL A 239 -6.38 -18.76 1.72
CA VAL A 239 -4.99 -18.23 1.75
C VAL A 239 -4.69 -17.73 0.37
N VAL A 240 -3.99 -16.60 0.29
CA VAL A 240 -3.39 -16.19 -0.98
C VAL A 240 -1.93 -15.88 -0.70
N THR A 241 -1.06 -16.69 -1.26
CA THR A 241 0.40 -16.52 -1.09
C THR A 241 1.02 -16.10 -2.41
N VAL A 242 1.85 -15.06 -2.36
CA VAL A 242 2.68 -14.71 -3.52
C VAL A 242 4.07 -15.27 -3.19
N GLY A 243 4.38 -16.41 -3.80
CA GLY A 243 5.60 -17.19 -3.40
C GLY A 243 6.85 -16.74 -4.12
N SER A 244 6.68 -16.04 -5.25
CA SER A 244 7.84 -15.52 -5.99
C SER A 244 7.53 -14.21 -6.69
N ILE A 245 8.59 -13.43 -6.91
CA ILE A 245 8.49 -12.18 -7.66
C ILE A 245 9.85 -11.97 -8.36
N GLU A 246 9.81 -11.59 -9.65
CA GLU A 246 11.04 -11.32 -10.37
C GLU A 246 10.76 -10.30 -11.46
N GLY A 247 11.64 -9.31 -11.57
CA GLY A 247 11.50 -8.28 -12.61
C GLY A 247 12.74 -7.42 -12.56
N GLY A 248 13.26 -7.09 -13.74
CA GLY A 248 14.36 -6.12 -13.87
C GLY A 248 15.71 -6.73 -13.55
N LYS A 249 16.75 -5.99 -13.90
CA LYS A 249 18.12 -6.43 -13.62
C LYS A 249 18.94 -5.24 -13.11
N SER A 250 19.13 -4.22 -13.92
CA SER A 250 19.93 -3.07 -13.47
C SER A 250 19.13 -2.19 -12.47
N THR A 251 19.80 -1.69 -11.42
CA THR A 251 19.11 -0.83 -10.44
C THR A 251 18.56 0.47 -11.04
N ASN A 252 19.22 0.94 -12.10
CA ASN A 252 18.95 2.25 -12.66
C ASN A 252 18.10 2.21 -13.94
N SER A 253 17.39 1.11 -14.17
CA SER A 253 16.46 1.06 -15.30
C SER A 253 15.13 0.62 -14.76
N ILE A 254 14.06 0.95 -15.48
CA ILE A 254 12.74 0.51 -15.16
C ILE A 254 12.42 -0.59 -16.15
N PRO A 255 12.08 -1.80 -15.66
CA PRO A 255 11.90 -2.93 -16.56
C PRO A 255 10.54 -2.95 -17.27
N TYR A 256 10.39 -3.94 -18.15
CA TYR A 256 9.18 -4.11 -18.94
C TYR A 256 8.20 -5.09 -18.32
N THR A 257 8.70 -6.13 -17.64
CA THR A 257 7.85 -7.20 -17.13
C THR A 257 8.19 -7.59 -15.68
N VAL A 258 7.15 -7.87 -14.89
CA VAL A 258 7.37 -8.47 -13.57
C VAL A 258 6.51 -9.72 -13.55
N THR A 259 7.07 -10.82 -13.05
CA THR A 259 6.30 -12.06 -12.91
C THR A 259 6.09 -12.38 -11.45
N LEU A 260 4.84 -12.69 -11.11
CA LEU A 260 4.44 -13.11 -9.77
C LEU A 260 4.08 -14.57 -9.80
N GLY A 261 4.53 -15.28 -8.76
CA GLY A 261 4.16 -16.68 -8.54
C GLY A 261 3.14 -16.74 -7.43
N VAL A 262 1.94 -17.23 -7.74
CA VAL A 262 0.81 -17.08 -6.83
C VAL A 262 0.15 -18.43 -6.50
N ASN A 263 -0.22 -18.60 -5.23
CA ASN A 263 -0.76 -19.86 -4.72
C ASN A 263 -2.01 -19.53 -3.93
N THR A 264 -3.07 -20.31 -4.11
CA THR A 264 -4.32 -20.05 -3.40
C THR A 264 -4.70 -21.31 -2.63
N ARG A 265 -5.44 -21.11 -1.53
CA ARG A 265 -6.06 -22.21 -0.75
C ARG A 265 -7.48 -21.80 -0.38
N ALA A 266 -8.39 -22.77 -0.29
CA ALA A 266 -9.75 -22.52 0.13
C ALA A 266 -10.37 -23.83 0.60
N SER A 267 -11.26 -23.77 1.59
CA SER A 267 -11.85 -25.01 2.12
C SER A 267 -12.69 -25.83 1.09
N ASN A 268 -13.15 -25.18 0.01
CA ASN A 268 -13.99 -25.88 -0.98
C ASN A 268 -13.84 -25.34 -2.39
N ASP A 269 -14.41 -26.03 -3.38
CA ASP A 269 -14.23 -25.64 -4.78
C ASP A 269 -14.81 -24.25 -5.11
N GLU A 270 -16.00 -23.96 -4.59
CA GLU A 270 -16.67 -22.67 -4.90
C GLU A 270 -15.80 -21.50 -4.39
N LEU A 271 -15.37 -21.61 -3.14
CA LEU A 271 -14.52 -20.57 -2.56
C LEU A 271 -13.17 -20.45 -3.29
N SER A 272 -12.59 -21.58 -3.68
CA SER A 272 -11.36 -21.60 -4.49
C SER A 272 -11.52 -20.80 -5.79
N GLU A 273 -12.61 -21.01 -6.50
CA GLU A 273 -12.89 -20.23 -7.70
C GLU A 273 -13.11 -18.75 -7.38
N TYR A 274 -13.80 -18.48 -6.28
CA TYR A 274 -14.06 -17.11 -5.83
C TYR A 274 -12.71 -16.35 -5.65
N VAL A 275 -11.79 -16.99 -4.91
CA VAL A 275 -10.48 -16.40 -4.62
C VAL A 275 -9.69 -16.14 -5.91
N GLN A 276 -9.65 -17.13 -6.81
CA GLN A 276 -8.95 -16.97 -8.09
C GLN A 276 -9.53 -15.83 -8.94
N ASN A 277 -10.86 -15.76 -9.00
CA ASN A 277 -11.48 -14.69 -9.76
C ASN A 277 -11.24 -13.31 -9.14
N ALA A 278 -11.13 -13.27 -7.81
CA ALA A 278 -10.83 -12.02 -7.08
C ALA A 278 -9.40 -11.57 -7.39
N ILE A 279 -8.46 -12.52 -7.47
CA ILE A 279 -7.09 -12.21 -7.88
C ILE A 279 -7.05 -11.54 -9.26
N LYS A 280 -7.76 -12.13 -10.20
CA LYS A 280 -7.84 -11.59 -11.57
C LYS A 280 -8.44 -10.16 -11.57
N ARG A 281 -9.50 -9.93 -10.83
CA ARG A 281 -10.17 -8.60 -10.71
C ARG A 281 -9.16 -7.57 -10.19
N ILE A 282 -8.44 -7.95 -9.14
CA ILE A 282 -7.45 -7.06 -8.54
C ILE A 282 -6.30 -6.73 -9.46
N VAL A 283 -5.73 -7.76 -10.11
CA VAL A 283 -4.62 -7.56 -11.04
C VAL A 283 -5.03 -6.66 -12.20
N ILE A 284 -6.17 -6.96 -12.79
CA ILE A 284 -6.64 -6.15 -13.91
C ILE A 284 -6.85 -4.69 -13.49
N ALA A 285 -7.47 -4.47 -12.35
CA ALA A 285 -7.75 -3.11 -11.86
C ALA A 285 -6.47 -2.35 -11.49
N GLU A 286 -5.48 -3.04 -10.89
CA GLU A 286 -4.21 -2.39 -10.52
C GLU A 286 -3.44 -1.93 -11.76
N CYS A 287 -3.44 -2.76 -12.81
CA CYS A 287 -2.85 -2.36 -14.07
C CYS A 287 -3.58 -1.15 -14.69
N GLN A 288 -4.90 -1.13 -14.58
CA GLN A 288 -5.68 -0.02 -15.11
C GLN A 288 -5.42 1.26 -14.30
N ALA A 289 -5.23 1.10 -12.98
CA ALA A 289 -4.93 2.24 -12.09
C ALA A 289 -3.66 2.96 -12.56
N ALA A 290 -2.70 2.20 -13.08
CA ALA A 290 -1.40 2.73 -13.50
C ALA A 290 -1.45 3.20 -14.95
N GLY A 291 -2.59 3.01 -15.57
CA GLY A 291 -2.76 3.35 -16.98
C GLY A 291 -2.00 2.45 -17.94
N ILE A 292 -1.75 1.21 -17.54
CA ILE A 292 -1.07 0.23 -18.39
C ILE A 292 -2.03 -0.25 -19.48
N GLU A 293 -1.56 -0.21 -20.72
CA GLU A 293 -2.36 -0.55 -21.89
C GLU A 293 -2.47 -2.07 -22.08
N GLN A 294 -1.33 -2.76 -21.99
CA GLN A 294 -1.25 -4.22 -22.20
C GLN A 294 -1.96 -4.97 -21.09
N GLU A 295 -2.74 -5.98 -21.49
CA GLU A 295 -3.44 -6.82 -20.53
C GLU A 295 -2.42 -7.66 -19.74
N PRO A 296 -2.64 -7.79 -18.41
CA PRO A 296 -1.76 -8.72 -17.71
C PRO A 296 -2.09 -10.16 -18.14
N GLU A 297 -1.12 -11.05 -17.99
CA GLU A 297 -1.30 -12.46 -18.39
C GLU A 297 -1.42 -13.37 -17.19
N PHE A 298 -2.38 -14.29 -17.25
CA PHE A 298 -2.56 -15.26 -16.17
C PHE A 298 -2.21 -16.62 -16.69
N GLU A 299 -1.12 -17.18 -16.16
CA GLU A 299 -0.59 -18.43 -16.63
C GLU A 299 -0.91 -19.55 -15.67
N TYR A 300 -1.87 -20.40 -16.04
CA TYR A 300 -2.31 -21.47 -15.14
C TYR A 300 -1.22 -22.54 -15.01
N LEU A 301 -0.89 -22.93 -13.77
CA LEU A 301 0.07 -24.02 -13.55
C LEU A 301 -0.58 -25.31 -13.10
N ASP A 302 -1.44 -25.23 -12.09
CA ASP A 302 -2.01 -26.43 -11.48
C ASP A 302 -3.18 -26.07 -10.56
N SER A 303 -4.03 -27.04 -10.29
CA SER A 303 -5.05 -26.89 -9.25
C SER A 303 -5.49 -28.27 -8.79
N VAL A 304 -5.95 -28.32 -7.54
CA VAL A 304 -6.46 -29.55 -6.92
C VAL A 304 -7.68 -29.25 -6.06
N PRO A 305 -8.63 -30.22 -5.98
CA PRO A 305 -9.69 -30.08 -5.00
C PRO A 305 -9.18 -30.47 -3.60
N ALA A 306 -9.93 -30.10 -2.57
CA ALA A 306 -9.68 -30.51 -1.17
C ALA A 306 -9.68 -32.04 -1.07
N VAL A 307 -8.60 -32.62 -0.51
CA VAL A 307 -8.56 -34.07 -0.24
C VAL A 307 -9.62 -34.43 0.79
N ILE A 308 -10.46 -35.41 0.45
CA ILE A 308 -11.50 -35.92 1.34
C ILE A 308 -11.23 -37.42 1.56
N ASN A 309 -10.93 -37.79 2.81
CA ASN A 309 -10.67 -39.19 3.16
C ASN A 309 -11.95 -39.95 3.41
N ASP A 310 -12.04 -41.17 2.84
CA ASP A 310 -13.20 -42.04 3.06
C ASP A 310 -13.44 -42.23 4.58
N GLU A 311 -14.64 -41.89 5.04
CA GLU A 311 -14.87 -41.83 6.49
C GLU A 311 -14.72 -43.21 7.18
N ASP A 312 -15.35 -44.24 6.60
CA ASP A 312 -15.29 -45.59 7.19
C ASP A 312 -13.87 -46.16 7.12
N LEU A 313 -13.21 -45.94 5.98
CA LEU A 313 -11.83 -46.43 5.80
C LEU A 313 -10.88 -45.74 6.78
N THR A 314 -11.09 -44.44 7.01
CA THR A 314 -10.28 -43.72 7.99
C THR A 314 -10.43 -44.30 9.40
N GLU A 315 -11.68 -44.56 9.80
CA GLU A 315 -11.93 -45.15 11.10
C GLU A 315 -11.27 -46.54 11.20
N GLN A 316 -11.37 -47.32 10.13
CA GLN A 316 -10.71 -48.65 10.10
C GLN A 316 -9.22 -48.54 10.32
N LEU A 317 -8.59 -47.60 9.59
CA LEU A 317 -7.15 -47.40 9.73
C LEU A 317 -6.76 -46.88 11.10
N MET A 318 -7.53 -45.92 11.62
CA MET A 318 -7.23 -45.40 12.96
C MET A 318 -7.26 -46.52 14.02
N ALA A 319 -8.26 -47.40 13.95
CA ALA A 319 -8.37 -48.50 14.91
C ALA A 319 -7.18 -49.45 14.76
N GLN A 320 -6.82 -49.75 13.52
CA GLN A 320 -5.67 -50.60 13.22
C GLN A 320 -4.35 -50.01 13.75
N PHE A 321 -4.10 -48.73 13.48
CA PHE A 321 -2.86 -48.12 13.93
C PHE A 321 -2.82 -48.03 15.45
N ARG A 322 -3.95 -47.70 16.06
CA ARG A 322 -4.04 -47.63 17.54
C ARG A 322 -3.76 -48.99 18.18
N GLU A 323 -4.29 -50.05 17.58
CA GLU A 323 -4.00 -51.40 18.09
C GLU A 323 -2.51 -51.72 17.98
N PHE A 324 -1.93 -51.50 16.80
CA PHE A 324 -0.54 -51.82 16.57
C PHE A 324 0.48 -50.94 17.28
N PHE A 325 0.28 -49.63 17.18
CA PHE A 325 1.22 -48.65 17.74
C PHE A 325 0.90 -48.17 19.16
N GLY A 326 -0.36 -48.28 19.54
CA GLY A 326 -0.81 -47.71 20.81
C GLY A 326 -1.71 -46.53 20.54
N GLU A 327 -2.73 -46.37 21.39
CA GLU A 327 -3.75 -45.32 21.21
C GLU A 327 -3.16 -43.89 21.06
N ASP A 328 -2.19 -43.55 21.90
CA ASP A 328 -1.63 -42.19 21.88
C ASP A 328 -0.67 -41.92 20.71
N GLN A 329 -0.37 -42.97 19.95
CA GLN A 329 0.55 -42.89 18.80
C GLN A 329 -0.15 -42.61 17.47
N ALA A 330 -1.46 -42.70 17.45
CA ALA A 330 -2.28 -42.48 16.25
C ALA A 330 -3.49 -41.67 16.65
N VAL A 331 -3.46 -40.39 16.29
CA VAL A 331 -4.42 -39.45 16.81
C VAL A 331 -5.24 -38.82 15.68
N GLU A 332 -6.48 -38.44 16.00
CA GLU A 332 -7.27 -37.70 15.02
C GLU A 332 -6.97 -36.21 15.16
N ILE A 333 -6.83 -35.52 14.04
CA ILE A 333 -6.56 -34.06 14.02
C ILE A 333 -7.59 -33.35 13.15
N PRO A 334 -7.80 -32.04 13.42
CA PRO A 334 -8.61 -31.19 12.51
C PRO A 334 -7.90 -31.08 11.11
N PRO A 335 -8.64 -30.73 10.04
CA PRO A 335 -8.04 -30.57 8.69
C PRO A 335 -6.83 -29.65 8.67
N LEU A 336 -5.88 -29.93 7.78
CA LEU A 336 -4.70 -29.09 7.67
C LEU A 336 -4.96 -28.05 6.60
N SER A 337 -4.14 -27.01 6.53
CA SER A 337 -4.37 -26.03 5.48
C SER A 337 -3.63 -26.31 4.15
N GLY A 338 -2.83 -27.39 4.10
CA GLY A 338 -2.07 -27.79 2.88
C GLY A 338 -3.02 -28.43 1.86
N SER A 339 -2.46 -28.94 0.78
CA SER A 339 -3.24 -29.55 -0.30
C SER A 339 -2.47 -30.74 -0.89
N GLU A 340 -3.09 -31.48 -1.81
CA GLU A 340 -2.42 -32.63 -2.43
C GLU A 340 -3.20 -33.01 -3.68
N ASP A 341 -2.47 -33.48 -4.69
CA ASP A 341 -3.09 -33.96 -5.94
C ASP A 341 -3.34 -35.46 -5.86
N TYR A 342 -2.91 -36.09 -4.76
CA TYR A 342 -3.00 -37.56 -4.67
C TYR A 342 -4.37 -38.18 -5.13
N PRO A 343 -5.53 -37.65 -4.68
CA PRO A 343 -6.78 -38.33 -4.97
C PRO A 343 -7.12 -38.57 -6.43
N PHE A 344 -6.49 -37.88 -7.38
CA PHE A 344 -6.74 -38.21 -8.80
C PHE A 344 -6.47 -39.69 -9.09
N ILE A 345 -5.49 -40.27 -8.38
CA ILE A 345 -5.14 -41.70 -8.51
C ILE A 345 -6.30 -42.64 -8.07
N PRO A 346 -6.69 -42.67 -6.77
CA PRO A 346 -7.80 -43.57 -6.39
C PRO A 346 -9.12 -43.25 -7.10
N ASN A 347 -9.36 -41.98 -7.37
CA ASN A 347 -10.57 -41.59 -8.11
C ASN A 347 -10.61 -42.17 -9.54
N ALA A 348 -9.46 -42.24 -10.20
CA ALA A 348 -9.34 -42.88 -11.53
C ALA A 348 -9.67 -44.36 -11.48
N TRP A 349 -9.27 -45.04 -10.41
CA TRP A 349 -9.59 -46.44 -10.21
C TRP A 349 -11.00 -46.67 -9.66
N GLY A 350 -11.58 -45.59 -9.12
CA GLY A 350 -12.87 -45.64 -8.45
C GLY A 350 -12.87 -46.41 -7.14
N VAL A 351 -11.83 -46.25 -6.31
CA VAL A 351 -11.70 -47.00 -5.05
C VAL A 351 -11.59 -46.05 -3.84
N PRO A 352 -11.98 -46.51 -2.63
CA PRO A 352 -11.89 -45.70 -1.43
C PRO A 352 -10.43 -45.48 -1.02
N SER A 353 -10.20 -44.33 -0.42
CA SER A 353 -8.84 -43.87 -0.15
C SER A 353 -8.72 -43.12 1.18
N VAL A 354 -7.54 -43.25 1.78
CA VAL A 354 -7.16 -42.43 2.92
C VAL A 354 -5.72 -41.99 2.72
N MET A 355 -5.46 -40.73 3.06
CA MET A 355 -4.10 -40.25 3.24
C MET A 355 -3.97 -39.80 4.67
N TRP A 356 -2.90 -40.22 5.31
CA TRP A 356 -2.63 -39.79 6.70
C TRP A 356 -1.30 -39.06 6.78
N GLY A 357 -0.98 -38.53 7.96
CA GLY A 357 0.27 -37.85 8.14
C GLY A 357 1.10 -38.60 9.19
N TRP A 358 2.42 -38.43 9.12
CA TRP A 358 3.28 -38.93 10.23
C TRP A 358 4.36 -37.92 10.55
N SER A 359 4.80 -37.97 11.80
CA SER A 359 5.74 -37.02 12.33
C SER A 359 7.19 -37.46 12.12
N GLY A 360 8.05 -36.57 11.63
CA GLY A 360 9.41 -36.98 11.33
C GLY A 360 10.42 -36.48 12.35
N PHE A 361 9.92 -35.97 13.48
CA PHE A 361 10.78 -35.20 14.40
C PHE A 361 10.52 -35.42 15.88
N ALA A 362 11.61 -35.55 16.65
CA ALA A 362 11.52 -35.65 18.10
C ALA A 362 10.80 -34.45 18.72
N ALA A 363 11.02 -33.27 18.14
CA ALA A 363 10.43 -32.02 18.63
C ALA A 363 9.01 -31.80 18.10
N GLY A 364 8.52 -32.72 17.27
CA GLY A 364 7.13 -32.62 16.78
C GLY A 364 6.90 -31.28 16.11
N SER A 365 5.83 -30.57 16.48
CA SER A 365 5.48 -29.28 15.85
C SER A 365 6.50 -28.15 16.09
N ASP A 366 7.41 -28.31 17.05
CA ASP A 366 8.52 -27.37 17.22
C ASP A 366 9.72 -27.52 16.27
N ALA A 367 9.71 -28.56 15.45
CA ALA A 367 10.78 -28.79 14.48
C ALA A 367 10.51 -27.89 13.24
N PRO A 368 11.53 -27.68 12.37
CA PRO A 368 11.32 -26.91 11.11
C PRO A 368 10.16 -27.49 10.30
N GLY A 369 9.45 -26.62 9.62
CA GLY A 369 8.26 -27.03 8.83
C GLY A 369 8.63 -27.39 7.40
N ASN A 370 7.74 -28.16 6.77
CA ASN A 370 7.89 -28.40 5.33
C ASN A 370 8.07 -27.08 4.54
N HIS A 371 8.99 -27.13 3.58
CA HIS A 371 9.35 -26.05 2.67
C HIS A 371 10.24 -24.99 3.36
N THR A 372 10.72 -25.29 4.58
CA THR A 372 11.83 -24.51 5.09
C THR A 372 13.13 -25.10 4.54
N ASP A 373 14.20 -24.32 4.57
CA ASP A 373 15.51 -24.80 4.13
C ASP A 373 16.23 -25.70 5.19
N LYS A 374 15.55 -25.94 6.30
CA LYS A 374 16.09 -26.71 7.42
C LYS A 374 15.33 -28.03 7.63
N PHE A 375 14.30 -28.30 6.81
CA PHE A 375 13.47 -29.49 6.97
C PHE A 375 14.30 -30.75 6.81
N ALA A 376 14.46 -31.49 7.90
CA ALA A 376 15.38 -32.66 7.91
C ALA A 376 14.86 -33.78 8.80
N PRO A 377 13.95 -34.62 8.27
CA PRO A 377 13.41 -35.75 9.05
C PRO A 377 14.53 -36.58 9.70
N GLU A 378 14.35 -36.91 10.97
CA GLU A 378 15.43 -37.50 11.76
C GLU A 378 15.49 -39.02 11.64
N LEU A 379 16.63 -39.52 11.15
CA LEU A 379 16.91 -40.94 11.13
C LEU A 379 17.34 -41.41 12.53
N PRO A 380 17.07 -42.68 12.90
CA PRO A 380 16.35 -43.69 12.11
C PRO A 380 14.84 -43.59 12.14
N ASP A 381 14.28 -42.93 13.17
CA ASP A 381 12.85 -43.06 13.52
C ASP A 381 11.92 -42.59 12.40
N ALA A 382 12.24 -41.46 11.78
CA ALA A 382 11.35 -40.92 10.71
C ALA A 382 11.15 -41.94 9.58
N LEU A 383 12.25 -42.54 9.13
CA LEU A 383 12.18 -43.57 8.10
C LEU A 383 11.52 -44.86 8.58
N GLU A 384 11.86 -45.31 9.79
CA GLU A 384 11.27 -46.53 10.38
C GLU A 384 9.75 -46.42 10.47
N ARG A 385 9.28 -45.33 11.05
CA ARG A 385 7.85 -45.14 11.30
C ARG A 385 7.04 -45.02 9.95
N GLY A 386 7.62 -44.38 8.94
CA GLY A 386 6.99 -44.31 7.60
C GLY A 386 6.89 -45.67 6.90
N THR A 387 7.94 -46.47 7.04
CA THR A 387 7.97 -47.79 6.43
C THR A 387 7.00 -48.73 7.16
N GLN A 388 7.00 -48.70 8.48
CA GLN A 388 6.08 -49.52 9.25
C GLN A 388 4.61 -49.21 8.92
N ALA A 389 4.29 -47.93 8.71
CA ALA A 389 2.92 -47.50 8.50
C ALA A 389 2.32 -48.20 7.29
N ILE A 390 3.13 -48.34 6.25
CA ILE A 390 2.66 -48.91 5.00
C ILE A 390 2.24 -50.37 5.26
N LEU A 391 3.09 -51.08 5.99
CA LEU A 391 2.83 -52.49 6.27
C LEU A 391 1.66 -52.66 7.24
N VAL A 392 1.58 -51.80 8.26
CA VAL A 392 0.46 -51.79 9.21
C VAL A 392 -0.89 -51.51 8.51
N ALA A 393 -0.90 -50.52 7.62
CA ALA A 393 -2.10 -50.15 6.86
C ALA A 393 -2.58 -51.29 5.94
N ALA A 394 -1.64 -51.99 5.33
CA ALA A 394 -1.95 -53.05 4.36
C ALA A 394 -2.46 -54.32 5.02
N ALA A 395 -2.05 -54.50 6.29
CA ALA A 395 -2.25 -55.77 7.03
C ALA A 395 -3.70 -56.31 7.14
N PRO A 396 -4.71 -55.43 7.35
CA PRO A 396 -6.11 -55.89 7.35
C PRO A 396 -6.56 -56.56 6.07
N TRP A 397 -5.93 -56.22 4.95
CA TRP A 397 -6.26 -56.81 3.66
C TRP A 397 -5.30 -57.97 3.35
N LEU A 398 -4.01 -57.72 3.54
CA LEU A 398 -2.96 -58.64 3.07
C LEU A 398 -2.51 -59.69 4.08
N MET A 399 -2.88 -59.53 5.35
CA MET A 399 -2.40 -60.43 6.44
C MET A 399 -3.48 -61.02 7.34
N GLU B 4 39.27 27.13 -41.15
CA GLU B 4 39.69 26.47 -42.44
C GLU B 4 40.06 25.01 -42.22
N ASN B 5 40.95 24.80 -41.25
CA ASN B 5 41.48 23.47 -40.97
C ASN B 5 40.46 22.59 -40.30
N LEU B 6 39.55 23.21 -39.54
CA LEU B 6 38.45 22.47 -38.92
C LEU B 6 37.56 21.79 -39.96
N GLN B 7 37.13 22.56 -40.96
CA GLN B 7 36.30 22.00 -42.01
C GLN B 7 36.97 20.87 -42.79
N LYS B 8 38.27 21.01 -43.06
CA LYS B 8 39.01 20.00 -43.82
C LYS B 8 39.13 18.68 -43.03
N ILE B 9 39.45 18.78 -41.74
CA ILE B 9 39.51 17.59 -40.86
C ILE B 9 38.13 16.88 -40.73
N VAL B 10 37.05 17.66 -40.63
CA VAL B 10 35.70 17.09 -40.59
C VAL B 10 35.39 16.40 -41.92
N ASP B 11 35.70 17.09 -43.02
CA ASP B 11 35.51 16.52 -44.36
C ASP B 11 36.30 15.22 -44.62
N SER B 12 37.47 15.10 -44.00
CA SER B 12 38.29 13.86 -44.05
C SER B 12 37.54 12.61 -43.55
N LEU B 13 36.59 12.79 -42.64
CA LEU B 13 35.76 11.66 -42.16
C LEU B 13 34.97 10.90 -43.23
N GLU B 14 34.58 11.58 -44.30
CA GLU B 14 33.79 10.93 -45.35
C GLU B 14 34.33 9.60 -45.86
N SER B 15 35.63 9.53 -46.12
CA SER B 15 36.19 8.33 -46.73
C SER B 15 36.20 7.10 -45.82
N SER B 16 36.23 7.34 -44.50
CA SER B 16 36.27 6.26 -43.50
C SER B 16 34.90 5.89 -42.90
N ARG B 17 33.85 6.52 -43.43
CA ARG B 17 32.49 6.33 -42.91
C ARG B 17 32.03 4.87 -42.93
N ALA B 18 32.27 4.16 -44.03
CA ALA B 18 31.92 2.74 -44.13
C ALA B 18 32.61 1.85 -43.07
N GLU B 19 33.91 2.09 -42.86
CA GLU B 19 34.69 1.33 -41.86
C GLU B 19 34.24 1.66 -40.44
N ARG B 20 33.94 2.93 -40.21
CA ARG B 20 33.55 3.39 -38.87
C ARG B 20 32.15 2.85 -38.51
N GLU B 21 31.26 2.81 -39.48
CA GLU B 21 29.94 2.20 -39.26
C GLU B 21 30.03 0.72 -38.94
N GLU B 22 30.94 0.00 -39.60
CA GLU B 22 31.09 -1.42 -39.29
C GLU B 22 31.68 -1.62 -37.90
N LEU B 23 32.61 -0.74 -37.51
CA LEU B 23 33.19 -0.76 -36.18
C LEU B 23 32.10 -0.52 -35.13
N TYR B 24 31.27 0.49 -35.34
CA TYR B 24 30.14 0.72 -34.43
C TYR B 24 29.24 -0.52 -34.30
N LYS B 25 28.91 -1.18 -35.43
CA LYS B 25 28.08 -2.37 -35.40
C LYS B 25 28.73 -3.49 -34.60
N TRP B 26 30.03 -3.60 -34.70
CA TRP B 26 30.80 -4.59 -33.96
C TRP B 26 30.64 -4.33 -32.45
N PHE B 27 30.85 -3.09 -32.03
CA PHE B 27 30.66 -2.76 -30.59
C PHE B 27 29.20 -3.06 -30.19
N HIS B 28 28.26 -2.66 -31.04
CA HIS B 28 26.84 -2.88 -30.77
C HIS B 28 26.55 -4.34 -30.51
N GLN B 29 27.29 -5.24 -31.20
CA GLN B 29 27.04 -6.68 -31.05
C GLN B 29 27.86 -7.36 -29.97
N HIS B 30 28.68 -6.58 -29.26
CA HIS B 30 29.50 -7.08 -28.13
C HIS B 30 29.24 -6.28 -26.83
N PRO B 31 27.96 -6.12 -26.47
CA PRO B 31 27.63 -5.41 -25.23
C PRO B 31 28.08 -6.26 -24.05
N GLU B 32 28.75 -5.60 -23.10
CA GLU B 32 29.24 -6.27 -21.92
C GLU B 32 28.93 -5.51 -20.64
N MET B 33 28.88 -6.27 -19.55
CA MET B 33 28.53 -5.70 -18.26
C MET B 33 29.62 -4.76 -17.73
N SER B 34 29.18 -3.80 -16.93
CA SER B 34 30.09 -2.82 -16.29
C SER B 34 31.27 -3.51 -15.61
N MET B 35 32.47 -3.01 -15.91
CA MET B 35 33.76 -3.49 -15.37
C MET B 35 34.19 -4.90 -15.79
N GLN B 36 33.42 -5.50 -16.70
CA GLN B 36 33.69 -6.82 -17.28
C GLN B 36 33.64 -6.74 -18.81
N GLU B 37 34.00 -5.59 -19.36
CA GLU B 37 33.98 -5.33 -20.82
C GLU B 37 35.26 -5.83 -21.50
N HIS B 38 35.51 -7.12 -21.35
CA HIS B 38 36.73 -7.76 -21.88
C HIS B 38 36.96 -7.58 -23.37
N GLU B 39 35.98 -7.97 -24.18
CA GLU B 39 36.10 -7.92 -25.64
C GLU B 39 36.07 -6.49 -26.14
N THR B 40 35.19 -5.68 -25.56
CA THR B 40 35.09 -4.26 -25.90
C THR B 40 36.43 -3.53 -25.65
N SER B 41 37.00 -3.69 -24.45
CA SER B 41 38.29 -3.11 -24.05
C SER B 41 39.46 -3.54 -24.97
N LYS B 42 39.50 -4.84 -25.28
CA LYS B 42 40.51 -5.41 -26.18
C LYS B 42 40.37 -4.76 -27.56
N ARG B 43 39.14 -4.66 -28.07
CA ARG B 43 38.92 -4.04 -29.37
C ARG B 43 39.31 -2.55 -29.39
N ILE B 44 38.97 -1.82 -28.32
CA ILE B 44 39.37 -0.40 -28.23
C ILE B 44 40.92 -0.27 -28.30
N ALA B 45 41.62 -1.06 -27.50
CA ALA B 45 43.09 -1.08 -27.53
C ALA B 45 43.60 -1.40 -28.95
N GLU B 46 43.01 -2.42 -29.59
CA GLU B 46 43.39 -2.81 -30.97
C GLU B 46 43.13 -1.66 -31.97
N GLU B 47 42.03 -0.94 -31.78
CA GLU B 47 41.72 0.18 -32.68
C GLU B 47 42.69 1.35 -32.49
N LEU B 48 43.18 1.54 -31.28
CA LEU B 48 44.14 2.59 -31.00
C LEU B 48 45.53 2.20 -31.53
N GLU B 49 45.86 0.91 -31.37
CA GLU B 49 47.13 0.38 -31.88
C GLU B 49 47.19 0.48 -33.40
N LYS B 50 46.10 0.17 -34.10
CA LYS B 50 46.11 0.29 -35.57
C LYS B 50 46.28 1.73 -36.09
N LEU B 51 46.15 2.71 -35.19
CA LEU B 51 46.41 4.11 -35.52
C LEU B 51 47.81 4.55 -35.11
N GLY B 52 48.66 3.56 -34.78
CA GLY B 52 50.04 3.78 -34.36
C GLY B 52 50.18 4.35 -32.96
N LEU B 53 49.16 4.14 -32.11
CA LEU B 53 49.20 4.67 -30.74
C LEU B 53 49.52 3.61 -29.67
N GLU B 54 49.75 4.07 -28.45
CA GLU B 54 50.13 3.18 -27.36
C GLU B 54 49.07 3.23 -26.24
N PRO B 55 48.00 2.44 -26.37
CA PRO B 55 46.94 2.57 -25.35
C PRO B 55 47.44 2.08 -24.00
N GLN B 56 47.18 2.87 -22.98
CA GLN B 56 47.53 2.53 -21.62
C GLN B 56 46.30 2.03 -20.86
N ASN B 57 46.38 0.81 -20.39
CA ASN B 57 45.30 0.14 -19.65
C ASN B 57 45.23 0.66 -18.20
N ILE B 58 44.20 1.48 -17.92
CA ILE B 58 44.04 2.13 -16.63
C ILE B 58 42.60 1.89 -16.15
N GLY B 59 42.44 1.40 -14.93
CA GLY B 59 41.09 1.17 -14.38
C GLY B 59 40.49 -0.13 -14.88
N VAL B 60 41.26 -1.23 -14.74
CA VAL B 60 40.82 -2.58 -15.03
C VAL B 60 40.68 -2.78 -16.54
N THR B 61 39.58 -2.27 -17.10
CA THR B 61 39.34 -2.36 -18.54
C THR B 61 39.52 -1.01 -19.28
N GLY B 62 39.73 0.08 -18.56
CA GLY B 62 39.92 1.40 -19.21
C GLY B 62 41.15 1.47 -20.11
N GLN B 63 41.08 2.34 -21.13
CA GLN B 63 42.18 2.55 -22.12
C GLN B 63 42.35 4.05 -22.33
N VAL B 64 43.59 4.53 -22.20
CA VAL B 64 43.87 5.94 -22.50
C VAL B 64 44.99 6.02 -23.53
N ALA B 65 44.80 6.84 -24.55
CA ALA B 65 45.89 7.10 -25.54
C ALA B 65 46.15 8.58 -25.63
N VAL B 66 47.43 8.93 -25.60
CA VAL B 66 47.90 10.29 -25.73
C VAL B 66 48.42 10.42 -27.15
N ILE B 67 47.88 11.42 -27.86
CA ILE B 67 48.26 11.69 -29.23
C ILE B 67 49.02 13.00 -29.20
N LYS B 68 50.33 12.91 -29.41
CA LYS B 68 51.18 14.09 -29.46
C LYS B 68 51.42 14.51 -30.90
N ASN B 69 51.23 15.81 -31.15
CA ASN B 69 51.42 16.40 -32.47
C ASN B 69 51.99 17.81 -32.33
N GLY B 70 53.18 17.89 -31.72
CA GLY B 70 53.91 19.15 -31.63
C GLY B 70 53.46 20.03 -30.51
N GLU B 71 53.93 21.27 -30.50
CA GLU B 71 53.71 22.18 -29.37
C GLU B 71 52.29 22.76 -29.42
N GLY B 72 51.77 23.07 -28.23
CA GLY B 72 50.42 23.63 -28.11
C GLY B 72 49.62 23.03 -26.96
N PRO B 73 48.33 23.41 -26.89
CA PRO B 73 47.50 23.03 -25.73
C PRO B 73 47.06 21.58 -25.84
N SER B 74 46.51 21.06 -24.74
CA SER B 74 46.12 19.66 -24.66
C SER B 74 44.62 19.60 -24.38
N VAL B 75 43.92 18.76 -25.14
CA VAL B 75 42.49 18.48 -24.91
C VAL B 75 42.24 16.99 -24.66
N ALA B 76 41.53 16.68 -23.56
CA ALA B 76 41.11 15.30 -23.29
C ALA B 76 39.65 15.12 -23.68
N PHE B 77 39.32 13.93 -24.16
CA PHE B 77 37.93 13.60 -24.46
C PHE B 77 37.63 12.22 -23.93
N ARG B 78 36.51 12.10 -23.20
CA ARG B 78 36.12 10.85 -22.59
C ARG B 78 34.87 10.27 -23.27
N ALA B 79 34.93 8.96 -23.52
CA ALA B 79 33.79 8.14 -23.93
C ALA B 79 33.73 6.85 -23.14
N ASP B 80 32.54 6.49 -22.71
CA ASP B 80 32.35 5.24 -21.94
C ASP B 80 31.91 4.11 -22.83
N PHE B 81 32.05 2.89 -22.34
CA PHE B 81 31.83 1.77 -23.22
C PHE B 81 31.07 0.56 -22.63
N ASP B 82 30.56 0.65 -21.41
CA ASP B 82 29.77 -0.48 -20.85
C ASP B 82 28.30 -0.51 -21.37
N ALA B 83 27.71 -1.70 -21.40
CA ALA B 83 26.34 -1.88 -21.89
C ALA B 83 25.42 -2.21 -20.70
N LEU B 84 24.23 -2.71 -20.98
CA LEU B 84 23.20 -2.96 -19.95
C LEU B 84 22.57 -4.33 -20.08
N PRO B 85 22.17 -4.94 -18.95
CA PRO B 85 21.47 -6.22 -19.03
C PRO B 85 19.98 -6.03 -19.43
N ILE B 86 19.77 -5.73 -20.71
CA ILE B 86 18.48 -5.54 -21.33
C ILE B 86 18.57 -6.39 -22.61
N THR B 87 17.50 -7.13 -22.92
CA THR B 87 17.47 -7.97 -24.13
C THR B 87 17.15 -7.08 -25.29
N GLU B 88 18.03 -7.04 -26.29
CA GLU B 88 17.81 -6.12 -27.41
C GLU B 88 16.56 -6.50 -28.19
N ASN B 89 15.75 -5.49 -28.51
CA ASN B 89 14.47 -5.64 -29.21
C ASN B 89 14.29 -4.57 -30.28
N THR B 90 15.35 -4.29 -31.05
CA THR B 90 15.34 -3.24 -32.06
C THR B 90 14.97 -3.78 -33.44
N GLY B 91 15.24 -5.05 -33.66
CA GLY B 91 15.08 -5.68 -34.97
C GLY B 91 16.13 -5.23 -35.99
N LEU B 92 17.17 -4.52 -35.52
CA LEU B 92 18.26 -4.09 -36.41
C LEU B 92 19.00 -5.32 -36.94
N ASP B 93 19.47 -5.25 -38.19
CA ASP B 93 20.24 -6.38 -38.74
C ASP B 93 21.58 -6.54 -38.02
N TYR B 94 22.00 -5.50 -37.31
CA TYR B 94 23.20 -5.58 -36.48
C TYR B 94 22.88 -5.62 -34.96
N SER B 95 21.66 -5.99 -34.63
CA SER B 95 21.26 -6.20 -33.23
C SER B 95 22.23 -7.16 -32.53
N ALA B 96 22.53 -6.87 -31.26
CA ALA B 96 23.09 -7.88 -30.39
C ALA B 96 22.15 -9.12 -30.38
N ASP B 97 22.73 -10.30 -30.17
CA ASP B 97 21.95 -11.51 -30.03
C ASP B 97 20.98 -11.37 -28.84
N PRO B 98 19.65 -11.48 -29.07
CA PRO B 98 18.71 -11.37 -27.91
C PRO B 98 18.97 -12.39 -26.81
N GLU B 99 19.57 -13.52 -27.17
CA GLU B 99 19.95 -14.56 -26.21
C GLU B 99 20.99 -14.13 -25.19
N LEU B 100 21.79 -13.11 -25.54
CA LEU B 100 22.78 -12.54 -24.61
C LEU B 100 22.11 -11.89 -23.40
N GLY B 101 20.91 -11.35 -23.60
CA GLY B 101 20.25 -10.55 -22.57
C GLY B 101 21.06 -9.30 -22.24
N MET B 102 21.81 -8.82 -23.22
CA MET B 102 22.65 -7.62 -23.10
C MET B 102 22.40 -6.73 -24.30
N MET B 103 22.50 -5.42 -24.08
CA MET B 103 22.24 -4.42 -25.12
C MET B 103 22.91 -3.11 -24.81
N HIS B 104 23.43 -2.45 -25.84
CA HIS B 104 23.92 -1.06 -25.71
C HIS B 104 22.76 -0.06 -25.70
N ALA B 105 21.93 -0.15 -24.67
CA ALA B 105 20.68 0.62 -24.60
C ALA B 105 20.88 2.09 -24.20
N CYS B 106 22.13 2.52 -24.09
CA CYS B 106 22.45 3.87 -23.69
C CYS B 106 23.35 4.55 -24.73
N GLY B 107 23.63 3.84 -25.82
CA GLY B 107 24.50 4.37 -26.88
C GLY B 107 25.99 4.44 -26.59
N HIS B 108 26.47 3.69 -25.59
CA HIS B 108 27.91 3.77 -25.24
C HIS B 108 28.82 3.26 -26.38
N ASP B 109 28.30 2.33 -27.16
CA ASP B 109 28.97 1.91 -28.41
C ASP B 109 29.16 3.10 -29.38
N LEU B 110 28.15 3.96 -29.45
CA LEU B 110 28.20 5.12 -30.30
C LEU B 110 29.21 6.12 -29.76
N HIS B 111 29.23 6.32 -28.45
CA HIS B 111 30.19 7.22 -27.83
C HIS B 111 31.60 6.76 -28.18
N THR B 112 31.82 5.45 -28.08
CA THR B 112 33.16 4.88 -28.26
C THR B 112 33.61 5.01 -29.70
N THR B 113 32.70 4.70 -30.61
CA THR B 113 33.02 4.75 -32.04
C THR B 113 33.28 6.21 -32.46
N ALA B 114 32.46 7.14 -31.96
CA ALA B 114 32.69 8.57 -32.21
C ALA B 114 34.11 9.00 -31.79
N LEU B 115 34.53 8.60 -30.59
CA LEU B 115 35.86 8.95 -30.13
C LEU B 115 36.96 8.33 -31.00
N LEU B 116 36.82 7.05 -31.32
CA LEU B 116 37.83 6.38 -32.17
C LEU B 116 37.92 7.00 -33.57
N GLY B 117 36.77 7.39 -34.12
CA GLY B 117 36.70 8.12 -35.40
C GLY B 117 37.40 9.48 -35.37
N ALA B 118 37.19 10.24 -34.29
CA ALA B 118 37.82 11.53 -34.14
C ALA B 118 39.35 11.36 -33.97
N VAL B 119 39.75 10.34 -33.21
CA VAL B 119 41.17 10.01 -33.08
C VAL B 119 41.79 9.67 -34.44
N ARG B 120 41.07 8.90 -35.26
CA ARG B 120 41.55 8.49 -36.59
C ARG B 120 41.77 9.75 -37.43
N ALA B 121 40.81 10.68 -37.37
CA ALA B 121 40.90 11.95 -38.09
C ALA B 121 42.14 12.73 -37.69
N LEU B 122 42.39 12.81 -36.39
CA LEU B 122 43.50 13.58 -35.90
C LEU B 122 44.84 12.97 -36.35
N VAL B 123 44.99 11.65 -36.22
CA VAL B 123 46.27 11.01 -36.58
C VAL B 123 46.53 11.06 -38.08
N GLU B 124 45.46 11.02 -38.88
CA GLU B 124 45.61 11.04 -40.35
C GLU B 124 45.80 12.45 -40.94
N ASN B 125 45.69 13.47 -40.08
CA ASN B 125 45.71 14.86 -40.51
C ASN B 125 46.55 15.74 -39.59
N LYS B 126 47.74 15.25 -39.26
CA LYS B 126 48.60 15.95 -38.30
C LYS B 126 49.09 17.32 -38.79
N ASP B 127 49.02 17.55 -40.10
CA ASP B 127 49.39 18.86 -40.64
C ASP B 127 48.35 19.93 -40.31
N LEU B 128 47.14 19.50 -39.93
CA LEU B 128 46.00 20.40 -39.75
C LEU B 128 45.78 20.87 -38.31
N TRP B 129 46.52 20.30 -37.36
CA TRP B 129 46.41 20.71 -35.97
C TRP B 129 47.75 20.69 -35.27
N SER B 130 47.81 21.22 -34.05
CA SER B 130 49.00 21.16 -33.22
C SER B 130 48.69 21.11 -31.73
N GLY B 131 49.42 20.29 -30.99
CA GLY B 131 49.24 20.16 -29.54
C GLY B 131 49.02 18.71 -29.18
N THR B 132 48.26 18.46 -28.13
CA THR B 132 48.05 17.09 -27.62
C THR B 132 46.54 16.77 -27.51
N PHE B 133 46.16 15.58 -27.94
CA PHE B 133 44.80 15.08 -27.75
C PHE B 133 44.87 13.82 -26.89
N ILE B 134 44.00 13.73 -25.88
CA ILE B 134 43.97 12.56 -24.98
C ILE B 134 42.62 11.85 -25.13
N ALA B 135 42.65 10.59 -25.58
CA ALA B 135 41.43 9.80 -25.67
C ALA B 135 41.29 8.97 -24.40
N VAL B 136 40.18 9.18 -23.68
CA VAL B 136 39.92 8.49 -22.43
C VAL B 136 38.71 7.56 -22.63
N HIS B 137 38.97 6.26 -22.64
CA HIS B 137 37.95 5.26 -22.85
C HIS B 137 37.66 4.64 -21.48
N GLN B 138 36.46 4.93 -20.94
CA GLN B 138 36.14 4.63 -19.55
C GLN B 138 35.14 3.47 -19.44
N PRO B 139 35.42 2.50 -18.57
CA PRO B 139 34.50 1.38 -18.40
C PRO B 139 33.46 1.76 -17.36
N GLY B 140 32.46 0.90 -17.20
CA GLY B 140 31.65 0.86 -15.96
C GLY B 140 30.94 2.13 -15.55
N GLU B 141 30.41 2.86 -16.52
CA GLU B 141 29.71 4.09 -16.21
C GLU B 141 28.30 3.87 -15.62
N GLU B 142 27.70 2.72 -15.92
CA GLU B 142 26.32 2.44 -15.49
C GLU B 142 26.31 1.98 -14.02
N GLY B 143 26.81 2.82 -13.12
CA GLY B 143 26.81 2.50 -11.67
C GLY B 143 27.91 1.49 -11.33
N GLY B 144 28.91 1.37 -12.20
CA GLY B 144 30.00 0.43 -11.98
C GLY B 144 31.20 1.06 -11.26
N GLY B 145 31.15 2.37 -11.06
CA GLY B 145 32.30 3.12 -10.50
C GLY B 145 33.51 3.22 -11.41
N GLY B 146 33.25 3.20 -12.71
CA GLY B 146 34.34 3.13 -13.70
C GLY B 146 35.29 4.33 -13.66
N ALA B 147 34.73 5.53 -13.57
CA ALA B 147 35.54 6.73 -13.50
C ALA B 147 36.42 6.67 -12.27
N ARG B 148 35.85 6.31 -11.13
CA ARG B 148 36.63 6.19 -9.89
C ARG B 148 37.69 5.09 -9.95
N HIS B 149 37.42 4.01 -10.67
CA HIS B 149 38.43 2.98 -10.91
C HIS B 149 39.61 3.55 -11.66
N MET B 150 39.37 4.37 -12.68
CA MET B 150 40.45 4.95 -13.50
C MET B 150 41.29 5.90 -12.65
N VAL B 151 40.61 6.73 -11.87
CA VAL B 151 41.26 7.66 -10.95
C VAL B 151 42.09 6.93 -9.88
N ASP B 152 41.50 5.90 -9.27
CA ASP B 152 42.15 5.13 -8.18
C ASP B 152 43.34 4.28 -8.66
N ASP B 153 43.36 4.00 -9.98
CA ASP B 153 44.44 3.28 -10.65
C ASP B 153 45.48 4.25 -11.25
N GLY B 154 45.49 5.49 -10.78
CA GLY B 154 46.54 6.47 -11.11
C GLY B 154 46.46 7.21 -12.42
N LEU B 155 45.23 7.46 -12.91
CA LEU B 155 45.07 8.23 -14.15
C LEU B 155 45.87 9.53 -14.13
N ALA B 156 45.74 10.30 -13.06
CA ALA B 156 46.34 11.65 -12.98
C ALA B 156 47.86 11.63 -12.81
N GLU B 157 48.38 10.53 -12.28
CA GLU B 157 49.82 10.33 -12.13
C GLU B 157 50.46 9.75 -13.39
N LYS B 158 49.71 8.92 -14.12
CA LYS B 158 50.18 8.27 -15.36
C LYS B 158 50.02 9.12 -16.61
N ILE B 159 48.99 9.96 -16.61
CA ILE B 159 48.65 10.75 -17.76
C ILE B 159 48.67 12.24 -17.39
N ALA B 160 49.53 13.00 -18.08
CA ALA B 160 49.62 14.44 -17.86
C ALA B 160 48.30 15.13 -18.15
N ALA B 161 47.95 16.06 -17.26
CA ALA B 161 46.69 16.79 -17.33
C ALA B 161 46.56 17.54 -18.66
N PRO B 162 45.35 17.56 -19.23
CA PRO B 162 45.11 18.40 -20.41
C PRO B 162 44.86 19.85 -19.93
N ASP B 163 44.52 20.75 -20.85
CA ASP B 163 44.08 22.08 -20.47
C ASP B 163 42.58 22.08 -20.16
N VAL B 164 41.85 21.29 -20.93
CA VAL B 164 40.38 21.17 -20.81
C VAL B 164 40.01 19.71 -21.02
N CYS B 165 38.86 19.32 -20.48
CA CYS B 165 38.40 17.95 -20.63
C CYS B 165 36.92 17.97 -21.01
N PHE B 166 36.55 17.16 -22.00
CA PHE B 166 35.16 17.09 -22.49
C PHE B 166 34.61 15.66 -22.52
N ALA B 167 33.27 15.58 -22.60
CA ALA B 167 32.55 14.34 -22.84
C ALA B 167 31.17 14.67 -23.45
N GLN B 168 30.52 13.67 -24.03
CA GLN B 168 29.16 13.86 -24.58
C GLN B 168 28.35 12.60 -24.41
N HIS B 169 27.03 12.75 -24.57
CA HIS B 169 26.12 11.62 -24.48
C HIS B 169 25.03 11.71 -25.52
N VAL B 170 24.75 10.62 -26.20
CA VAL B 170 23.65 10.61 -27.14
C VAL B 170 22.31 10.36 -26.38
N PHE B 171 21.24 11.01 -26.83
CA PHE B 171 19.89 10.65 -26.39
C PHE B 171 18.81 11.05 -27.37
N ASN B 172 17.56 10.81 -26.99
CA ASN B 172 16.42 11.17 -27.84
C ASN B 172 16.01 12.61 -27.59
N GLU B 173 16.68 13.53 -28.29
CA GLU B 173 16.57 14.93 -27.96
C GLU B 173 16.15 15.78 -29.16
N ASP B 174 15.53 16.93 -28.86
CA ASP B 174 15.33 17.99 -29.86
C ASP B 174 16.42 19.08 -29.77
N PRO B 175 16.84 19.63 -30.92
CA PRO B 175 16.40 19.34 -32.31
C PRO B 175 17.07 18.07 -32.85
N ALA B 176 16.44 17.46 -33.85
CA ALA B 176 16.93 16.21 -34.44
C ALA B 176 18.40 16.35 -34.84
N PHE B 177 19.24 15.45 -34.34
CA PHE B 177 20.69 15.44 -34.65
C PHE B 177 21.48 16.67 -34.18
N GLY B 178 20.86 17.51 -33.36
CA GLY B 178 21.48 18.72 -32.84
C GLY B 178 22.21 18.47 -31.53
N TYR B 179 22.71 19.55 -30.95
CA TYR B 179 23.51 19.48 -29.73
C TYR B 179 22.86 20.31 -28.65
N VAL B 180 23.02 19.87 -27.41
CA VAL B 180 22.39 20.53 -26.29
C VAL B 180 23.40 20.73 -25.18
N PHE B 181 23.34 21.92 -24.59
CA PHE B 181 24.28 22.39 -23.58
C PHE B 181 23.58 22.97 -22.36
N THR B 182 24.22 22.80 -21.21
CA THR B 182 23.76 23.38 -19.96
C THR B 182 24.95 23.84 -19.13
N PRO B 183 25.10 25.18 -18.97
CA PRO B 183 26.10 25.73 -18.06
C PRO B 183 25.69 25.46 -16.61
N GLY B 184 26.66 25.21 -15.73
CA GLY B 184 26.38 24.95 -14.32
C GLY B 184 25.76 23.56 -14.17
N ARG B 185 24.87 23.39 -13.18
CA ARG B 185 24.26 22.08 -12.95
C ARG B 185 23.57 21.55 -14.20
N PHE B 186 24.05 20.39 -14.63
CA PHE B 186 23.55 19.76 -15.85
C PHE B 186 22.73 18.48 -15.52
N LEU B 187 23.16 17.76 -14.48
CA LEU B 187 22.57 16.45 -14.10
C LEU B 187 22.28 16.40 -12.60
N THR B 188 21.91 15.23 -12.11
CA THR B 188 21.52 15.03 -10.70
C THR B 188 22.53 14.12 -9.99
N ALA B 189 22.62 14.27 -8.66
CA ALA B 189 23.36 13.37 -7.82
C ALA B 189 22.60 12.04 -7.79
N ALA B 190 23.32 10.94 -7.85
CA ALA B 190 22.66 9.62 -7.83
C ALA B 190 23.29 8.69 -6.81
N SER B 191 22.56 7.67 -6.41
CA SER B 191 23.17 6.52 -5.76
C SER B 191 22.48 5.24 -6.24
N ASN B 192 23.14 4.11 -6.05
CA ASN B 192 22.60 2.78 -6.44
C ASN B 192 22.94 1.81 -5.32
N TRP B 193 21.93 1.06 -4.89
CA TRP B 193 22.02 0.13 -3.77
C TRP B 193 21.31 -1.16 -4.11
N ARG B 194 21.74 -2.26 -3.51
CA ARG B 194 20.87 -3.39 -3.39
C ARG B 194 20.41 -3.47 -1.96
N ILE B 195 19.14 -3.78 -1.76
CA ILE B 195 18.59 -3.88 -0.41
C ILE B 195 18.06 -5.30 -0.20
N HIS B 196 18.51 -5.96 0.86
CA HIS B 196 18.14 -7.36 1.07
C HIS B 196 17.22 -7.45 2.28
N ILE B 197 16.03 -7.96 2.03
CA ILE B 197 15.03 -8.16 3.04
C ILE B 197 15.08 -9.63 3.42
N HIS B 198 15.31 -9.89 4.70
CA HIS B 198 15.47 -11.24 5.22
C HIS B 198 14.30 -11.62 6.10
N GLY B 199 13.44 -12.48 5.61
CA GLY B 199 12.33 -12.96 6.40
C GLY B 199 12.58 -14.38 6.82
N GLU B 200 11.52 -15.12 7.06
CA GLU B 200 11.65 -16.51 7.49
C GLU B 200 10.67 -17.29 6.60
N GLY B 201 11.20 -18.22 5.83
CA GLY B 201 10.40 -18.98 4.86
C GLY B 201 9.56 -20.11 5.41
N GLY B 202 8.79 -20.75 4.52
CA GLY B 202 7.89 -21.80 4.96
C GLY B 202 7.00 -22.21 3.81
N HIS B 203 5.95 -22.92 4.18
CA HIS B 203 5.00 -23.49 3.21
C HIS B 203 3.99 -22.40 2.88
N GLY B 204 3.57 -22.32 1.62
CA GLY B 204 2.59 -21.28 1.23
C GLY B 204 1.25 -21.33 1.95
N SER B 205 0.85 -22.50 2.43
CA SER B 205 -0.44 -22.66 3.12
C SER B 205 -0.37 -22.36 4.65
N ARG B 206 0.84 -22.08 5.16
CA ARG B 206 1.05 -21.84 6.59
C ARG B 206 1.80 -20.52 6.80
N PRO B 207 1.19 -19.40 6.34
CA PRO B 207 1.87 -18.10 6.42
C PRO B 207 2.17 -17.67 7.87
N HIS B 208 1.36 -18.14 8.80
CA HIS B 208 1.48 -17.73 10.19
C HIS B 208 2.77 -18.27 10.81
N LEU B 209 3.41 -19.24 10.16
CA LEU B 209 4.65 -19.84 10.69
C LEU B 209 5.86 -19.24 9.98
N THR B 210 5.63 -18.15 9.23
CA THR B 210 6.66 -17.46 8.43
C THR B 210 6.70 -15.98 8.77
N LYS B 211 7.74 -15.32 8.28
CA LYS B 211 7.75 -13.87 8.15
C LYS B 211 7.99 -13.60 6.67
N ASP B 212 6.92 -13.20 5.98
CA ASP B 212 6.85 -13.29 4.49
C ASP B 212 7.50 -12.04 3.88
N PRO B 213 8.71 -12.22 3.30
CA PRO B 213 9.50 -11.05 2.83
C PRO B 213 8.96 -10.47 1.52
N ILE B 214 8.15 -11.24 0.80
CA ILE B 214 7.51 -10.67 -0.41
C ILE B 214 6.48 -9.60 -0.06
N VAL B 215 5.63 -9.86 0.93
CA VAL B 215 4.62 -8.89 1.35
C VAL B 215 5.34 -7.65 1.96
N VAL B 216 6.41 -7.90 2.68
CA VAL B 216 7.21 -6.78 3.22
C VAL B 216 7.87 -5.98 2.09
N ALA B 217 8.44 -6.66 1.09
CA ALA B 217 9.10 -5.97 -0.01
C ALA B 217 8.06 -5.08 -0.75
N ALA B 218 6.86 -5.63 -0.94
CA ALA B 218 5.76 -4.91 -1.59
C ALA B 218 5.41 -3.65 -0.80
N SER B 219 5.30 -3.80 0.51
CA SER B 219 5.03 -2.70 1.43
C SER B 219 6.12 -1.62 1.30
N ILE B 220 7.37 -2.05 1.27
CA ILE B 220 8.51 -1.13 1.13
C ILE B 220 8.44 -0.37 -0.18
N ILE B 221 8.21 -1.05 -1.30
CA ILE B 221 8.21 -0.36 -2.57
C ILE B 221 7.14 0.75 -2.58
N THR B 222 5.95 0.41 -2.07
CA THR B 222 4.84 1.35 -1.97
C THR B 222 5.22 2.55 -1.08
N LYS B 223 5.71 2.24 0.12
CA LYS B 223 6.04 3.31 1.06
C LYS B 223 7.14 4.27 0.58
N LEU B 224 8.13 3.72 -0.18
CA LEU B 224 9.24 4.49 -0.74
C LEU B 224 8.73 5.63 -1.63
N GLN B 225 7.55 5.44 -2.25
CA GLN B 225 6.94 6.52 -3.06
C GLN B 225 6.70 7.86 -2.32
N THR B 226 6.50 7.77 -1.01
CA THR B 226 6.24 8.94 -0.19
C THR B 226 7.50 9.82 0.05
N ILE B 227 8.71 9.30 -0.24
CA ILE B 227 9.88 10.19 -0.20
C ILE B 227 9.72 11.35 -1.20
N VAL B 228 9.51 11.01 -2.47
CA VAL B 228 9.30 12.02 -3.50
C VAL B 228 7.94 12.72 -3.36
N SER B 229 6.87 11.96 -3.07
CA SER B 229 5.54 12.53 -3.05
C SER B 229 5.20 13.41 -1.83
N ARG B 230 5.95 13.24 -0.72
CA ARG B 230 5.57 13.94 0.55
C ARG B 230 6.76 14.57 1.26
N GLU B 231 7.95 13.97 1.12
CA GLU B 231 9.10 14.37 1.98
C GLU B 231 10.03 15.40 1.32
N VAL B 232 10.00 15.51 0.00
CA VAL B 232 10.84 16.44 -0.74
C VAL B 232 10.10 17.69 -1.20
N ASP B 233 10.74 18.86 -1.08
CA ASP B 233 10.19 20.11 -1.59
C ASP B 233 9.68 19.86 -3.05
N PRO B 234 8.39 20.18 -3.32
CA PRO B 234 7.89 20.02 -4.70
C PRO B 234 8.73 20.72 -5.75
N ASN B 235 9.40 21.80 -5.37
CA ASN B 235 10.24 22.52 -6.33
C ASN B 235 11.60 21.91 -6.60
N GLU B 236 11.99 20.92 -5.80
CA GLU B 236 13.28 20.26 -5.96
C GLU B 236 13.16 19.15 -7.00
N VAL B 237 14.28 18.47 -7.30
CA VAL B 237 14.25 17.33 -8.20
C VAL B 237 14.66 16.12 -7.37
N ALA B 238 13.82 15.10 -7.32
CA ALA B 238 14.18 13.89 -6.64
C ALA B 238 13.51 12.67 -7.30
N VAL B 239 14.19 11.53 -7.29
CA VAL B 239 13.64 10.27 -7.84
C VAL B 239 14.01 9.11 -6.93
N VAL B 240 13.08 8.18 -6.72
CA VAL B 240 13.46 6.91 -6.13
C VAL B 240 12.89 5.85 -7.03
N THR B 241 13.78 5.13 -7.70
CA THR B 241 13.37 4.05 -8.59
C THR B 241 13.78 2.69 -8.01
N VAL B 242 12.83 1.75 -7.96
CA VAL B 242 13.16 0.35 -7.67
C VAL B 242 13.22 -0.35 -9.04
N GLY B 243 14.44 -0.56 -9.54
CA GLY B 243 14.67 -1.06 -10.90
C GLY B 243 14.68 -2.57 -10.99
N SER B 244 14.85 -3.26 -9.87
CA SER B 244 14.78 -4.72 -9.88
C SER B 244 14.23 -5.30 -8.59
N ILE B 245 13.63 -6.48 -8.68
CA ILE B 245 13.14 -7.21 -7.50
C ILE B 245 13.28 -8.70 -7.78
N GLU B 246 13.76 -9.46 -6.80
CA GLU B 246 13.84 -10.88 -6.97
C GLU B 246 13.70 -11.55 -5.63
N GLY B 247 12.80 -12.54 -5.55
CA GLY B 247 12.74 -13.43 -4.38
C GLY B 247 11.88 -14.63 -4.68
N GLY B 248 12.27 -15.79 -4.14
CA GLY B 248 11.47 -17.01 -4.20
C GLY B 248 11.61 -17.70 -5.55
N LYS B 249 11.16 -18.93 -5.63
CA LYS B 249 11.14 -19.65 -6.89
C LYS B 249 9.79 -20.37 -7.02
N SER B 250 9.46 -21.22 -6.06
CA SER B 250 8.20 -21.96 -6.20
C SER B 250 6.98 -21.13 -5.80
N THR B 251 5.88 -21.25 -6.53
CA THR B 251 4.68 -20.45 -6.25
C THR B 251 4.09 -20.78 -4.87
N ASN B 252 4.29 -22.02 -4.42
CA ASN B 252 3.67 -22.55 -3.19
C ASN B 252 4.59 -22.53 -1.97
N SER B 253 5.64 -21.74 -2.04
CA SER B 253 6.53 -21.60 -0.88
C SER B 253 6.68 -20.13 -0.57
N ILE B 254 6.99 -19.83 0.70
CA ILE B 254 7.26 -18.48 1.13
C ILE B 254 8.79 -18.47 1.29
N PRO B 255 9.47 -17.58 0.57
CA PRO B 255 10.94 -17.57 0.54
C PRO B 255 11.56 -16.86 1.78
N TYR B 256 12.89 -16.86 1.84
CA TYR B 256 13.61 -16.22 2.96
C TYR B 256 14.09 -14.81 2.67
N THR B 257 14.48 -14.53 1.43
CA THR B 257 15.11 -13.25 1.11
C THR B 257 14.46 -12.66 -0.14
N VAL B 258 14.29 -11.35 -0.12
CA VAL B 258 13.93 -10.65 -1.32
C VAL B 258 14.95 -9.53 -1.50
N THR B 259 15.45 -9.37 -2.73
CA THR B 259 16.42 -8.33 -3.01
C THR B 259 15.81 -7.27 -3.92
N LEU B 260 15.95 -6.02 -3.50
CA LEU B 260 15.53 -4.84 -4.23
C LEU B 260 16.75 -4.12 -4.82
N GLY B 261 16.67 -3.75 -6.10
CA GLY B 261 17.69 -2.90 -6.72
C GLY B 261 17.15 -1.48 -6.74
N VAL B 262 17.86 -0.54 -6.13
CA VAL B 262 17.31 0.78 -5.91
C VAL B 262 18.25 1.88 -6.41
N ASN B 263 17.66 2.92 -7.00
CA ASN B 263 18.38 4.03 -7.60
C ASN B 263 17.73 5.33 -7.11
N THR B 264 18.55 6.33 -6.75
CA THR B 264 18.04 7.62 -6.25
C THR B 264 18.62 8.72 -7.14
N ARG B 265 17.90 9.81 -7.24
CA ARG B 265 18.38 11.03 -7.90
C ARG B 265 18.00 12.18 -6.98
N ALA B 266 18.85 13.21 -6.93
CA ALA B 266 18.53 14.45 -6.19
C ALA B 266 19.34 15.60 -6.78
N SER B 267 18.81 16.83 -6.66
CA SER B 267 19.43 17.98 -7.30
C SER B 267 20.82 18.32 -6.72
N ASN B 268 21.04 17.92 -5.47
CA ASN B 268 22.31 18.19 -4.78
C ASN B 268 22.71 17.11 -3.76
N ASP B 269 23.92 17.21 -3.22
CA ASP B 269 24.44 16.21 -2.25
C ASP B 269 23.63 16.09 -0.96
N GLU B 270 23.20 17.22 -0.41
CA GLU B 270 22.42 17.21 0.84
C GLU B 270 21.10 16.46 0.64
N LEU B 271 20.41 16.79 -0.44
CA LEU B 271 19.14 16.09 -0.73
C LEU B 271 19.38 14.62 -1.07
N SER B 272 20.46 14.33 -1.80
CA SER B 272 20.84 12.94 -2.07
C SER B 272 21.00 12.11 -0.79
N GLU B 273 21.75 12.64 0.17
CA GLU B 273 21.88 12.00 1.47
C GLU B 273 20.53 11.88 2.19
N TYR B 274 19.71 12.92 2.13
CA TYR B 274 18.36 12.86 2.73
C TYR B 274 17.56 11.67 2.20
N VAL B 275 17.53 11.56 0.87
CA VAL B 275 16.72 10.53 0.22
C VAL B 275 17.21 9.13 0.64
N GLN B 276 18.52 8.94 0.59
CA GLN B 276 19.07 7.66 0.96
C GLN B 276 18.78 7.33 2.44
N ASN B 277 18.90 8.33 3.33
CA ASN B 277 18.56 8.10 4.74
C ASN B 277 17.08 7.77 4.95
N ALA B 278 16.24 8.41 4.14
CA ALA B 278 14.80 8.15 4.19
C ALA B 278 14.48 6.71 3.76
N ILE B 279 15.17 6.24 2.72
CA ILE B 279 15.04 4.84 2.28
C ILE B 279 15.38 3.86 3.39
N LYS B 280 16.51 4.08 4.06
CA LYS B 280 16.91 3.25 5.19
C LYS B 280 15.87 3.24 6.30
N ARG B 281 15.35 4.41 6.66
CA ARG B 281 14.38 4.56 7.74
C ARG B 281 13.11 3.77 7.38
N ILE B 282 12.68 3.88 6.11
CA ILE B 282 11.45 3.19 5.67
C ILE B 282 11.66 1.67 5.67
N VAL B 283 12.78 1.21 5.09
CA VAL B 283 13.08 -0.23 5.02
C VAL B 283 13.11 -0.84 6.45
N ILE B 284 13.85 -0.19 7.34
CA ILE B 284 13.91 -0.66 8.74
C ILE B 284 12.55 -0.71 9.42
N ALA B 285 11.75 0.35 9.31
CA ALA B 285 10.42 0.41 9.93
C ALA B 285 9.49 -0.65 9.34
N GLU B 286 9.57 -0.87 8.04
CA GLU B 286 8.64 -1.83 7.41
C GLU B 286 8.94 -3.27 7.84
N CYS B 287 10.23 -3.57 8.04
CA CYS B 287 10.64 -4.88 8.55
C CYS B 287 10.16 -5.01 10.01
N GLN B 288 10.29 -3.92 10.77
CA GLN B 288 9.81 -3.89 12.14
C GLN B 288 8.28 -4.04 12.21
N ALA B 289 7.58 -3.41 11.27
CA ALA B 289 6.13 -3.53 11.19
C ALA B 289 5.69 -5.00 11.06
N ALA B 290 6.48 -5.79 10.33
CA ALA B 290 6.16 -7.18 10.09
C ALA B 290 6.68 -8.08 11.20
N GLY B 291 7.39 -7.50 12.16
CA GLY B 291 7.98 -8.33 13.23
C GLY B 291 9.19 -9.14 12.79
N ILE B 292 9.83 -8.74 11.69
CA ILE B 292 11.02 -9.44 11.21
C ILE B 292 12.18 -9.21 12.19
N GLU B 293 12.84 -10.29 12.59
CA GLU B 293 13.94 -10.20 13.54
C GLU B 293 15.27 -9.77 12.90
N GLN B 294 15.64 -10.38 11.78
CA GLN B 294 16.89 -10.05 11.12
C GLN B 294 16.87 -8.64 10.50
N GLU B 295 17.93 -7.88 10.73
CA GLU B 295 18.04 -6.55 10.15
C GLU B 295 18.14 -6.64 8.62
N PRO B 296 17.48 -5.71 7.89
CA PRO B 296 17.70 -5.67 6.44
C PRO B 296 19.12 -5.23 6.16
N GLU B 297 19.61 -5.56 4.98
CA GLU B 297 20.97 -5.24 4.57
C GLU B 297 20.97 -4.27 3.42
N PHE B 298 21.82 -3.26 3.53
CA PHE B 298 21.95 -2.21 2.53
C PHE B 298 23.33 -2.38 1.89
N GLU B 299 23.32 -2.73 0.63
CA GLU B 299 24.53 -3.04 -0.10
C GLU B 299 24.83 -1.90 -1.08
N TYR B 300 25.85 -1.10 -0.76
CA TYR B 300 26.19 0.04 -1.57
C TYR B 300 26.81 -0.36 -2.90
N LEU B 301 26.28 0.16 -4.01
CA LEU B 301 26.87 -0.11 -5.31
C LEU B 301 27.70 1.05 -5.85
N ASP B 302 27.13 2.26 -5.91
CA ASP B 302 27.83 3.41 -6.49
C ASP B 302 27.08 4.69 -6.09
N SER B 303 27.76 5.83 -6.22
CA SER B 303 27.13 7.11 -6.07
C SER B 303 27.96 8.13 -6.84
N VAL B 304 27.29 9.21 -7.23
CA VAL B 304 27.93 10.30 -7.98
C VAL B 304 27.30 11.63 -7.58
N PRO B 305 28.11 12.71 -7.55
CA PRO B 305 27.49 14.02 -7.38
C PRO B 305 26.87 14.54 -8.68
N ALA B 306 26.07 15.59 -8.57
CA ALA B 306 25.51 16.25 -9.74
C ALA B 306 26.63 16.79 -10.64
N VAL B 307 26.58 16.48 -11.94
CA VAL B 307 27.52 17.07 -12.91
C VAL B 307 27.28 18.57 -13.04
N ILE B 308 28.36 19.36 -12.85
CA ILE B 308 28.32 20.81 -13.02
C ILE B 308 29.29 21.18 -14.14
N ASN B 309 28.75 21.77 -15.19
CA ASN B 309 29.57 22.22 -16.30
C ASN B 309 30.17 23.59 -16.00
N ASP B 310 31.44 23.77 -16.37
CA ASP B 310 32.13 25.06 -16.20
C ASP B 310 31.39 26.09 -17.06
N GLU B 311 31.00 27.21 -16.44
CA GLU B 311 30.10 28.13 -17.10
C GLU B 311 30.69 28.88 -18.30
N ASP B 312 31.87 29.47 -18.12
CA ASP B 312 32.59 30.14 -19.22
C ASP B 312 32.91 29.16 -20.36
N LEU B 313 33.34 27.94 -20.02
CA LEU B 313 33.69 26.95 -21.03
C LEU B 313 32.47 26.49 -21.83
N THR B 314 31.32 26.36 -21.17
CA THR B 314 30.09 25.96 -21.84
C THR B 314 29.65 27.02 -22.86
N GLU B 315 29.69 28.28 -22.45
CA GLU B 315 29.42 29.41 -23.34
C GLU B 315 30.34 29.38 -24.57
N GLN B 316 31.63 29.23 -24.31
CA GLN B 316 32.63 29.16 -25.38
C GLN B 316 32.27 28.03 -26.34
N LEU B 317 31.93 26.84 -25.82
CA LEU B 317 31.57 25.74 -26.69
C LEU B 317 30.25 25.97 -27.45
N MET B 318 29.26 26.50 -26.74
CA MET B 318 27.98 26.86 -27.37
C MET B 318 28.23 27.75 -28.58
N ALA B 319 29.02 28.80 -28.38
CA ALA B 319 29.35 29.77 -29.45
C ALA B 319 30.08 29.10 -30.61
N GLN B 320 31.03 28.22 -30.27
CA GLN B 320 31.77 27.44 -31.25
C GLN B 320 30.88 26.48 -32.08
N PHE B 321 29.99 25.74 -31.40
CA PHE B 321 29.08 24.84 -32.10
C PHE B 321 28.07 25.58 -32.99
N ARG B 322 27.55 26.70 -32.50
CA ARG B 322 26.58 27.49 -33.25
C ARG B 322 27.22 28.08 -34.51
N GLU B 323 28.45 28.54 -34.36
CA GLU B 323 29.21 29.05 -35.49
C GLU B 323 29.42 27.96 -36.53
N PHE B 324 29.85 26.78 -36.11
CA PHE B 324 30.16 25.71 -37.05
C PHE B 324 28.96 24.99 -37.65
N PHE B 325 27.98 24.65 -36.82
CA PHE B 325 26.84 23.84 -37.26
C PHE B 325 25.60 24.67 -37.64
N GLY B 326 25.51 25.90 -37.12
CA GLY B 326 24.33 26.73 -37.29
C GLY B 326 23.70 27.04 -35.94
N GLU B 327 23.13 28.23 -35.79
CA GLU B 327 22.47 28.66 -34.55
C GLU B 327 21.33 27.74 -34.14
N ASP B 328 20.67 27.18 -35.15
CA ASP B 328 19.60 26.20 -35.04
C ASP B 328 20.03 24.94 -34.28
N GLN B 329 21.31 24.58 -34.41
CA GLN B 329 21.76 23.20 -34.22
C GLN B 329 22.47 22.94 -32.90
N ALA B 330 22.71 23.99 -32.13
CA ALA B 330 23.25 23.88 -30.78
C ALA B 330 22.47 24.81 -29.87
N VAL B 331 21.74 24.23 -28.91
CA VAL B 331 20.81 25.00 -28.08
C VAL B 331 21.10 24.79 -26.58
N GLU B 332 20.73 25.76 -25.75
CA GLU B 332 20.80 25.61 -24.31
C GLU B 332 19.51 24.94 -23.80
N ILE B 333 19.66 24.00 -22.86
CA ILE B 333 18.51 23.26 -22.28
C ILE B 333 18.58 23.31 -20.75
N PRO B 334 17.41 23.21 -20.07
CA PRO B 334 17.48 23.06 -18.60
C PRO B 334 18.14 21.70 -18.25
N PRO B 335 18.64 21.56 -17.01
CA PRO B 335 19.29 20.32 -16.55
C PRO B 335 18.41 19.09 -16.75
N LEU B 336 19.06 17.95 -17.01
CA LEU B 336 18.37 16.66 -17.18
C LEU B 336 18.26 15.97 -15.83
N SER B 337 17.38 14.97 -15.71
CA SER B 337 17.26 14.25 -14.43
C SER B 337 18.25 13.08 -14.31
N GLY B 338 18.98 12.78 -15.39
CA GLY B 338 19.98 11.71 -15.35
C GLY B 338 21.23 12.09 -14.55
N SER B 339 22.25 11.23 -14.57
CA SER B 339 23.44 11.45 -13.74
C SER B 339 24.64 10.89 -14.55
N GLU B 340 25.87 11.08 -14.05
CA GLU B 340 27.07 10.60 -14.73
C GLU B 340 28.22 10.58 -13.74
N ASP B 341 29.16 9.62 -13.89
CA ASP B 341 30.38 9.62 -13.06
C ASP B 341 31.55 10.35 -13.73
N TYR B 342 31.33 10.81 -14.97
CA TYR B 342 32.40 11.47 -15.77
C TYR B 342 33.33 12.44 -14.96
N PRO B 343 32.76 13.44 -14.24
CA PRO B 343 33.59 14.46 -13.58
C PRO B 343 34.72 13.98 -12.65
N PHE B 344 34.69 12.74 -12.16
CA PHE B 344 35.83 12.27 -11.35
C PHE B 344 37.16 12.39 -12.14
N ILE B 345 37.06 12.17 -13.46
CA ILE B 345 38.20 12.25 -14.39
C ILE B 345 38.78 13.68 -14.45
N PRO B 346 38.02 14.68 -14.96
CA PRO B 346 38.62 16.02 -14.92
C PRO B 346 38.95 16.57 -13.52
N ASN B 347 38.19 16.19 -12.50
CA ASN B 347 38.48 16.67 -11.13
C ASN B 347 39.77 16.07 -10.55
N ALA B 348 40.09 14.85 -10.97
CA ALA B 348 41.39 14.23 -10.65
C ALA B 348 42.56 15.02 -11.26
N TRP B 349 42.39 15.47 -12.51
CA TRP B 349 43.42 16.29 -13.20
C TRP B 349 43.39 17.75 -12.75
N GLY B 350 42.27 18.17 -12.15
CA GLY B 350 42.08 19.55 -11.73
C GLY B 350 41.88 20.52 -12.89
N VAL B 351 41.14 20.09 -13.92
CA VAL B 351 40.92 20.89 -15.14
C VAL B 351 39.44 21.21 -15.36
N PRO B 352 39.13 22.34 -16.06
CA PRO B 352 37.72 22.64 -16.27
C PRO B 352 37.12 21.71 -17.30
N SER B 353 35.83 21.42 -17.13
CA SER B 353 35.16 20.41 -17.94
C SER B 353 33.76 20.85 -18.37
N VAL B 354 33.37 20.36 -19.55
CA VAL B 354 32.00 20.42 -20.05
C VAL B 354 31.59 19.07 -20.62
N MET B 355 30.40 18.62 -20.25
CA MET B 355 29.73 17.55 -20.94
C MET B 355 28.47 18.07 -21.61
N TRP B 356 28.27 17.71 -22.86
CA TRP B 356 27.05 18.06 -23.59
C TRP B 356 26.31 16.84 -24.11
N GLY B 357 25.13 17.09 -24.69
CA GLY B 357 24.35 16.01 -25.24
C GLY B 357 24.21 16.20 -26.75
N TRP B 358 23.93 15.10 -27.44
CA TRP B 358 23.50 15.19 -28.84
C TRP B 358 22.37 14.24 -29.17
N SER B 359 21.55 14.65 -30.13
CA SER B 359 20.39 13.85 -30.54
C SER B 359 20.80 12.78 -31.55
N GLY B 360 20.36 11.55 -31.34
CA GLY B 360 20.67 10.50 -32.31
C GLY B 360 19.53 10.07 -33.19
N PHE B 361 18.50 10.92 -33.32
CA PHE B 361 17.21 10.48 -33.90
C PHE B 361 16.48 11.55 -34.68
N ALA B 362 15.95 11.18 -35.84
CA ALA B 362 15.18 12.10 -36.68
C ALA B 362 13.94 12.59 -35.93
N ALA B 363 13.30 11.70 -35.18
CA ALA B 363 12.13 12.03 -34.37
C ALA B 363 12.45 12.76 -33.07
N GLY B 364 13.73 13.04 -32.82
CA GLY B 364 14.13 13.79 -31.64
C GLY B 364 13.56 13.14 -30.39
N SER B 365 12.83 13.92 -29.58
CA SER B 365 12.31 13.42 -28.29
C SER B 365 11.14 12.43 -28.43
N ASP B 366 10.63 12.25 -29.64
CA ASP B 366 9.62 11.23 -29.88
C ASP B 366 10.16 9.82 -30.14
N ALA B 367 11.48 9.70 -30.30
CA ALA B 367 12.13 8.40 -30.43
C ALA B 367 12.19 7.69 -29.07
N PRO B 368 12.38 6.34 -29.06
CA PRO B 368 12.59 5.59 -27.81
C PRO B 368 13.76 6.17 -27.00
N GLY B 369 13.61 6.14 -25.69
CA GLY B 369 14.62 6.74 -24.83
C GLY B 369 15.72 5.76 -24.41
N ASN B 370 16.77 6.32 -23.84
CA ASN B 370 17.85 5.50 -23.30
C ASN B 370 17.25 4.51 -22.29
N HIS B 371 17.83 3.30 -22.26
CA HIS B 371 17.39 2.18 -21.41
C HIS B 371 16.08 1.51 -21.79
N THR B 372 15.49 1.88 -22.93
CA THR B 372 14.45 1.05 -23.48
C THR B 372 15.13 -0.04 -24.32
N ASP B 373 14.39 -1.11 -24.64
CA ASP B 373 14.93 -2.18 -25.44
C ASP B 373 14.86 -1.89 -26.93
N LYS B 374 14.44 -0.67 -27.27
CA LYS B 374 14.32 -0.22 -28.66
C LYS B 374 15.31 0.91 -29.03
N PHE B 375 16.12 1.32 -28.07
CA PHE B 375 17.00 2.46 -28.26
C PHE B 375 18.07 2.15 -29.33
N ALA B 376 18.01 2.90 -30.43
CA ALA B 376 18.79 2.55 -31.63
C ALA B 376 19.18 3.81 -32.42
N PRO B 377 20.24 4.53 -31.98
CA PRO B 377 20.65 5.75 -32.71
C PRO B 377 20.81 5.50 -34.23
N GLU B 378 20.34 6.46 -35.01
CA GLU B 378 20.16 6.30 -36.46
C GLU B 378 21.41 6.65 -37.24
N LEU B 379 21.94 5.65 -37.92
CA LEU B 379 23.08 5.79 -38.83
C LEU B 379 22.59 6.37 -40.16
N PRO B 380 23.44 7.18 -40.85
CA PRO B 380 24.80 7.57 -40.43
C PRO B 380 24.83 8.75 -39.51
N ASP B 381 23.75 9.52 -39.46
CA ASP B 381 23.73 10.83 -38.85
C ASP B 381 24.18 10.79 -37.39
N ALA B 382 23.68 9.82 -36.63
CA ALA B 382 23.97 9.78 -35.19
C ALA B 382 25.47 9.66 -34.95
N LEU B 383 26.14 8.79 -35.72
CA LEU B 383 27.56 8.60 -35.58
C LEU B 383 28.34 9.79 -36.11
N GLU B 384 28.00 10.26 -37.30
CA GLU B 384 28.71 11.42 -37.87
C GLU B 384 28.65 12.65 -36.99
N ARG B 385 27.48 12.96 -36.45
CA ARG B 385 27.35 14.13 -35.60
C ARG B 385 28.13 14.00 -34.30
N GLY B 386 28.17 12.81 -33.72
CA GLY B 386 28.97 12.63 -32.51
C GLY B 386 30.47 12.76 -32.79
N THR B 387 30.89 12.20 -33.93
CA THR B 387 32.32 12.23 -34.34
C THR B 387 32.74 13.67 -34.64
N GLN B 388 31.90 14.39 -35.39
CA GLN B 388 32.18 15.80 -35.70
C GLN B 388 32.28 16.69 -34.46
N ALA B 389 31.41 16.47 -33.46
CA ALA B 389 31.42 17.28 -32.25
C ALA B 389 32.77 17.30 -31.52
N ILE B 390 33.44 16.15 -31.45
CA ILE B 390 34.72 16.06 -30.75
C ILE B 390 35.72 16.97 -31.44
N LEU B 391 35.74 16.92 -32.77
CA LEU B 391 36.67 17.76 -33.57
C LEU B 391 36.35 19.25 -33.41
N VAL B 392 35.07 19.60 -33.58
CA VAL B 392 34.58 20.98 -33.37
C VAL B 392 34.91 21.53 -31.98
N ALA B 393 34.72 20.71 -30.94
CA ALA B 393 35.06 21.12 -29.57
C ALA B 393 36.57 21.31 -29.31
N ALA B 394 37.40 20.45 -29.90
CA ALA B 394 38.84 20.52 -29.70
C ALA B 394 39.47 21.67 -30.51
N ALA B 395 38.82 22.06 -31.60
CA ALA B 395 39.37 23.06 -32.57
C ALA B 395 39.88 24.38 -32.00
N PRO B 396 39.14 25.03 -31.06
CA PRO B 396 39.66 26.27 -30.48
C PRO B 396 41.02 26.14 -29.78
N TRP B 397 41.37 24.92 -29.38
CA TRP B 397 42.66 24.62 -28.78
C TRP B 397 43.67 24.01 -29.77
N LEU B 398 43.23 23.02 -30.55
CA LEU B 398 44.17 22.26 -31.41
C LEU B 398 44.37 22.90 -32.78
N MET B 399 43.44 23.77 -33.15
CA MET B 399 43.44 24.33 -34.49
C MET B 399 43.32 25.86 -34.42
N ASN C 5 8.69 62.62 -0.97
CA ASN C 5 7.19 62.52 -0.83
C ASN C 5 6.77 61.10 -0.44
N LEU C 6 7.37 60.09 -1.09
CA LEU C 6 7.19 58.71 -0.65
C LEU C 6 7.64 58.58 0.81
N GLN C 7 8.84 59.06 1.13
CA GLN C 7 9.33 58.97 2.52
C GLN C 7 8.41 59.64 3.53
N LYS C 8 7.81 60.76 3.12
CA LYS C 8 6.88 61.50 3.98
C LYS C 8 5.60 60.71 4.30
N ILE C 9 5.00 60.12 3.27
CA ILE C 9 3.76 59.33 3.46
C ILE C 9 4.04 58.09 4.31
N VAL C 10 5.17 57.43 4.08
CA VAL C 10 5.58 56.30 4.92
C VAL C 10 5.72 56.72 6.37
N ASP C 11 6.40 57.84 6.62
CA ASP C 11 6.57 58.38 7.99
C ASP C 11 5.26 58.72 8.68
N SER C 12 4.29 59.19 7.91
CA SER C 12 2.94 59.50 8.44
C SER C 12 2.25 58.29 9.09
N LEU C 13 2.65 57.08 8.70
CA LEU C 13 2.08 55.85 9.29
C LEU C 13 2.34 55.73 10.79
N GLU C 14 3.43 56.32 11.29
CA GLU C 14 3.74 56.15 12.70
C GLU C 14 2.62 56.65 13.61
N SER C 15 2.02 57.78 13.24
CA SER C 15 0.88 58.38 13.96
C SER C 15 -0.25 57.38 14.22
N SER C 16 -0.56 56.54 13.21
CA SER C 16 -1.71 55.62 13.30
C SER C 16 -1.37 54.18 13.70
N ARG C 17 -0.09 53.89 13.97
CA ARG C 17 0.33 52.50 14.23
C ARG C 17 -0.46 51.79 15.37
N ALA C 18 -0.62 52.48 16.50
CA ALA C 18 -1.36 51.87 17.60
C ALA C 18 -2.83 51.53 17.21
N GLU C 19 -3.48 52.41 16.45
CA GLU C 19 -4.87 52.16 15.97
C GLU C 19 -4.90 51.01 14.98
N ARG C 20 -3.88 50.97 14.11
CA ARG C 20 -3.82 49.96 13.04
C ARG C 20 -3.54 48.57 13.64
N GLU C 21 -2.72 48.52 14.69
CA GLU C 21 -2.43 47.25 15.33
C GLU C 21 -3.65 46.74 16.05
N GLU C 22 -4.43 47.64 16.67
CA GLU C 22 -5.66 47.21 17.32
C GLU C 22 -6.67 46.71 16.28
N LEU C 23 -6.69 47.33 15.10
CA LEU C 23 -7.59 46.88 14.03
C LEU C 23 -7.18 45.48 13.52
N TYR C 24 -5.89 45.29 13.31
CA TYR C 24 -5.37 43.94 12.99
C TYR C 24 -5.82 42.89 14.00
N LYS C 25 -5.67 43.18 15.30
CA LYS C 25 -6.05 42.25 16.34
C LYS C 25 -7.55 41.93 16.33
N TRP C 26 -8.35 42.91 15.92
CA TRP C 26 -9.80 42.74 15.87
C TRP C 26 -10.09 41.73 14.75
N PHE C 27 -9.53 41.98 13.57
CA PHE C 27 -9.67 41.02 12.45
C PHE C 27 -9.17 39.61 12.83
N HIS C 28 -8.04 39.56 13.52
CA HIS C 28 -7.48 38.28 13.97
C HIS C 28 -8.48 37.49 14.81
N GLN C 29 -9.31 38.19 15.61
CA GLN C 29 -10.25 37.53 16.50
C GLN C 29 -11.62 37.27 15.87
N HIS C 30 -11.78 37.69 14.61
CA HIS C 30 -13.00 37.42 13.83
C HIS C 30 -12.74 36.62 12.55
N PRO C 31 -12.03 35.46 12.66
CA PRO C 31 -11.74 34.66 11.48
C PRO C 31 -13.03 33.98 10.98
N GLU C 32 -13.27 34.08 9.67
CA GLU C 32 -14.51 33.57 9.10
C GLU C 32 -14.24 32.79 7.81
N MET C 33 -15.14 31.84 7.54
CA MET C 33 -15.02 30.95 6.37
C MET C 33 -15.26 31.69 5.07
N SER C 34 -14.61 31.19 4.01
CA SER C 34 -14.75 31.67 2.62
C SER C 34 -16.21 31.97 2.25
N MET C 35 -16.45 33.21 1.80
CA MET C 35 -17.77 33.73 1.37
C MET C 35 -18.83 33.87 2.50
N GLN C 36 -18.39 33.70 3.74
CA GLN C 36 -19.24 33.91 4.92
C GLN C 36 -18.58 34.88 5.89
N GLU C 37 -17.76 35.80 5.39
CA GLU C 37 -16.95 36.68 6.24
C GLU C 37 -17.75 37.93 6.64
N HIS C 38 -18.88 37.74 7.30
CA HIS C 38 -19.80 38.87 7.46
C HIS C 38 -19.28 39.96 8.38
N GLU C 39 -18.78 39.61 9.56
CA GLU C 39 -18.23 40.63 10.48
C GLU C 39 -17.01 41.30 9.84
N THR C 40 -16.13 40.48 9.26
CA THR C 40 -14.93 40.98 8.55
C THR C 40 -15.30 41.98 7.44
N SER C 41 -16.19 41.57 6.54
CA SER C 41 -16.62 42.44 5.43
C SER C 41 -17.25 43.74 5.96
N LYS C 42 -18.11 43.62 6.96
CA LYS C 42 -18.78 44.83 7.52
C LYS C 42 -17.78 45.79 8.12
N ARG C 43 -16.79 45.25 8.84
CA ARG C 43 -15.74 46.09 9.42
C ARG C 43 -14.87 46.80 8.34
N ILE C 44 -14.48 46.09 7.30
CA ILE C 44 -13.74 46.68 6.19
C ILE C 44 -14.54 47.85 5.62
N ALA C 45 -15.83 47.61 5.35
CA ALA C 45 -16.69 48.69 4.83
C ALA C 45 -16.70 49.92 5.77
N GLU C 46 -16.81 49.67 7.08
CA GLU C 46 -16.85 50.73 8.10
C GLU C 46 -15.56 51.54 8.11
N GLU C 47 -14.44 50.82 8.00
CA GLU C 47 -13.13 51.48 8.02
C GLU C 47 -12.94 52.36 6.80
N LEU C 48 -13.44 51.91 5.64
CA LEU C 48 -13.38 52.67 4.40
C LEU C 48 -14.30 53.90 4.50
N GLU C 49 -15.49 53.72 5.06
CA GLU C 49 -16.46 54.82 5.25
C GLU C 49 -15.95 55.92 6.19
N LYS C 50 -15.21 55.48 7.19
CA LYS C 50 -14.54 56.32 8.18
C LYS C 50 -13.55 57.26 7.51
N LEU C 51 -13.07 56.88 6.33
CA LEU C 51 -12.15 57.71 5.57
C LEU C 51 -12.86 58.54 4.48
N GLY C 52 -14.20 58.59 4.55
CA GLY C 52 -15.00 59.30 3.56
C GLY C 52 -15.16 58.59 2.23
N LEU C 53 -14.84 57.28 2.20
CA LEU C 53 -14.94 56.51 0.98
C LEU C 53 -16.28 55.80 0.86
N GLU C 54 -16.59 55.40 -0.36
CA GLU C 54 -17.85 54.75 -0.67
C GLU C 54 -17.54 53.34 -1.13
N PRO C 55 -17.39 52.41 -0.18
CA PRO C 55 -17.10 51.01 -0.56
C PRO C 55 -18.26 50.40 -1.32
N GLN C 56 -17.95 49.78 -2.45
CA GLN C 56 -18.93 49.12 -3.27
C GLN C 56 -18.89 47.63 -2.92
N ASN C 57 -20.03 47.11 -2.48
CA ASN C 57 -20.13 45.71 -2.08
C ASN C 57 -20.28 44.85 -3.33
N ILE C 58 -19.19 44.16 -3.69
CA ILE C 58 -19.14 43.36 -4.93
C ILE C 58 -18.69 41.92 -4.60
N GLY C 59 -19.39 40.92 -5.11
CA GLY C 59 -19.07 39.50 -4.85
C GLY C 59 -19.45 39.06 -3.45
N VAL C 60 -20.71 39.36 -3.09
CA VAL C 60 -21.35 38.98 -1.81
C VAL C 60 -20.77 39.77 -0.64
N THR C 61 -19.55 39.43 -0.24
CA THR C 61 -18.91 40.08 0.88
C THR C 61 -17.71 40.95 0.45
N GLY C 62 -17.31 40.92 -0.82
CA GLY C 62 -16.22 41.80 -1.31
C GLY C 62 -16.51 43.31 -1.17
N GLN C 63 -15.46 44.12 -1.07
CA GLN C 63 -15.60 45.58 -0.93
C GLN C 63 -14.55 46.24 -1.75
N VAL C 64 -14.93 47.27 -2.54
CA VAL C 64 -13.97 47.95 -3.41
C VAL C 64 -14.18 49.45 -3.19
N ALA C 65 -13.11 50.16 -2.90
CA ALA C 65 -13.22 51.61 -2.72
C ALA C 65 -12.25 52.34 -3.67
N VAL C 66 -12.71 53.45 -4.26
CA VAL C 66 -11.93 54.24 -5.19
C VAL C 66 -11.53 55.55 -4.45
N ILE C 67 -10.23 55.79 -4.36
CA ILE C 67 -9.67 56.98 -3.68
C ILE C 67 -9.27 57.91 -4.81
N LYS C 68 -10.05 58.96 -5.05
CA LYS C 68 -9.83 59.90 -6.16
C LYS C 68 -9.01 61.08 -5.68
N ASN C 69 -7.97 61.43 -6.44
CA ASN C 69 -7.10 62.55 -6.09
C ASN C 69 -6.61 63.26 -7.36
N GLY C 70 -7.56 63.71 -8.16
CA GLY C 70 -7.23 64.44 -9.39
C GLY C 70 -6.74 63.56 -10.52
N GLU C 71 -6.19 64.22 -11.54
CA GLU C 71 -5.68 63.54 -12.72
C GLU C 71 -4.40 62.80 -12.40
N GLY C 72 -4.22 61.67 -13.06
CA GLY C 72 -2.98 60.92 -12.94
C GLY C 72 -3.24 59.45 -13.19
N PRO C 73 -2.17 58.65 -13.14
CA PRO C 73 -2.30 57.19 -13.24
C PRO C 73 -3.16 56.61 -12.11
N SER C 74 -3.58 55.36 -12.29
CA SER C 74 -4.44 54.68 -11.34
C SER C 74 -3.76 53.34 -10.96
N VAL C 75 -3.71 53.06 -9.66
CA VAL C 75 -3.12 51.83 -9.12
C VAL C 75 -4.22 51.10 -8.34
N ALA C 76 -4.44 49.82 -8.65
CA ALA C 76 -5.29 48.99 -7.77
C ALA C 76 -4.43 48.10 -6.86
N PHE C 77 -4.93 47.82 -5.66
CA PHE C 77 -4.26 46.87 -4.79
C PHE C 77 -5.29 45.94 -4.19
N ARG C 78 -5.00 44.63 -4.21
CA ARG C 78 -5.92 43.62 -3.72
C ARG C 78 -5.39 43.00 -2.42
N ALA C 79 -6.31 42.82 -1.46
CA ALA C 79 -6.04 42.05 -0.24
C ALA C 79 -7.25 41.16 0.07
N ASP C 80 -7.00 39.89 0.31
CA ASP C 80 -8.06 38.94 0.68
C ASP C 80 -8.32 38.90 2.19
N PHE C 81 -9.46 38.36 2.61
CA PHE C 81 -9.81 38.44 4.03
C PHE C 81 -10.42 37.20 4.70
N ASP C 82 -10.50 36.06 4.01
CA ASP C 82 -11.06 34.87 4.63
C ASP C 82 -10.03 34.13 5.49
N ALA C 83 -10.52 33.39 6.47
CA ALA C 83 -9.67 32.59 7.35
C ALA C 83 -9.88 31.08 7.05
N LEU C 84 -9.42 30.22 7.96
CA LEU C 84 -9.36 28.78 7.77
C LEU C 84 -9.91 28.02 8.97
N PRO C 85 -10.48 26.83 8.71
CA PRO C 85 -11.03 26.01 9.81
C PRO C 85 -9.90 25.25 10.49
N ILE C 86 -9.12 25.98 11.30
CA ILE C 86 -8.00 25.45 12.07
C ILE C 86 -8.18 26.10 13.45
N THR C 87 -8.04 25.30 14.49
CA THR C 87 -8.18 25.78 15.86
C THR C 87 -6.93 26.55 16.25
N GLU C 88 -7.10 27.82 16.63
CA GLU C 88 -5.92 28.63 16.93
C GLU C 88 -5.14 28.07 18.12
N ASN C 89 -3.82 27.97 17.96
CA ASN C 89 -2.90 27.41 18.98
C ASN C 89 -1.59 28.24 19.03
N THR C 90 -1.74 29.57 19.01
CA THR C 90 -0.62 30.51 19.02
C THR C 90 -0.26 30.99 20.44
N GLY C 91 -1.25 30.96 21.32
CA GLY C 91 -1.09 31.58 22.66
C GLY C 91 -0.92 33.11 22.59
N LEU C 92 -1.34 33.73 21.49
CA LEU C 92 -1.25 35.19 21.38
C LEU C 92 -2.28 35.77 22.33
N ASP C 93 -2.00 36.94 22.90
CA ASP C 93 -2.94 37.56 23.83
C ASP C 93 -4.23 37.96 23.08
N TYR C 94 -4.10 38.13 21.75
CA TYR C 94 -5.23 38.47 20.89
C TYR C 94 -5.65 37.29 19.99
N SER C 95 -5.29 36.07 20.41
CA SER C 95 -5.69 34.88 19.66
C SER C 95 -7.21 34.83 19.48
N ALA C 96 -7.66 34.31 18.33
CA ALA C 96 -9.07 33.96 18.21
C ALA C 96 -9.40 32.90 19.27
N ASP C 97 -10.66 32.84 19.67
CA ASP C 97 -11.13 31.84 20.59
C ASP C 97 -10.93 30.43 20.00
N PRO C 98 -10.20 29.56 20.72
CA PRO C 98 -10.01 28.19 20.22
C PRO C 98 -11.36 27.49 20.04
N GLU C 99 -12.38 27.93 20.75
CA GLU C 99 -13.76 27.41 20.64
C GLU C 99 -14.34 27.52 19.23
N LEU C 100 -13.92 28.55 18.49
CA LEU C 100 -14.40 28.83 17.12
C LEU C 100 -13.96 27.75 16.13
N GLY C 101 -12.80 27.13 16.37
CA GLY C 101 -12.22 26.19 15.41
C GLY C 101 -11.89 26.89 14.08
N MET C 102 -11.58 28.19 14.18
CA MET C 102 -11.23 29.05 13.05
C MET C 102 -10.01 29.89 13.41
N MET C 103 -9.18 30.19 12.41
CA MET C 103 -7.94 30.95 12.68
C MET C 103 -7.50 31.62 11.39
N HIS C 104 -6.95 32.83 11.50
CA HIS C 104 -6.26 33.45 10.36
C HIS C 104 -4.86 32.87 10.15
N ALA C 105 -4.84 31.55 9.89
CA ALA C 105 -3.60 30.78 9.67
C ALA C 105 -2.86 31.09 8.37
N CYS C 106 -3.35 32.02 7.57
CA CYS C 106 -2.66 32.44 6.37
C CYS C 106 -2.32 33.95 6.31
N GLY C 107 -2.57 34.67 7.39
CA GLY C 107 -2.26 36.11 7.46
C GLY C 107 -3.22 37.01 6.70
N HIS C 108 -4.40 36.53 6.35
CA HIS C 108 -5.30 37.42 5.55
C HIS C 108 -5.77 38.67 6.31
N ASP C 109 -5.86 38.55 7.63
CA ASP C 109 -6.13 39.69 8.52
C ASP C 109 -5.00 40.74 8.42
N LEU C 110 -3.76 40.27 8.31
CA LEU C 110 -2.62 41.17 8.11
C LEU C 110 -2.67 41.83 6.73
N HIS C 111 -3.04 41.08 5.69
CA HIS C 111 -3.12 41.65 4.34
C HIS C 111 -4.17 42.76 4.36
N THR C 112 -5.30 42.45 4.97
CA THR C 112 -6.44 43.38 5.04
C THR C 112 -6.07 44.70 5.76
N THR C 113 -5.41 44.53 6.90
CA THR C 113 -5.02 45.70 7.72
C THR C 113 -3.93 46.54 7.04
N ALA C 114 -2.97 45.88 6.40
CA ALA C 114 -1.98 46.56 5.54
C ALA C 114 -2.67 47.46 4.54
N LEU C 115 -3.67 46.92 3.83
CA LEU C 115 -4.35 47.66 2.77
C LEU C 115 -5.15 48.85 3.37
N LEU C 116 -5.83 48.61 4.47
CA LEU C 116 -6.62 49.68 5.11
C LEU C 116 -5.69 50.78 5.62
N GLY C 117 -4.51 50.39 6.11
CA GLY C 117 -3.47 51.36 6.55
C GLY C 117 -2.94 52.23 5.43
N ALA C 118 -2.65 51.60 4.28
CA ALA C 118 -2.19 52.31 3.08
C ALA C 118 -3.28 53.26 2.55
N VAL C 119 -4.52 52.76 2.48
CA VAL C 119 -5.67 53.59 2.07
C VAL C 119 -5.76 54.85 2.97
N ARG C 120 -5.62 54.67 4.28
CA ARG C 120 -5.67 55.78 5.23
C ARG C 120 -4.56 56.79 4.97
N ALA C 121 -3.35 56.28 4.76
CA ALA C 121 -2.20 57.16 4.49
C ALA C 121 -2.46 58.01 3.24
N LEU C 122 -2.98 57.38 2.20
CA LEU C 122 -3.25 58.05 0.94
C LEU C 122 -4.37 59.10 1.11
N VAL C 123 -5.43 58.72 1.83
CA VAL C 123 -6.56 59.62 2.03
C VAL C 123 -6.15 60.85 2.84
N GLU C 124 -5.29 60.64 3.85
CA GLU C 124 -4.91 61.74 4.75
C GLU C 124 -3.75 62.60 4.23
N ASN C 125 -3.16 62.19 3.10
CA ASN C 125 -1.98 62.88 2.54
C ASN C 125 -2.08 63.12 1.04
N LYS C 126 -3.23 63.64 0.59
CA LYS C 126 -3.45 63.85 -0.83
C LYS C 126 -2.52 64.90 -1.43
N ASP C 127 -1.88 65.67 -0.55
CA ASP C 127 -0.89 66.69 -0.93
C ASP C 127 0.38 66.04 -1.49
N LEU C 128 0.57 64.75 -1.19
CA LEU C 128 1.79 64.01 -1.51
C LEU C 128 1.69 63.13 -2.77
N TRP C 129 0.49 63.02 -3.34
CA TRP C 129 0.30 62.22 -4.55
C TRP C 129 -0.73 62.76 -5.55
N SER C 130 -0.86 62.11 -6.71
CA SER C 130 -1.84 62.51 -7.73
C SER C 130 -2.32 61.27 -8.49
N GLY C 131 -3.62 61.20 -8.72
CA GLY C 131 -4.21 60.10 -9.49
C GLY C 131 -5.28 59.39 -8.71
N THR C 132 -5.35 58.07 -8.91
CA THR C 132 -6.43 57.26 -8.39
C THR C 132 -5.78 56.00 -7.77
N PHE C 133 -6.31 55.59 -6.62
CA PHE C 133 -5.96 54.32 -5.99
C PHE C 133 -7.25 53.54 -5.76
N ILE C 134 -7.25 52.25 -6.09
CA ILE C 134 -8.42 51.41 -5.91
C ILE C 134 -8.06 50.32 -4.88
N ALA C 135 -8.76 50.30 -3.74
CA ALA C 135 -8.60 49.24 -2.74
C ALA C 135 -9.58 48.10 -3.06
N VAL C 136 -9.05 46.90 -3.28
CA VAL C 136 -9.87 45.74 -3.61
C VAL C 136 -9.78 44.73 -2.45
N HIS C 137 -10.86 44.62 -1.70
CA HIS C 137 -10.94 43.68 -0.61
C HIS C 137 -11.73 42.44 -1.05
N GLN C 138 -10.99 41.35 -1.18
CA GLN C 138 -11.53 40.11 -1.77
C GLN C 138 -11.88 39.03 -0.73
N PRO C 139 -13.08 38.42 -0.82
CA PRO C 139 -13.40 37.29 0.05
C PRO C 139 -12.90 35.99 -0.55
N GLY C 140 -13.02 34.91 0.21
CA GLY C 140 -13.05 33.54 -0.37
C GLY C 140 -11.84 33.10 -1.19
N GLU C 141 -10.67 33.55 -0.79
CA GLU C 141 -9.46 33.17 -1.49
C GLU C 141 -9.04 31.69 -1.25
N GLU C 142 -9.42 31.09 -0.12
CA GLU C 142 -8.94 29.72 0.26
C GLU C 142 -9.78 28.64 -0.42
N GLY C 143 -9.72 28.65 -1.75
CA GLY C 143 -10.50 27.74 -2.60
C GLY C 143 -11.99 28.01 -2.61
N GLY C 144 -12.38 29.25 -2.27
CA GLY C 144 -13.79 29.64 -2.20
C GLY C 144 -14.34 30.20 -3.51
N GLY C 145 -13.46 30.43 -4.48
CA GLY C 145 -13.85 31.08 -5.75
C GLY C 145 -14.12 32.57 -5.59
N GLY C 146 -13.55 33.21 -4.58
CA GLY C 146 -13.84 34.62 -4.28
C GLY C 146 -13.49 35.61 -5.40
N ALA C 147 -12.32 35.44 -6.05
CA ALA C 147 -11.96 36.39 -7.10
C ALA C 147 -12.94 36.24 -8.25
N ARG C 148 -13.27 34.99 -8.61
CA ARG C 148 -14.29 34.77 -9.65
C ARG C 148 -15.65 35.35 -9.25
N HIS C 149 -16.00 35.29 -7.96
CA HIS C 149 -17.28 35.84 -7.49
C HIS C 149 -17.34 37.34 -7.75
N MET C 150 -16.25 38.04 -7.43
CA MET C 150 -16.19 39.48 -7.71
C MET C 150 -16.29 39.81 -9.20
N VAL C 151 -15.49 39.12 -10.01
CA VAL C 151 -15.51 39.30 -11.48
C VAL C 151 -16.91 39.01 -12.06
N ASP C 152 -17.56 37.95 -11.60
CA ASP C 152 -18.91 37.60 -12.10
C ASP C 152 -19.98 38.55 -11.62
N ASP C 153 -19.69 39.23 -10.50
CA ASP C 153 -20.61 40.25 -9.99
C ASP C 153 -20.30 41.65 -10.55
N GLY C 154 -19.67 41.66 -11.74
CA GLY C 154 -19.47 42.87 -12.53
C GLY C 154 -18.37 43.81 -12.07
N LEU C 155 -17.33 43.28 -11.42
CA LEU C 155 -16.22 44.13 -11.01
C LEU C 155 -15.70 45.07 -12.10
N ALA C 156 -15.44 44.54 -13.28
CA ALA C 156 -14.87 45.37 -14.35
C ALA C 156 -15.84 46.42 -14.94
N GLU C 157 -17.15 46.15 -14.81
CA GLU C 157 -18.19 47.09 -15.25
C GLU C 157 -18.49 48.13 -14.18
N LYS C 158 -18.41 47.73 -12.91
CA LYS C 158 -18.72 48.64 -11.81
C LYS C 158 -17.59 49.57 -11.45
N ILE C 159 -16.36 49.11 -11.63
CA ILE C 159 -15.18 49.86 -11.21
C ILE C 159 -14.26 50.05 -12.41
N ALA C 160 -13.94 51.32 -12.70
CA ALA C 160 -13.05 51.63 -13.83
C ALA C 160 -11.67 51.02 -13.62
N ALA C 161 -11.11 50.41 -14.66
CA ALA C 161 -9.78 49.80 -14.60
C ALA C 161 -8.68 50.77 -14.12
N PRO C 162 -7.70 50.25 -13.38
CA PRO C 162 -6.51 51.03 -13.06
C PRO C 162 -5.53 50.90 -14.23
N ASP C 163 -4.32 51.43 -14.08
CA ASP C 163 -3.28 51.22 -15.08
C ASP C 163 -2.46 49.96 -14.76
N VAL C 164 -2.32 49.71 -13.46
CA VAL C 164 -1.60 48.53 -12.92
C VAL C 164 -2.38 48.00 -11.71
N CYS C 165 -2.13 46.74 -11.36
CA CYS C 165 -2.81 46.10 -10.24
C CYS C 165 -1.81 45.23 -9.49
N PHE C 166 -1.79 45.35 -8.16
CA PHE C 166 -0.81 44.62 -7.33
C PHE C 166 -1.50 43.86 -6.21
N ALA C 167 -0.80 42.87 -5.67
CA ALA C 167 -1.21 42.20 -4.43
C ALA C 167 0.05 41.68 -3.74
N GLN C 168 -0.06 41.29 -2.48
CA GLN C 168 1.05 40.69 -1.77
C GLN C 168 0.56 39.61 -0.81
N HIS C 169 1.48 38.81 -0.31
CA HIS C 169 1.16 37.76 0.66
C HIS C 169 2.26 37.62 1.68
N VAL C 170 1.88 37.57 2.95
CA VAL C 170 2.83 37.31 4.04
C VAL C 170 3.16 35.83 4.17
N PHE C 171 4.42 35.53 4.51
CA PHE C 171 4.77 34.15 4.84
C PHE C 171 6.05 34.07 5.65
N ASN C 172 6.48 32.85 5.94
CA ASN C 172 7.65 32.64 6.79
C ASN C 172 8.86 32.57 5.85
N GLU C 173 9.39 33.75 5.51
CA GLU C 173 10.36 33.85 4.43
C GLU C 173 11.66 34.56 4.89
N ASP C 174 12.75 34.22 4.22
CA ASP C 174 14.03 34.95 4.32
C ASP C 174 14.13 35.92 3.14
N PRO C 175 14.71 37.11 3.36
CA PRO C 175 15.21 37.60 4.65
C PRO C 175 14.07 38.02 5.59
N ALA C 176 14.30 37.91 6.90
CA ALA C 176 13.35 38.36 7.91
C ALA C 176 12.85 39.76 7.61
N PHE C 177 11.51 39.90 7.58
CA PHE C 177 10.81 41.16 7.36
C PHE C 177 11.07 41.84 5.99
N GLY C 178 11.70 41.09 5.09
CA GLY C 178 12.00 41.53 3.74
C GLY C 178 10.96 41.14 2.68
N TYR C 179 11.27 41.40 1.42
CA TYR C 179 10.33 41.23 0.33
C TYR C 179 10.91 40.32 -0.73
N VAL C 180 10.05 39.51 -1.33
CA VAL C 180 10.49 38.54 -2.33
C VAL C 180 9.68 38.66 -3.62
N PHE C 181 10.36 38.59 -4.77
CA PHE C 181 9.74 38.82 -6.07
C PHE C 181 10.13 37.73 -7.07
N THR C 182 9.19 37.38 -7.94
CA THR C 182 9.45 36.44 -9.03
C THR C 182 8.84 36.94 -10.34
N PRO C 183 9.68 37.32 -11.32
CA PRO C 183 9.12 37.67 -12.63
C PRO C 183 8.64 36.40 -13.32
N GLY C 184 7.62 36.48 -14.17
CA GLY C 184 7.13 35.29 -14.83
C GLY C 184 6.36 34.40 -13.83
N ARG C 185 6.44 33.09 -14.03
CA ARG C 185 5.64 32.17 -13.20
C ARG C 185 6.09 32.28 -11.75
N PHE C 186 5.13 32.63 -10.91
CA PHE C 186 5.36 32.83 -9.49
C PHE C 186 4.78 31.67 -8.66
N LEU C 187 3.65 31.12 -9.10
CA LEU C 187 2.95 30.13 -8.28
C LEU C 187 2.58 28.94 -9.17
N THR C 188 1.77 28.02 -8.65
CA THR C 188 1.36 26.81 -9.38
C THR C 188 -0.14 26.84 -9.66
N ALA C 189 -0.55 26.14 -10.72
CA ALA C 189 -1.96 25.89 -10.98
C ALA C 189 -2.50 24.93 -9.91
N ALA C 190 -3.71 25.17 -9.41
CA ALA C 190 -4.26 24.27 -8.37
C ALA C 190 -5.70 23.86 -8.69
N SER C 191 -6.13 22.78 -8.04
CA SER C 191 -7.55 22.42 -7.95
C SER C 191 -7.86 21.86 -6.58
N ASN C 192 -9.14 21.86 -6.25
CA ASN C 192 -9.65 21.35 -4.99
C ASN C 192 -10.92 20.61 -5.27
N TRP C 193 -10.97 19.39 -4.74
CA TRP C 193 -12.09 18.47 -4.92
C TRP C 193 -12.49 17.80 -3.63
N ARG C 194 -13.76 17.39 -3.57
CA ARG C 194 -14.13 16.33 -2.62
C ARG C 194 -14.38 15.07 -3.41
N ILE C 195 -13.95 13.94 -2.89
CA ILE C 195 -14.13 12.67 -3.59
C ILE C 195 -14.92 11.74 -2.67
N HIS C 196 -16.07 11.27 -3.14
CA HIS C 196 -16.95 10.48 -2.29
C HIS C 196 -16.89 9.02 -2.73
N ILE C 197 -16.44 8.15 -1.81
CA ILE C 197 -16.36 6.71 -2.09
C ILE C 197 -17.55 6.03 -1.42
N HIS C 198 -18.39 5.38 -2.24
CA HIS C 198 -19.62 4.77 -1.74
C HIS C 198 -19.53 3.25 -1.75
N GLY C 199 -19.42 2.66 -0.57
CA GLY C 199 -19.32 1.21 -0.45
C GLY C 199 -20.65 0.65 0.00
N GLU C 200 -20.58 -0.52 0.63
CA GLU C 200 -21.75 -1.18 1.20
C GLU C 200 -21.40 -1.55 2.63
N GLY C 201 -22.11 -0.95 3.58
CA GLY C 201 -21.81 -1.14 5.01
C GLY C 201 -22.30 -2.44 5.63
N GLY C 202 -21.96 -2.64 6.90
CA GLY C 202 -22.43 -3.82 7.60
C GLY C 202 -21.78 -3.92 8.94
N HIS C 203 -21.80 -5.14 9.47
CA HIS C 203 -21.28 -5.42 10.80
C HIS C 203 -19.78 -5.64 10.71
N GLY C 204 -19.06 -5.10 11.71
CA GLY C 204 -17.60 -5.20 11.75
C GLY C 204 -17.03 -6.61 11.71
N SER C 205 -17.82 -7.60 12.13
CA SER C 205 -17.37 -9.01 12.16
C SER C 205 -17.74 -9.83 10.92
N ARG C 206 -18.38 -9.18 9.96
CA ARG C 206 -18.87 -9.83 8.74
C ARG C 206 -18.47 -9.01 7.50
N PRO C 207 -17.14 -8.78 7.31
CA PRO C 207 -16.67 -7.93 6.22
C PRO C 207 -16.98 -8.52 4.85
N HIS C 208 -17.12 -9.84 4.77
CA HIS C 208 -17.40 -10.51 3.50
C HIS C 208 -18.79 -10.15 2.95
N LEU C 209 -19.64 -9.59 3.78
CA LEU C 209 -20.99 -9.17 3.38
C LEU C 209 -21.07 -7.65 3.11
N THR C 210 -19.89 -7.02 3.01
CA THR C 210 -19.77 -5.56 2.85
C THR C 210 -18.87 -5.27 1.67
N LYS C 211 -18.86 -4.02 1.26
CA LYS C 211 -17.76 -3.51 0.48
C LYS C 211 -17.20 -2.33 1.27
N ASP C 212 -15.99 -2.52 1.81
CA ASP C 212 -15.48 -1.70 2.93
C ASP C 212 -14.81 -0.45 2.37
N PRO C 213 -15.46 0.73 2.51
CA PRO C 213 -14.93 1.90 1.81
C PRO C 213 -13.73 2.51 2.51
N ILE C 214 -13.51 2.14 3.79
CA ILE C 214 -12.34 2.65 4.50
C ILE C 214 -11.07 2.01 3.94
N VAL C 215 -11.10 0.69 3.76
CA VAL C 215 -9.98 0.00 3.13
C VAL C 215 -9.74 0.54 1.70
N VAL C 216 -10.82 0.75 0.95
CA VAL C 216 -10.67 1.33 -0.39
C VAL C 216 -10.06 2.75 -0.33
N ALA C 217 -10.58 3.60 0.55
CA ALA C 217 -10.07 4.96 0.71
C ALA C 217 -8.55 4.95 1.03
N ALA C 218 -8.14 4.03 1.90
CA ALA C 218 -6.72 3.90 2.28
C ALA C 218 -5.88 3.52 1.07
N SER C 219 -6.40 2.56 0.30
CA SER C 219 -5.72 2.09 -0.89
C SER C 219 -5.60 3.24 -1.94
N ILE C 220 -6.67 4.02 -2.08
CA ILE C 220 -6.64 5.22 -2.93
C ILE C 220 -5.57 6.26 -2.52
N ILE C 221 -5.58 6.64 -1.24
CA ILE C 221 -4.63 7.67 -0.78
C ILE C 221 -3.19 7.19 -1.08
N THR C 222 -2.91 5.92 -0.82
CA THR C 222 -1.59 5.36 -1.10
C THR C 222 -1.27 5.40 -2.61
N LYS C 223 -2.19 4.89 -3.42
CA LYS C 223 -1.92 4.89 -4.86
C LYS C 223 -1.76 6.27 -5.49
N LEU C 224 -2.49 7.27 -4.97
CA LEU C 224 -2.37 8.67 -5.43
C LEU C 224 -0.92 9.20 -5.37
N GLN C 225 -0.13 8.65 -4.44
CA GLN C 225 1.27 9.07 -4.27
C GLN C 225 2.10 8.83 -5.54
N THR C 226 1.72 7.81 -6.31
CA THR C 226 2.38 7.49 -7.57
C THR C 226 2.24 8.55 -8.69
N ILE C 227 1.27 9.47 -8.56
CA ILE C 227 1.15 10.49 -9.60
C ILE C 227 2.43 11.35 -9.57
N VAL C 228 2.75 11.86 -8.38
CA VAL C 228 3.93 12.70 -8.24
C VAL C 228 5.21 11.84 -8.29
N SER C 229 5.19 10.64 -7.72
CA SER C 229 6.41 9.82 -7.61
C SER C 229 6.82 9.08 -8.91
N ARG C 230 5.88 8.87 -9.84
CA ARG C 230 6.18 8.05 -11.04
C ARG C 230 5.67 8.67 -12.34
N GLU C 231 4.61 9.44 -12.27
CA GLU C 231 3.94 9.91 -13.51
C GLU C 231 4.34 11.29 -14.01
N VAL C 232 4.91 12.12 -13.14
CA VAL C 232 5.27 13.50 -13.47
C VAL C 232 6.78 13.60 -13.67
N ASP C 233 7.20 14.35 -14.69
CA ASP C 233 8.62 14.58 -14.96
C ASP C 233 9.27 15.09 -13.64
N PRO C 234 10.35 14.41 -13.17
CA PRO C 234 11.02 14.88 -11.92
C PRO C 234 11.44 16.36 -11.97
N ASN C 235 11.67 16.91 -13.18
CA ASN C 235 12.05 18.33 -13.29
C ASN C 235 10.88 19.31 -13.17
N GLU C 236 9.66 18.78 -13.17
CA GLU C 236 8.46 19.60 -13.05
C GLU C 236 8.06 19.74 -11.59
N VAL C 237 7.03 20.53 -11.32
CA VAL C 237 6.50 20.62 -9.95
C VAL C 237 5.05 20.11 -9.97
N ALA C 238 4.76 19.17 -9.08
CA ALA C 238 3.39 18.63 -8.93
C ALA C 238 3.18 18.22 -7.45
N VAL C 239 1.95 18.32 -6.99
CA VAL C 239 1.58 17.93 -5.61
C VAL C 239 0.20 17.31 -5.68
N VAL C 240 -0.02 16.21 -4.95
CA VAL C 240 -1.37 15.77 -4.66
C VAL C 240 -1.45 15.60 -3.15
N THR C 241 -2.22 16.47 -2.52
CA THR C 241 -2.47 16.37 -1.08
C THR C 241 -3.88 15.90 -0.79
N VAL C 242 -4.01 14.96 0.15
CA VAL C 242 -5.32 14.61 0.65
C VAL C 242 -5.42 15.28 2.01
N GLY C 243 -6.11 16.42 2.07
CA GLY C 243 -6.11 17.25 3.27
C GLY C 243 -7.18 16.85 4.29
N SER C 244 -8.15 16.04 3.88
CA SER C 244 -9.20 15.59 4.82
C SER C 244 -9.71 14.21 4.47
N ILE C 245 -10.18 13.51 5.49
CA ILE C 245 -10.80 12.22 5.30
C ILE C 245 -11.83 12.05 6.41
N GLU C 246 -12.98 11.47 6.05
CA GLU C 246 -14.01 11.25 7.06
C GLU C 246 -14.91 10.12 6.61
N GLY C 247 -15.12 9.16 7.48
CA GLY C 247 -16.11 8.10 7.21
C GLY C 247 -16.34 7.26 8.44
N GLY C 248 -17.58 6.81 8.65
CA GLY C 248 -17.91 5.96 9.78
C GLY C 248 -18.04 6.69 11.12
N LYS C 249 -18.66 6.00 12.08
CA LYS C 249 -18.76 6.50 13.44
C LYS C 249 -18.39 5.37 14.42
N SER C 250 -19.13 4.28 14.38
CA SER C 250 -18.88 3.21 15.38
C SER C 250 -17.68 2.38 14.98
N THR C 251 -16.83 2.02 15.93
CA THR C 251 -15.66 1.21 15.64
C THR C 251 -16.00 -0.18 15.07
N ASN C 252 -17.19 -0.71 15.44
CA ASN C 252 -17.57 -2.09 15.14
C ASN C 252 -18.55 -2.23 13.97
N SER C 253 -18.63 -1.18 13.16
CA SER C 253 -19.47 -1.20 11.96
C SER C 253 -18.60 -0.81 10.79
N ILE C 254 -18.95 -1.30 9.63
CA ILE C 254 -18.31 -0.90 8.38
C ILE C 254 -19.27 0.10 7.73
N PRO C 255 -18.82 1.33 7.51
CA PRO C 255 -19.70 2.40 7.01
C PRO C 255 -19.96 2.29 5.49
N TYR C 256 -20.83 3.17 4.98
CA TYR C 256 -21.20 3.18 3.59
C TYR C 256 -20.35 4.14 2.76
N THR C 257 -19.93 5.26 3.36
CA THR C 257 -19.31 6.36 2.58
C THR C 257 -18.06 6.87 3.29
N VAL C 258 -17.03 7.15 2.50
CA VAL C 258 -15.83 7.86 2.97
C VAL C 258 -15.65 9.05 2.04
N THR C 259 -15.37 10.24 2.60
CA THR C 259 -15.17 11.43 1.81
C THR C 259 -13.72 11.85 1.94
N LEU C 260 -13.10 12.09 0.81
CA LEU C 260 -11.74 12.62 0.75
C LEU C 260 -11.72 14.05 0.27
N GLY C 261 -10.89 14.89 0.90
CA GLY C 261 -10.71 16.27 0.49
C GLY C 261 -9.33 16.34 -0.18
N VAL C 262 -9.32 16.71 -1.45
CA VAL C 262 -8.12 16.58 -2.30
C VAL C 262 -7.71 17.91 -2.94
N ASN C 263 -6.39 18.17 -2.91
CA ASN C 263 -5.81 19.38 -3.45
C ASN C 263 -4.68 18.98 -4.44
N THR C 264 -4.63 19.65 -5.59
CA THR C 264 -3.55 19.37 -6.56
C THR C 264 -2.78 20.65 -6.84
N ARG C 265 -1.54 20.48 -7.27
CA ARG C 265 -0.71 21.60 -7.73
C ARG C 265 0.08 21.11 -8.94
N ALA C 266 0.32 22.03 -9.90
CA ALA C 266 1.18 21.73 -11.07
C ALA C 266 1.73 23.02 -11.67
N SER C 267 2.87 22.90 -12.36
CA SER C 267 3.54 24.05 -12.92
C SER C 267 2.72 24.79 -14.00
N ASN C 268 1.82 24.08 -14.70
CA ASN C 268 1.06 24.67 -15.80
C ASN C 268 -0.33 24.02 -15.96
N ASP C 269 -1.21 24.60 -16.78
CA ASP C 269 -2.60 24.08 -16.94
C ASP C 269 -2.67 22.66 -17.45
N GLU C 270 -1.84 22.32 -18.43
CA GLU C 270 -1.85 21.00 -19.06
C GLU C 270 -1.50 19.93 -18.02
N LEU C 271 -0.45 20.20 -17.25
CA LEU C 271 -0.03 19.25 -16.21
C LEU C 271 -1.05 19.22 -15.06
N SER C 272 -1.65 20.37 -14.72
CA SER C 272 -2.76 20.37 -13.73
C SER C 272 -3.92 19.45 -14.16
N GLU C 273 -4.32 19.55 -15.44
CA GLU C 273 -5.37 18.64 -15.95
C GLU C 273 -4.92 17.18 -15.93
N TYR C 274 -3.66 16.95 -16.30
CA TYR C 274 -3.06 15.60 -16.26
C TYR C 274 -3.21 14.99 -14.86
N VAL C 275 -2.77 15.74 -13.85
CA VAL C 275 -2.83 15.27 -12.45
C VAL C 275 -4.29 14.96 -12.04
N GLN C 276 -5.21 15.87 -12.34
CA GLN C 276 -6.62 15.64 -11.98
C GLN C 276 -7.19 14.42 -12.68
N ASN C 277 -6.86 14.25 -13.96
CA ASN C 277 -7.34 13.08 -14.71
C ASN C 277 -6.73 11.77 -14.19
N ALA C 278 -5.48 11.83 -13.70
CA ALA C 278 -4.80 10.67 -13.08
C ALA C 278 -5.49 10.30 -11.78
N ILE C 279 -5.90 11.32 -11.03
CA ILE C 279 -6.65 11.08 -9.78
C ILE C 279 -7.93 10.30 -10.07
N LYS C 280 -8.66 10.74 -11.10
CA LYS C 280 -9.92 10.11 -11.44
C LYS C 280 -9.64 8.67 -11.87
N ARG C 281 -8.62 8.45 -12.69
CA ARG C 281 -8.27 7.11 -13.18
C ARG C 281 -7.99 6.19 -11.99
N ILE C 282 -7.18 6.70 -11.05
CA ILE C 282 -6.84 5.87 -9.88
C ILE C 282 -8.04 5.53 -8.98
N VAL C 283 -8.86 6.52 -8.69
CA VAL C 283 -10.02 6.34 -7.81
C VAL C 283 -10.98 5.34 -8.45
N ILE C 284 -11.26 5.49 -9.75
CA ILE C 284 -12.13 4.52 -10.46
C ILE C 284 -11.57 3.07 -10.42
N ALA C 285 -10.30 2.91 -10.76
CA ALA C 285 -9.64 1.62 -10.72
C ALA C 285 -9.61 1.02 -9.31
N GLU C 286 -9.37 1.85 -8.29
CA GLU C 286 -9.34 1.27 -6.93
C GLU C 286 -10.73 0.76 -6.51
N CYS C 287 -11.77 1.48 -6.93
CA CYS C 287 -13.13 1.02 -6.65
C CYS C 287 -13.41 -0.32 -7.40
N GLN C 288 -12.99 -0.40 -8.66
CA GLN C 288 -13.11 -1.60 -9.48
C GLN C 288 -12.35 -2.78 -8.84
N ALA C 289 -11.13 -2.53 -8.35
CA ALA C 289 -10.34 -3.58 -7.68
C ALA C 289 -11.12 -4.19 -6.49
N ALA C 290 -11.91 -3.38 -5.80
CA ALA C 290 -12.62 -3.84 -4.62
C ALA C 290 -14.00 -4.41 -4.97
N GLY C 291 -14.42 -4.28 -6.23
CA GLY C 291 -15.77 -4.70 -6.62
C GLY C 291 -16.90 -3.75 -6.16
N ILE C 292 -16.56 -2.49 -5.86
CA ILE C 292 -17.56 -1.50 -5.48
C ILE C 292 -18.45 -1.21 -6.70
N GLU C 293 -19.77 -1.17 -6.47
CA GLU C 293 -20.75 -1.03 -7.55
C GLU C 293 -21.11 0.41 -7.84
N GLN C 294 -21.10 1.28 -6.82
CA GLN C 294 -21.46 2.69 -7.02
C GLN C 294 -20.27 3.48 -7.56
N GLU C 295 -20.49 4.29 -8.59
CA GLU C 295 -19.39 5.08 -9.14
C GLU C 295 -18.94 6.10 -8.07
N PRO C 296 -17.61 6.27 -7.91
CA PRO C 296 -17.18 7.31 -6.95
C PRO C 296 -17.58 8.68 -7.49
N GLU C 297 -17.90 9.63 -6.61
CA GLU C 297 -18.32 10.97 -7.07
C GLU C 297 -17.19 11.93 -6.92
N PHE C 298 -16.97 12.77 -7.93
CA PHE C 298 -15.92 13.78 -7.89
C PHE C 298 -16.60 15.13 -7.86
N GLU C 299 -16.50 15.78 -6.70
CA GLU C 299 -17.16 17.05 -6.49
C GLU C 299 -16.15 18.20 -6.61
N TYR C 300 -16.22 18.92 -7.72
CA TYR C 300 -15.35 20.09 -7.93
C TYR C 300 -15.61 21.24 -6.95
N LEU C 301 -14.55 21.76 -6.33
CA LEU C 301 -14.67 22.92 -5.44
C LEU C 301 -14.17 24.21 -6.04
N ASP C 302 -12.96 24.16 -6.58
CA ASP C 302 -12.31 25.33 -7.13
C ASP C 302 -11.09 24.90 -7.94
N SER C 303 -10.64 25.82 -8.80
CA SER C 303 -9.37 25.68 -9.52
C SER C 303 -8.87 27.07 -9.88
N VAL C 304 -7.55 27.17 -10.02
CA VAL C 304 -6.89 28.40 -10.44
C VAL C 304 -5.72 28.08 -11.41
N PRO C 305 -5.41 28.97 -12.35
CA PRO C 305 -4.18 28.79 -13.12
C PRO C 305 -2.97 29.27 -12.32
N ALA C 306 -1.76 28.91 -12.77
CA ALA C 306 -0.51 29.42 -12.16
C ALA C 306 -0.42 30.97 -12.29
N VAL C 307 -0.10 31.64 -11.19
CA VAL C 307 0.09 33.10 -11.23
C VAL C 307 1.37 33.43 -12.03
N ILE C 308 1.20 34.24 -13.07
CA ILE C 308 2.30 34.77 -13.88
C ILE C 308 2.41 36.29 -13.70
N ASN C 309 3.50 36.73 -13.09
CA ASN C 309 3.82 38.13 -12.91
C ASN C 309 4.37 38.80 -14.17
N ASP C 310 3.83 39.95 -14.54
CA ASP C 310 4.37 40.72 -15.69
C ASP C 310 5.89 40.90 -15.52
N GLU C 311 6.67 40.47 -16.51
CA GLU C 311 8.14 40.51 -16.36
C GLU C 311 8.69 41.93 -16.17
N ASP C 312 8.35 42.86 -17.07
CA ASP C 312 8.86 44.25 -17.01
C ASP C 312 8.44 44.92 -15.71
N LEU C 313 7.17 44.76 -15.34
CA LEU C 313 6.66 45.39 -14.12
C LEU C 313 7.30 44.82 -12.85
N THR C 314 7.58 43.52 -12.84
CA THR C 314 8.27 42.93 -11.69
C THR C 314 9.67 43.53 -11.51
N GLU C 315 10.39 43.64 -12.61
CA GLU C 315 11.71 44.28 -12.58
C GLU C 315 11.61 45.73 -12.08
N GLN C 316 10.62 46.47 -12.59
CA GLN C 316 10.40 47.85 -12.16
C GLN C 316 10.14 47.92 -10.65
N LEU C 317 9.30 47.02 -10.15
CA LEU C 317 9.06 46.96 -8.70
C LEU C 317 10.28 46.55 -7.90
N MET C 318 11.04 45.54 -8.35
CA MET C 318 12.22 45.14 -7.62
C MET C 318 13.21 46.31 -7.52
N ALA C 319 13.38 47.03 -8.61
CA ALA C 319 14.29 48.22 -8.61
C ALA C 319 13.81 49.30 -7.61
N GLN C 320 12.49 49.55 -7.60
CA GLN C 320 11.86 50.50 -6.68
C GLN C 320 12.00 50.08 -5.20
N PHE C 321 11.77 48.80 -4.90
CA PHE C 321 11.91 48.30 -3.53
C PHE C 321 13.35 48.32 -3.03
N ARG C 322 14.28 47.98 -3.92
CA ARG C 322 15.71 47.97 -3.59
C ARG C 322 16.15 49.40 -3.30
N GLU C 323 15.71 50.33 -4.14
CA GLU C 323 15.98 51.79 -3.94
C GLU C 323 15.49 52.25 -2.57
N PHE C 324 14.20 52.05 -2.31
CA PHE C 324 13.62 52.49 -1.06
C PHE C 324 14.08 51.75 0.18
N PHE C 325 14.14 50.41 0.13
CA PHE C 325 14.34 49.63 1.34
C PHE C 325 15.80 49.20 1.55
N GLY C 326 16.57 49.18 0.46
CA GLY C 326 17.93 48.66 0.48
C GLY C 326 18.01 47.41 -0.38
N GLU C 327 19.15 47.22 -1.04
CA GLU C 327 19.35 46.11 -1.98
C GLU C 327 19.09 44.72 -1.41
N ASP C 328 19.39 44.51 -0.15
CA ASP C 328 19.27 43.17 0.42
C ASP C 328 17.88 42.93 1.06
N GLN C 329 17.00 43.92 0.96
CA GLN C 329 15.65 43.87 1.55
C GLN C 329 14.58 43.41 0.57
N ALA C 330 14.93 43.42 -0.70
CA ALA C 330 14.07 42.95 -1.79
C ALA C 330 14.87 42.05 -2.70
N VAL C 331 14.52 40.77 -2.68
CA VAL C 331 15.31 39.73 -3.34
C VAL C 331 14.44 38.95 -4.32
N GLU C 332 15.07 38.49 -5.40
CA GLU C 332 14.38 37.65 -6.35
C GLU C 332 14.43 36.22 -5.84
N ILE C 333 13.30 35.51 -5.92
CA ILE C 333 13.25 34.08 -5.55
C ILE C 333 12.70 33.23 -6.68
N PRO C 334 13.03 31.93 -6.70
CA PRO C 334 12.35 31.05 -7.67
C PRO C 334 10.87 30.89 -7.24
N PRO C 335 10.00 30.42 -8.15
CA PRO C 335 8.58 30.28 -7.84
C PRO C 335 8.29 29.46 -6.59
N LEU C 336 7.20 29.82 -5.93
CA LEU C 336 6.71 29.09 -4.77
C LEU C 336 5.76 27.98 -5.25
N SER C 337 5.58 26.96 -4.44
CA SER C 337 4.66 25.87 -4.77
C SER C 337 3.18 26.17 -4.45
N GLY C 338 2.91 27.29 -3.78
CA GLY C 338 1.55 27.74 -3.49
C GLY C 338 0.78 28.19 -4.74
N SER C 339 -0.44 28.67 -4.54
CA SER C 339 -1.33 29.09 -5.65
C SER C 339 -2.14 30.30 -5.18
N GLU C 340 -2.86 30.96 -6.10
CA GLU C 340 -3.67 32.13 -5.79
C GLU C 340 -4.73 32.35 -6.85
N ASP C 341 -5.91 32.84 -6.45
CA ASP C 341 -6.96 33.16 -7.44
C ASP C 341 -6.89 34.65 -7.83
N TYR C 342 -5.97 35.38 -7.20
CA TYR C 342 -5.88 36.83 -7.43
C TYR C 342 -5.98 37.29 -8.92
N PRO C 343 -5.18 36.69 -9.83
CA PRO C 343 -5.14 37.22 -11.22
C PRO C 343 -6.48 37.34 -11.93
N PHE C 344 -7.54 36.69 -11.45
CA PHE C 344 -8.85 36.86 -12.09
C PHE C 344 -9.24 38.32 -12.08
N ILE C 345 -8.79 39.05 -11.07
CA ILE C 345 -9.09 40.48 -10.93
C ILE C 345 -8.40 41.36 -12.00
N PRO C 346 -7.03 41.43 -12.02
CA PRO C 346 -6.39 42.19 -13.13
C PRO C 346 -6.74 41.68 -14.52
N ASN C 347 -6.91 40.36 -14.68
CA ASN C 347 -7.30 39.85 -16.00
C ASN C 347 -8.67 40.31 -16.46
N ALA C 348 -9.60 40.52 -15.52
CA ALA C 348 -10.94 41.04 -15.86
C ALA C 348 -10.85 42.50 -16.34
N TRP C 349 -9.99 43.28 -15.70
CA TRP C 349 -9.73 44.66 -16.09
C TRP C 349 -8.85 44.74 -17.36
N GLY C 350 -8.12 43.67 -17.63
CA GLY C 350 -7.15 43.57 -18.72
C GLY C 350 -5.93 44.45 -18.50
N VAL C 351 -5.38 44.43 -17.29
CA VAL C 351 -4.22 45.24 -16.90
C VAL C 351 -3.01 44.42 -16.41
N PRO C 352 -1.78 44.97 -16.50
CA PRO C 352 -0.66 44.17 -16.00
C PRO C 352 -0.62 44.13 -14.47
N SER C 353 0.02 43.09 -13.91
CA SER C 353 -0.06 42.80 -12.51
C SER C 353 1.21 42.16 -12.00
N VAL C 354 1.49 42.40 -10.74
CA VAL C 354 2.55 41.74 -9.98
C VAL C 354 2.00 41.41 -8.60
N MET C 355 2.21 40.17 -8.17
CA MET C 355 2.05 39.82 -6.78
C MET C 355 3.41 39.47 -6.20
N TRP C 356 3.72 39.98 -5.01
CA TRP C 356 4.96 39.61 -4.33
C TRP C 356 4.70 39.05 -2.95
N GLY C 357 5.78 38.60 -2.30
CA GLY C 357 5.68 38.07 -0.95
C GLY C 357 6.43 38.96 0.02
N TRP C 358 6.08 38.85 1.30
CA TRP C 358 6.88 39.44 2.37
C TRP C 358 6.94 38.59 3.62
N SER C 359 8.02 38.79 4.38
CA SER C 359 8.27 38.01 5.55
C SER C 359 7.68 38.64 6.80
N GLY C 360 6.94 37.84 7.57
CA GLY C 360 6.34 38.32 8.79
C GLY C 360 7.04 37.90 10.06
N PHE C 361 8.29 37.39 9.95
CA PHE C 361 8.90 36.69 11.07
C PHE C 361 10.42 36.90 11.18
N ALA C 362 10.86 37.16 12.41
CA ALA C 362 12.30 37.34 12.71
C ALA C 362 13.09 36.07 12.41
N ALA C 363 12.43 34.90 12.54
CA ALA C 363 13.03 33.59 12.25
C ALA C 363 12.95 33.19 10.77
N GLY C 364 12.34 34.06 9.96
CA GLY C 364 12.26 33.87 8.51
C GLY C 364 11.69 32.47 8.26
N SER C 365 12.35 31.70 7.39
CA SER C 365 11.89 30.36 7.02
C SER C 365 11.87 29.34 8.15
N ASP C 366 12.47 29.66 9.30
CA ASP C 366 12.37 28.77 10.45
C ASP C 366 11.08 28.93 11.29
N ALA C 367 10.36 30.03 11.05
CA ALA C 367 9.12 30.28 11.75
C ALA C 367 8.04 29.27 11.25
N PRO C 368 6.98 29.05 12.04
CA PRO C 368 5.87 28.18 11.56
C PRO C 368 5.27 28.73 10.28
N GLY C 369 4.86 27.82 9.40
CA GLY C 369 4.43 28.21 8.07
C GLY C 369 2.91 28.44 8.01
N ASN C 370 2.49 29.00 6.89
CA ASN C 370 1.05 29.24 6.64
C ASN C 370 0.30 27.89 6.75
N HIS C 371 -0.87 27.93 7.37
CA HIS C 371 -1.77 26.78 7.58
C HIS C 371 -1.31 25.84 8.72
N THR C 372 -0.27 26.24 9.48
CA THR C 372 -0.06 25.67 10.80
C THR C 372 -0.95 26.39 11.82
N ASP C 373 -1.22 25.72 12.93
CA ASP C 373 -2.03 26.32 13.98
C ASP C 373 -1.21 27.31 14.86
N LYS C 374 0.04 27.55 14.46
CA LYS C 374 0.97 28.40 15.19
C LYS C 374 1.36 29.68 14.43
N PHE C 375 0.86 29.83 13.21
CA PHE C 375 1.21 30.95 12.34
C PHE C 375 0.78 32.28 12.95
N ALA C 376 1.77 33.12 13.28
CA ALA C 376 1.52 34.33 14.02
C ALA C 376 2.47 35.44 13.65
N PRO C 377 2.17 36.17 12.55
CA PRO C 377 3.05 37.27 12.12
C PRO C 377 3.37 38.23 13.29
N GLU C 378 4.63 38.68 13.33
CA GLU C 378 5.13 39.40 14.50
C GLU C 378 4.95 40.91 14.40
N LEU C 379 4.13 41.45 15.29
CA LEU C 379 4.00 42.91 15.42
C LEU C 379 5.20 43.46 16.22
N PRO C 380 5.64 44.70 15.89
CA PRO C 380 5.03 45.60 14.91
C PRO C 380 5.48 45.41 13.45
N ASP C 381 6.63 44.77 13.24
CA ASP C 381 7.28 44.80 11.93
C ASP C 381 6.45 44.20 10.82
N ALA C 382 5.80 43.06 11.07
CA ALA C 382 5.07 42.37 9.99
C ALA C 382 4.00 43.30 9.40
N LEU C 383 3.28 44.01 10.25
CA LEU C 383 2.26 44.93 9.77
C LEU C 383 2.88 46.17 9.13
N GLU C 384 3.92 46.74 9.74
CA GLU C 384 4.55 47.93 9.14
C GLU C 384 5.11 47.65 7.75
N ARG C 385 5.77 46.50 7.58
CA ARG C 385 6.35 46.18 6.28
C ARG C 385 5.30 45.97 5.17
N GLY C 386 4.18 45.36 5.51
CA GLY C 386 3.15 45.11 4.49
C GLY C 386 2.50 46.41 4.08
N THR C 387 2.32 47.28 5.07
CA THR C 387 1.66 48.59 4.87
C THR C 387 2.53 49.48 3.98
N GLN C 388 3.82 49.56 4.33
CA GLN C 388 4.80 50.31 3.55
C GLN C 388 4.97 49.82 2.12
N ALA C 389 4.91 48.51 1.90
CA ALA C 389 5.04 47.94 0.55
C ALA C 389 4.01 48.52 -0.38
N ILE C 390 2.79 48.70 0.09
CA ILE C 390 1.71 49.14 -0.78
C ILE C 390 2.03 50.57 -1.28
N LEU C 391 2.53 51.40 -0.37
CA LEU C 391 2.88 52.79 -0.69
C LEU C 391 4.10 52.87 -1.64
N VAL C 392 5.13 52.13 -1.30
CA VAL C 392 6.33 52.00 -2.15
C VAL C 392 5.99 51.50 -3.55
N ALA C 393 5.13 50.49 -3.66
CA ALA C 393 4.77 49.96 -4.99
C ALA C 393 3.99 50.96 -5.81
N ALA C 394 3.12 51.72 -5.15
CA ALA C 394 2.23 52.66 -5.83
C ALA C 394 2.98 53.92 -6.34
N ALA C 395 4.00 54.31 -5.58
CA ALA C 395 4.75 55.56 -5.80
C ALA C 395 5.24 55.88 -7.24
N PRO C 396 5.85 54.90 -7.95
CA PRO C 396 6.22 55.24 -9.33
C PRO C 396 5.08 55.73 -10.21
N TRP C 397 3.83 55.43 -9.85
CA TRP C 397 2.65 55.92 -10.57
C TRP C 397 2.03 57.15 -9.90
N LEU C 398 1.90 57.11 -8.58
CA LEU C 398 1.12 58.13 -7.84
C LEU C 398 1.94 59.30 -7.29
N MET C 399 3.25 59.14 -7.27
CA MET C 399 4.12 60.18 -6.72
C MET C 399 5.28 60.40 -7.69
N LYS C 400 4.98 60.38 -8.98
CA LYS C 400 6.00 60.38 -10.04
C LYS C 400 5.37 60.69 -11.40
N ASN D 5 -50.59 -24.96 29.70
CA ASN D 5 -49.90 -24.01 30.63
C ASN D 5 -49.01 -23.00 29.88
N LEU D 6 -48.07 -23.53 29.11
CA LEU D 6 -47.22 -22.70 28.25
C LEU D 6 -48.00 -22.18 27.05
N GLN D 7 -48.78 -23.06 26.43
CA GLN D 7 -49.63 -22.67 25.30
C GLN D 7 -50.68 -21.63 25.70
N LYS D 8 -51.01 -21.61 27.00
CA LYS D 8 -52.02 -20.68 27.53
C LYS D 8 -51.46 -19.29 27.77
N ILE D 9 -50.24 -19.21 28.33
CA ILE D 9 -49.53 -17.94 28.51
C ILE D 9 -49.10 -17.32 27.18
N VAL D 10 -48.80 -18.18 26.19
CA VAL D 10 -48.43 -17.75 24.84
C VAL D 10 -49.64 -17.20 24.10
N ASP D 11 -50.79 -17.86 24.25
CA ASP D 11 -52.03 -17.43 23.61
C ASP D 11 -52.56 -16.10 24.15
N SER D 12 -52.22 -15.78 25.39
CA SER D 12 -52.68 -14.55 26.05
C SER D 12 -52.04 -13.30 25.45
N LEU D 13 -51.06 -13.51 24.57
CA LEU D 13 -50.27 -12.41 23.99
C LEU D 13 -51.02 -11.64 22.93
N GLU D 14 -51.91 -12.31 22.19
CA GLU D 14 -52.72 -11.67 21.15
C GLU D 14 -53.48 -10.46 21.66
N SER D 15 -53.96 -10.53 22.90
CA SER D 15 -54.76 -9.44 23.47
C SER D 15 -53.96 -8.14 23.61
N SER D 16 -52.64 -8.25 23.73
CA SER D 16 -51.79 -7.07 23.89
C SER D 16 -50.91 -6.77 22.66
N ARG D 17 -51.08 -7.55 21.60
CA ARG D 17 -50.24 -7.42 20.39
C ARG D 17 -50.20 -6.01 19.83
N ALA D 18 -51.37 -5.39 19.69
CA ALA D 18 -51.48 -4.02 19.18
C ALA D 18 -50.64 -3.02 19.97
N GLU D 19 -50.72 -3.09 21.29
CA GLU D 19 -49.99 -2.20 22.20
C GLU D 19 -48.50 -2.50 22.23
N ARG D 20 -48.16 -3.79 22.18
CA ARG D 20 -46.77 -4.22 22.21
C ARG D 20 -46.01 -3.74 20.96
N GLU D 21 -46.65 -3.82 19.80
CA GLU D 21 -46.09 -3.30 18.56
C GLU D 21 -45.96 -1.77 18.58
N GLU D 22 -46.94 -1.07 19.12
CA GLU D 22 -46.83 0.39 19.29
C GLU D 22 -45.62 0.73 20.17
N LEU D 23 -45.40 -0.08 21.21
CA LEU D 23 -44.26 0.06 22.12
C LEU D 23 -42.93 -0.13 21.39
N TYR D 24 -42.85 -1.19 20.60
CA TYR D 24 -41.66 -1.46 19.77
C TYR D 24 -41.34 -0.28 18.84
N LYS D 25 -42.36 0.19 18.12
CA LYS D 25 -42.23 1.35 17.23
C LYS D 25 -41.77 2.60 18.00
N TRP D 26 -42.20 2.72 19.26
CA TRP D 26 -41.73 3.79 20.13
C TRP D 26 -40.22 3.68 20.37
N PHE D 27 -39.74 2.53 20.83
CA PHE D 27 -38.30 2.37 21.08
C PHE D 27 -37.49 2.59 19.78
N HIS D 28 -38.04 2.07 18.68
CA HIS D 28 -37.44 2.22 17.36
C HIS D 28 -37.18 3.68 16.98
N GLN D 29 -38.10 4.56 17.37
CA GLN D 29 -37.98 5.98 17.08
C GLN D 29 -37.18 6.79 18.11
N HIS D 30 -36.72 6.12 19.18
CA HIS D 30 -35.85 6.75 20.20
C HIS D 30 -34.49 6.06 20.35
N PRO D 31 -33.76 5.89 19.23
CA PRO D 31 -32.43 5.25 19.33
C PRO D 31 -31.44 6.13 20.07
N GLU D 32 -30.72 5.56 21.02
CA GLU D 32 -29.77 6.35 21.80
C GLU D 32 -28.38 5.71 21.91
N MET D 33 -27.37 6.54 22.08
CA MET D 33 -25.97 6.07 22.17
C MET D 33 -25.71 5.24 23.42
N SER D 34 -24.84 4.23 23.29
CA SER D 34 -24.40 3.38 24.40
C SER D 34 -24.10 4.18 25.68
N MET D 35 -24.73 3.75 26.77
CA MET D 35 -24.54 4.35 28.12
C MET D 35 -25.18 5.76 28.27
N GLN D 36 -25.92 6.18 27.25
CA GLN D 36 -26.54 7.51 27.21
C GLN D 36 -28.01 7.38 26.82
N GLU D 37 -28.58 6.21 27.09
CA GLU D 37 -29.94 5.87 26.68
C GLU D 37 -30.98 6.41 27.69
N HIS D 38 -31.01 7.72 27.88
CA HIS D 38 -31.84 8.30 28.95
C HIS D 38 -33.35 8.08 28.72
N GLU D 39 -33.84 8.42 27.53
CA GLU D 39 -35.26 8.25 27.21
C GLU D 39 -35.72 6.79 27.15
N THR D 40 -34.88 5.89 26.62
CA THR D 40 -35.29 4.50 26.51
C THR D 40 -35.28 3.82 27.88
N SER D 41 -34.27 4.14 28.69
CA SER D 41 -34.17 3.64 30.06
C SER D 41 -35.38 4.08 30.90
N LYS D 42 -35.74 5.35 30.76
CA LYS D 42 -36.89 5.93 31.46
C LYS D 42 -38.17 5.16 31.11
N ARG D 43 -38.41 4.94 29.82
CA ARG D 43 -39.59 4.23 29.33
C ARG D 43 -39.60 2.74 29.68
N ILE D 44 -38.42 2.11 29.73
CA ILE D 44 -38.30 0.76 30.26
C ILE D 44 -38.82 0.70 31.71
N ALA D 45 -38.31 1.60 32.56
CA ALA D 45 -38.73 1.64 33.96
C ALA D 45 -40.23 1.95 34.11
N GLU D 46 -40.73 2.94 33.36
CA GLU D 46 -42.16 3.25 33.29
C GLU D 46 -43.02 2.04 32.91
N GLU D 47 -42.55 1.23 31.96
CA GLU D 47 -43.30 0.07 31.49
C GLU D 47 -43.35 -1.03 32.54
N LEU D 48 -42.24 -1.17 33.28
CA LEU D 48 -42.13 -2.15 34.36
C LEU D 48 -43.07 -1.77 35.53
N GLU D 49 -43.07 -0.47 35.87
CA GLU D 49 -43.96 0.07 36.90
C GLU D 49 -45.43 -0.07 36.53
N LYS D 50 -45.79 0.20 35.27
CA LYS D 50 -47.14 -0.02 34.75
C LYS D 50 -47.70 -1.40 35.11
N LEU D 51 -46.79 -2.38 35.22
CA LEU D 51 -47.18 -3.76 35.53
C LEU D 51 -47.13 -4.04 37.03
N GLY D 52 -46.75 -3.03 37.81
CA GLY D 52 -46.72 -3.13 39.28
C GLY D 52 -45.36 -3.53 39.84
N LEU D 53 -44.33 -3.48 39.01
CA LEU D 53 -43.01 -3.91 39.44
C LEU D 53 -42.17 -2.76 39.98
N GLU D 54 -41.07 -3.12 40.65
CA GLU D 54 -40.19 -2.16 41.29
C GLU D 54 -38.78 -2.18 40.62
N PRO D 55 -38.66 -1.54 39.44
CA PRO D 55 -37.39 -1.60 38.70
C PRO D 55 -36.23 -0.95 39.44
N GLN D 56 -35.11 -1.65 39.50
CA GLN D 56 -33.91 -1.13 40.12
C GLN D 56 -32.95 -0.60 39.06
N ASN D 57 -32.53 0.65 39.24
CA ASN D 57 -31.56 1.29 38.36
C ASN D 57 -30.14 0.83 38.69
N ILE D 58 -29.59 -0.04 37.84
CA ILE D 58 -28.23 -0.58 38.06
C ILE D 58 -27.38 -0.38 36.80
N GLY D 59 -26.17 0.13 36.98
CA GLY D 59 -25.22 0.38 35.88
C GLY D 59 -25.61 1.58 35.03
N VAL D 60 -25.64 2.77 35.64
CA VAL D 60 -26.01 4.05 35.00
C VAL D 60 -27.47 4.08 34.50
N THR D 61 -27.74 3.40 33.39
CA THR D 61 -29.07 3.42 32.77
C THR D 61 -29.79 2.07 32.84
N GLY D 62 -29.11 1.03 33.34
CA GLY D 62 -29.70 -0.31 33.37
C GLY D 62 -30.93 -0.40 34.27
N GLN D 63 -31.78 -1.41 34.03
CA GLN D 63 -33.01 -1.62 34.82
C GLN D 63 -33.27 -3.11 35.04
N VAL D 64 -33.32 -3.52 36.32
CA VAL D 64 -33.67 -4.89 36.67
C VAL D 64 -34.98 -4.93 37.47
N ALA D 65 -35.90 -5.80 37.06
CA ALA D 65 -37.14 -6.02 37.80
C ALA D 65 -37.30 -7.49 38.15
N VAL D 66 -37.57 -7.76 39.44
CA VAL D 66 -37.82 -9.11 39.93
C VAL D 66 -39.33 -9.38 39.99
N ILE D 67 -39.77 -10.45 39.34
CA ILE D 67 -41.17 -10.87 39.38
C ILE D 67 -41.28 -12.09 40.30
N LYS D 68 -41.66 -11.84 41.55
CA LYS D 68 -41.80 -12.89 42.55
C LYS D 68 -43.20 -13.54 42.49
N ASN D 69 -43.24 -14.87 42.48
CA ASN D 69 -44.49 -15.64 42.37
C ASN D 69 -44.44 -16.99 43.12
N GLY D 70 -44.25 -16.91 44.44
CA GLY D 70 -44.12 -18.09 45.29
C GLY D 70 -42.80 -18.83 45.09
N GLU D 71 -42.59 -19.86 45.91
CA GLU D 71 -41.36 -20.66 45.85
C GLU D 71 -41.24 -21.46 44.53
N GLY D 72 -40.00 -21.78 44.16
CA GLY D 72 -39.73 -22.46 42.90
C GLY D 72 -38.45 -21.95 42.25
N PRO D 73 -38.12 -22.46 41.05
CA PRO D 73 -36.90 -22.05 40.36
C PRO D 73 -36.92 -20.57 39.95
N SER D 74 -35.74 -19.99 39.77
CA SER D 74 -35.58 -18.60 39.34
C SER D 74 -34.92 -18.53 37.94
N VAL D 75 -35.51 -17.73 37.05
CA VAL D 75 -34.99 -17.55 35.68
C VAL D 75 -34.71 -16.07 35.41
N ALA D 76 -33.47 -15.75 35.04
CA ALA D 76 -33.16 -14.42 34.53
C ALA D 76 -33.17 -14.40 33.00
N PHE D 77 -33.61 -13.28 32.43
CA PHE D 77 -33.50 -13.08 30.99
C PHE D 77 -32.96 -11.66 30.75
N ARG D 78 -31.99 -11.56 29.85
CA ARG D 78 -31.35 -10.30 29.53
C ARG D 78 -31.71 -9.79 28.14
N ALA D 79 -31.96 -8.49 28.06
CA ALA D 79 -32.16 -7.79 26.78
C ALA D 79 -31.44 -6.46 26.83
N ASP D 80 -30.67 -6.17 25.78
CA ASP D 80 -29.98 -4.87 25.68
C ASP D 80 -30.81 -3.80 24.94
N PHE D 81 -30.47 -2.54 25.13
CA PHE D 81 -31.31 -1.50 24.54
C PHE D 81 -30.61 -0.32 23.84
N ASP D 82 -29.29 -0.38 23.66
CA ASP D 82 -28.58 0.74 23.01
C ASP D 82 -28.70 0.66 21.48
N ALA D 83 -28.71 1.80 20.82
CA ALA D 83 -28.75 1.85 19.35
C ALA D 83 -27.36 2.20 18.79
N LEU D 84 -27.31 2.50 17.49
CA LEU D 84 -26.05 2.84 16.80
C LEU D 84 -26.12 4.17 16.07
N PRO D 85 -24.97 4.86 15.94
CA PRO D 85 -24.84 6.10 15.13
C PRO D 85 -24.81 5.75 13.63
N ILE D 86 -25.97 5.30 13.14
CA ILE D 86 -26.21 5.03 11.73
C ILE D 86 -27.51 5.77 11.38
N THR D 87 -27.54 6.41 10.21
CA THR D 87 -28.74 7.12 9.75
C THR D 87 -29.72 6.07 9.19
N GLU D 88 -30.94 6.04 9.70
CA GLU D 88 -31.91 5.04 9.25
C GLU D 88 -32.31 5.27 7.80
N ASN D 89 -32.34 4.18 7.03
CA ASN D 89 -32.69 4.21 5.60
C ASN D 89 -33.63 3.05 5.25
N THR D 90 -34.61 2.80 6.13
CA THR D 90 -35.54 1.68 5.99
C THR D 90 -36.78 2.05 5.18
N GLY D 91 -37.17 3.33 5.24
CA GLY D 91 -38.40 3.77 4.58
C GLY D 91 -39.66 3.45 5.37
N LEU D 92 -39.49 2.85 6.55
CA LEU D 92 -40.63 2.42 7.39
C LEU D 92 -41.41 3.61 7.93
N ASP D 93 -42.73 3.48 8.06
CA ASP D 93 -43.59 4.51 8.69
C ASP D 93 -43.08 4.92 10.05
N TYR D 94 -42.51 3.97 10.79
CA TYR D 94 -42.06 4.19 12.14
C TYR D 94 -40.53 4.31 12.23
N SER D 95 -39.92 4.63 11.10
CA SER D 95 -38.49 4.92 11.05
C SER D 95 -38.08 6.00 12.05
N ALA D 96 -36.91 5.82 12.67
CA ALA D 96 -36.27 6.93 13.38
C ALA D 96 -36.05 8.07 12.38
N ASP D 97 -36.14 9.32 12.84
CA ASP D 97 -35.86 10.50 12.01
C ASP D 97 -34.41 10.38 11.48
N PRO D 98 -34.24 10.35 10.14
CA PRO D 98 -32.87 10.32 9.57
C PRO D 98 -31.89 11.39 10.05
N GLU D 99 -32.41 12.56 10.42
CA GLU D 99 -31.56 13.66 10.89
C GLU D 99 -31.02 13.44 12.32
N LEU D 100 -31.54 12.42 13.01
CA LEU D 100 -31.00 11.98 14.29
C LEU D 100 -29.62 11.35 14.10
N GLY D 101 -29.36 10.75 12.93
CA GLY D 101 -28.13 10.02 12.69
C GLY D 101 -27.96 8.83 13.63
N MET D 102 -29.09 8.31 14.12
CA MET D 102 -29.18 7.17 15.05
C MET D 102 -30.20 6.15 14.54
N MET D 103 -29.93 4.88 14.80
CA MET D 103 -30.80 3.81 14.37
C MET D 103 -30.61 2.57 15.21
N HIS D 104 -31.71 1.86 15.48
CA HIS D 104 -31.66 0.54 16.11
C HIS D 104 -31.29 -0.51 15.06
N ALA D 105 -30.06 -0.39 14.56
CA ALA D 105 -29.61 -1.20 13.46
C ALA D 105 -29.18 -2.61 13.89
N CYS D 106 -29.34 -2.92 15.18
CA CYS D 106 -29.03 -4.25 15.68
C CYS D 106 -30.24 -4.95 16.34
N GLY D 107 -31.41 -4.30 16.26
CA GLY D 107 -32.65 -4.88 16.76
C GLY D 107 -32.80 -4.89 18.28
N HIS D 108 -32.02 -4.07 18.97
CA HIS D 108 -32.04 -4.00 20.43
C HIS D 108 -33.39 -3.51 20.98
N ASP D 109 -34.06 -2.66 20.20
CA ASP D 109 -35.45 -2.25 20.49
C ASP D 109 -36.42 -3.45 20.52
N LEU D 110 -36.23 -4.37 19.58
CA LEU D 110 -36.99 -5.63 19.50
C LEU D 110 -36.71 -6.54 20.70
N HIS D 111 -35.43 -6.68 21.06
CA HIS D 111 -35.06 -7.47 22.24
C HIS D 111 -35.81 -6.97 23.48
N THR D 112 -35.76 -5.64 23.67
CA THR D 112 -36.37 -4.96 24.80
C THR D 112 -37.90 -5.16 24.84
N THR D 113 -38.56 -4.92 23.70
CA THR D 113 -40.01 -5.10 23.62
C THR D 113 -40.43 -6.57 23.79
N ALA D 114 -39.65 -7.50 23.25
CA ALA D 114 -39.90 -8.94 23.49
C ALA D 114 -39.83 -9.29 25.00
N LEU D 115 -38.87 -8.71 25.71
CA LEU D 115 -38.74 -8.92 27.15
C LEU D 115 -39.82 -8.19 27.97
N LEU D 116 -40.27 -7.03 27.49
CA LEU D 116 -41.35 -6.30 28.16
C LEU D 116 -42.70 -6.97 27.95
N GLY D 117 -42.88 -7.60 26.79
CA GLY D 117 -44.10 -8.35 26.50
C GLY D 117 -44.17 -9.66 27.28
N ALA D 118 -43.01 -10.28 27.48
CA ALA D 118 -42.91 -11.52 28.24
C ALA D 118 -43.10 -11.28 29.73
N VAL D 119 -42.56 -10.17 30.24
CA VAL D 119 -42.74 -9.77 31.64
C VAL D 119 -44.23 -9.55 31.92
N ARG D 120 -44.91 -8.86 31.00
CA ARG D 120 -46.35 -8.57 31.08
C ARG D 120 -47.20 -9.85 31.09
N ALA D 121 -46.89 -10.78 30.19
CA ALA D 121 -47.61 -12.05 30.11
C ALA D 121 -47.45 -12.88 31.40
N LEU D 122 -46.27 -12.81 32.02
CA LEU D 122 -46.01 -13.50 33.30
C LEU D 122 -46.73 -12.84 34.48
N VAL D 123 -46.77 -11.51 34.48
CA VAL D 123 -47.44 -10.73 35.52
C VAL D 123 -48.97 -10.90 35.46
N GLU D 124 -49.51 -10.98 34.25
CA GLU D 124 -50.96 -11.09 34.04
C GLU D 124 -51.46 -12.53 34.11
N ASN D 125 -50.59 -13.47 34.46
CA ASN D 125 -50.94 -14.89 34.49
C ASN D 125 -50.17 -15.66 35.55
N LYS D 126 -50.04 -15.05 36.74
CA LYS D 126 -49.29 -15.61 37.87
C LYS D 126 -49.74 -16.99 38.36
N ASP D 127 -50.94 -17.41 37.97
CA ASP D 127 -51.48 -18.72 38.34
C ASP D 127 -50.97 -19.83 37.42
N LEU D 128 -50.46 -19.43 36.24
CA LEU D 128 -50.04 -20.36 35.20
C LEU D 128 -48.56 -20.77 35.30
N TRP D 129 -47.88 -20.22 36.32
CA TRP D 129 -46.46 -20.48 36.52
C TRP D 129 -46.05 -20.36 37.98
N SER D 130 -44.83 -20.80 38.31
CA SER D 130 -44.42 -20.87 39.69
C SER D 130 -42.91 -20.66 39.92
N GLY D 131 -42.56 -19.63 40.68
CA GLY D 131 -41.18 -19.36 41.06
C GLY D 131 -40.78 -17.89 40.99
N THR D 132 -39.73 -17.61 40.23
CA THR D 132 -39.17 -16.26 40.14
C THR D 132 -38.64 -15.98 38.72
N PHE D 133 -38.85 -14.74 38.27
CA PHE D 133 -38.37 -14.28 36.97
C PHE D 133 -37.69 -12.93 37.10
N ILE D 134 -36.48 -12.82 36.56
CA ILE D 134 -35.71 -11.59 36.59
C ILE D 134 -35.54 -11.03 35.17
N ALA D 135 -36.04 -9.80 34.96
CA ALA D 135 -35.81 -9.07 33.72
C ALA D 135 -34.62 -8.12 33.88
N VAL D 136 -33.59 -8.33 33.05
CA VAL D 136 -32.37 -7.50 33.11
C VAL D 136 -32.29 -6.70 31.81
N HIS D 137 -32.53 -5.40 31.92
CA HIS D 137 -32.43 -4.51 30.78
C HIS D 137 -31.06 -3.85 30.84
N GLN D 138 -30.21 -4.21 29.88
CA GLN D 138 -28.80 -3.82 29.90
C GLN D 138 -28.48 -2.70 28.90
N PRO D 139 -27.76 -1.67 29.36
CA PRO D 139 -27.34 -0.59 28.47
C PRO D 139 -26.04 -0.98 27.76
N GLY D 140 -25.63 -0.16 26.80
CA GLY D 140 -24.22 -0.13 26.36
C GLY D 140 -23.61 -1.43 25.87
N GLU D 141 -24.41 -2.27 25.23
CA GLU D 141 -23.92 -3.51 24.64
C GLU D 141 -22.91 -3.29 23.48
N GLU D 142 -23.14 -2.25 22.67
CA GLU D 142 -22.30 -2.02 21.46
C GLU D 142 -20.90 -1.46 21.80
N GLY D 143 -20.12 -2.21 22.57
CA GLY D 143 -18.80 -1.74 22.98
C GLY D 143 -18.80 -0.65 24.03
N GLY D 144 -19.94 -0.48 24.71
CA GLY D 144 -20.08 0.53 25.77
C GLY D 144 -19.62 0.07 27.15
N GLY D 145 -19.45 -1.25 27.30
CA GLY D 145 -19.10 -1.80 28.61
C GLY D 145 -20.31 -1.94 29.53
N GLY D 146 -21.51 -2.01 28.94
CA GLY D 146 -22.78 -2.01 29.66
C GLY D 146 -22.93 -3.12 30.68
N ALA D 147 -22.65 -4.35 30.25
CA ALA D 147 -22.67 -5.51 31.17
C ALA D 147 -21.71 -5.31 32.35
N ARG D 148 -20.45 -4.97 32.08
CA ARG D 148 -19.50 -4.65 33.17
C ARG D 148 -20.00 -3.54 34.10
N HIS D 149 -20.60 -2.48 33.54
CA HIS D 149 -21.16 -1.36 34.34
C HIS D 149 -22.14 -1.88 35.38
N MET D 150 -23.06 -2.72 34.93
CA MET D 150 -24.07 -3.36 35.78
C MET D 150 -23.40 -4.20 36.88
N VAL D 151 -22.42 -5.01 36.50
CA VAL D 151 -21.66 -5.83 37.45
C VAL D 151 -20.94 -4.96 38.49
N ASP D 152 -20.24 -3.92 38.02
CA ASP D 152 -19.48 -3.03 38.90
C ASP D 152 -20.40 -2.14 39.75
N ASP D 153 -21.66 -2.00 39.35
CA ASP D 153 -22.65 -1.28 40.16
C ASP D 153 -23.38 -2.24 41.11
N GLY D 154 -22.76 -3.39 41.39
CA GLY D 154 -23.28 -4.36 42.35
C GLY D 154 -24.52 -5.15 41.97
N LEU D 155 -24.63 -5.57 40.71
CA LEU D 155 -25.74 -6.42 40.25
C LEU D 155 -25.89 -7.69 41.11
N ALA D 156 -24.77 -8.35 41.37
CA ALA D 156 -24.73 -9.62 42.13
C ALA D 156 -25.14 -9.46 43.60
N GLU D 157 -24.91 -8.26 44.16
CA GLU D 157 -25.33 -7.96 45.53
C GLU D 157 -26.79 -7.52 45.61
N LYS D 158 -27.20 -6.64 44.71
CA LYS D 158 -28.55 -6.06 44.74
C LYS D 158 -29.63 -7.04 44.27
N ILE D 159 -29.24 -8.01 43.44
CA ILE D 159 -30.21 -8.96 42.88
C ILE D 159 -29.78 -10.39 43.15
N ALA D 160 -30.70 -11.17 43.73
CA ALA D 160 -30.45 -12.57 44.07
C ALA D 160 -30.21 -13.39 42.81
N ALA D 161 -29.17 -14.22 42.83
CA ALA D 161 -28.84 -15.09 41.70
C ALA D 161 -29.97 -16.06 41.37
N PRO D 162 -30.36 -16.12 40.07
CA PRO D 162 -31.36 -17.07 39.56
C PRO D 162 -30.75 -18.45 39.42
N ASP D 163 -31.52 -19.42 38.92
CA ASP D 163 -30.96 -20.75 38.69
C ASP D 163 -30.30 -20.84 37.31
N VAL D 164 -30.89 -20.15 36.34
CA VAL D 164 -30.39 -20.08 34.96
C VAL D 164 -30.54 -18.65 34.41
N CYS D 165 -29.73 -18.32 33.41
CA CYS D 165 -29.79 -16.99 32.81
C CYS D 165 -29.73 -17.10 31.28
N PHE D 166 -30.68 -16.47 30.60
CA PHE D 166 -30.80 -16.57 29.15
C PHE D 166 -30.72 -15.22 28.43
N ALA D 167 -30.44 -15.28 27.12
CA ALA D 167 -30.51 -14.10 26.25
C ALA D 167 -30.66 -14.53 24.82
N GLN D 168 -31.10 -13.61 23.99
CA GLN D 168 -31.28 -13.92 22.58
C GLN D 168 -30.89 -12.68 21.78
N HIS D 169 -30.69 -12.89 20.48
CA HIS D 169 -30.38 -11.79 19.58
C HIS D 169 -31.01 -12.10 18.24
N VAL D 170 -31.69 -11.10 17.68
CA VAL D 170 -32.33 -11.23 16.39
C VAL D 170 -31.30 -10.95 15.30
N PHE D 171 -31.39 -11.68 14.20
CA PHE D 171 -30.58 -11.36 13.02
C PHE D 171 -31.19 -11.94 11.75
N ASN D 172 -30.50 -11.75 10.63
CA ASN D 172 -31.00 -12.21 9.35
C ASN D 172 -30.55 -13.65 9.14
N GLU D 173 -31.37 -14.58 9.64
CA GLU D 173 -30.95 -15.98 9.69
C GLU D 173 -31.99 -16.94 9.09
N ASP D 174 -31.51 -18.12 8.68
CA ASP D 174 -32.39 -19.22 8.23
C ASP D 174 -32.49 -20.22 9.37
N PRO D 175 -33.67 -20.86 9.56
CA PRO D 175 -34.91 -20.73 8.77
C PRO D 175 -35.65 -19.44 9.13
N ALA D 176 -36.37 -18.86 8.16
CA ALA D 176 -37.17 -17.67 8.39
C ALA D 176 -37.99 -17.76 9.69
N PHE D 177 -37.83 -16.75 10.56
CA PHE D 177 -38.54 -16.64 11.84
C PHE D 177 -38.28 -17.78 12.86
N GLY D 178 -37.31 -18.64 12.56
CA GLY D 178 -36.92 -19.72 13.47
C GLY D 178 -35.82 -19.37 14.45
N TYR D 179 -35.33 -20.39 15.15
CA TYR D 179 -34.37 -20.22 16.23
C TYR D 179 -33.10 -20.99 15.96
N VAL D 180 -31.98 -20.45 16.47
CA VAL D 180 -30.67 -21.08 16.24
C VAL D 180 -29.85 -21.17 17.52
N PHE D 181 -29.20 -22.31 17.71
CA PHE D 181 -28.49 -22.60 18.94
C PHE D 181 -27.10 -23.09 18.62
N THR D 182 -26.16 -22.78 19.52
CA THR D 182 -24.81 -23.31 19.43
C THR D 182 -24.26 -23.66 20.82
N PRO D 183 -24.12 -24.96 21.10
CA PRO D 183 -23.50 -25.31 22.38
C PRO D 183 -22.00 -25.03 22.35
N GLY D 184 -21.42 -24.66 23.49
CA GLY D 184 -19.99 -24.34 23.56
C GLY D 184 -19.70 -22.95 22.99
N ARG D 185 -18.55 -22.78 22.33
CA ARG D 185 -18.22 -21.47 21.73
C ARG D 185 -19.26 -21.05 20.71
N PHE D 186 -19.88 -19.92 20.97
CA PHE D 186 -20.96 -19.42 20.13
C PHE D 186 -20.45 -18.20 19.34
N LEU D 187 -19.62 -17.39 19.99
CA LEU D 187 -19.20 -16.13 19.39
C LEU D 187 -17.69 -16.01 19.42
N THR D 188 -17.17 -14.82 19.12
CA THR D 188 -15.73 -14.56 19.17
C THR D 188 -15.41 -13.55 20.25
N ALA D 189 -14.15 -13.58 20.73
CA ALA D 189 -13.55 -12.55 21.56
C ALA D 189 -13.39 -11.26 20.73
N ALA D 190 -13.63 -10.10 21.33
CA ALA D 190 -13.54 -8.84 20.59
C ALA D 190 -12.85 -7.73 21.40
N SER D 191 -12.38 -6.71 20.69
CA SER D 191 -11.95 -5.51 21.35
C SER D 191 -12.24 -4.32 20.44
N ASN D 192 -12.31 -3.15 21.06
CA ASN D 192 -12.60 -1.89 20.37
C ASN D 192 -11.69 -0.81 20.88
N TRP D 193 -11.06 -0.08 19.95
CA TRP D 193 -10.08 0.95 20.27
C TRP D 193 -10.28 2.18 19.41
N ARG D 194 -9.84 3.33 19.93
CA ARG D 194 -9.57 4.45 19.05
C ARG D 194 -8.06 4.60 19.01
N ILE D 195 -7.53 4.85 17.83
CA ILE D 195 -6.09 5.03 17.67
C ILE D 195 -5.84 6.42 17.10
N HIS D 196 -4.97 7.19 17.77
CA HIS D 196 -4.74 8.58 17.38
C HIS D 196 -3.34 8.72 16.82
N ILE D 197 -3.29 9.18 15.56
CA ILE D 197 -2.05 9.39 14.82
C ILE D 197 -1.74 10.88 14.85
N HIS D 198 -0.63 11.24 15.48
CA HIS D 198 -0.31 12.67 15.68
C HIS D 198 0.85 13.12 14.84
N GLY D 199 0.55 13.79 13.72
CA GLY D 199 1.59 14.29 12.82
C GLY D 199 1.87 15.78 13.02
N GLU D 200 2.32 16.43 11.98
CA GLU D 200 2.60 17.86 12.03
C GLU D 200 1.98 18.47 10.77
N GLY D 201 1.02 19.38 10.97
CA GLY D 201 0.30 19.98 9.87
C GLY D 201 1.02 21.10 9.14
N GLY D 202 0.36 21.61 8.10
CA GLY D 202 0.87 22.72 7.30
C GLY D 202 0.06 22.93 6.03
N HIS D 203 0.72 23.54 5.04
CA HIS D 203 0.06 23.97 3.80
C HIS D 203 0.11 22.80 2.83
N GLY D 204 -1.03 22.56 2.17
CA GLY D 204 -1.13 21.47 1.19
C GLY D 204 -0.05 21.45 0.11
N SER D 205 0.52 22.61 -0.19
CA SER D 205 1.53 22.74 -1.28
C SER D 205 2.97 22.58 -0.79
N ARG D 206 3.12 22.39 0.52
CA ARG D 206 4.43 22.28 1.17
C ARG D 206 4.49 21.06 2.09
N PRO D 207 4.26 19.85 1.52
CA PRO D 207 4.20 18.65 2.32
C PRO D 207 5.53 18.34 3.02
N HIS D 208 6.64 18.77 2.41
CA HIS D 208 7.98 18.49 2.97
C HIS D 208 8.19 19.16 4.32
N LEU D 209 7.35 20.14 4.65
CA LEU D 209 7.45 20.85 5.94
C LEU D 209 6.46 20.30 6.97
N THR D 210 5.86 19.16 6.62
CA THR D 210 4.84 18.49 7.42
C THR D 210 5.22 17.05 7.72
N LYS D 211 4.46 16.41 8.61
CA LYS D 211 4.46 14.95 8.73
C LYS D 211 2.98 14.59 8.60
N ASP D 212 2.62 14.07 7.42
CA ASP D 212 1.25 14.04 6.94
C ASP D 212 0.55 12.83 7.55
N PRO D 213 -0.41 13.05 8.47
CA PRO D 213 -0.94 11.89 9.17
C PRO D 213 -2.02 11.15 8.36
N ILE D 214 -2.52 11.77 7.30
CA ILE D 214 -3.52 11.06 6.45
C ILE D 214 -2.84 9.97 5.62
N VAL D 215 -1.66 10.28 5.08
CA VAL D 215 -0.86 9.30 4.34
C VAL D 215 -0.41 8.17 5.29
N VAL D 216 0.00 8.55 6.50
CA VAL D 216 0.32 7.53 7.49
C VAL D 216 -0.89 6.64 7.86
N ALA D 217 -2.03 7.26 8.12
CA ALA D 217 -3.25 6.50 8.50
C ALA D 217 -3.62 5.54 7.35
N ALA D 218 -3.48 6.01 6.11
CA ALA D 218 -3.79 5.16 4.97
C ALA D 218 -2.84 3.94 4.94
N SER D 219 -1.54 4.20 5.14
CA SER D 219 -0.55 3.16 5.24
C SER D 219 -0.87 2.14 6.34
N ILE D 220 -1.31 2.62 7.51
CA ILE D 220 -1.67 1.74 8.61
C ILE D 220 -2.87 0.86 8.25
N ILE D 221 -3.96 1.46 7.75
CA ILE D 221 -5.15 0.68 7.41
C ILE D 221 -4.75 -0.48 6.46
N THR D 222 -3.92 -0.17 5.47
CA THR D 222 -3.49 -1.17 4.50
C THR D 222 -2.63 -2.26 5.16
N LYS D 223 -1.62 -1.83 5.92
CA LYS D 223 -0.76 -2.79 6.65
C LYS D 223 -1.49 -3.69 7.62
N LEU D 224 -2.53 -3.16 8.29
CA LEU D 224 -3.27 -3.92 9.27
C LEU D 224 -3.88 -5.19 8.63
N GLN D 225 -4.18 -5.13 7.32
CA GLN D 225 -4.77 -6.31 6.65
C GLN D 225 -3.89 -7.59 6.76
N THR D 226 -2.58 -7.40 6.88
CA THR D 226 -1.66 -8.53 6.95
C THR D 226 -1.77 -9.35 8.24
N ILE D 227 -2.40 -8.77 9.26
CA ILE D 227 -2.64 -9.56 10.50
C ILE D 227 -3.48 -10.80 10.18
N VAL D 228 -4.66 -10.57 9.61
CA VAL D 228 -5.53 -11.67 9.21
C VAL D 228 -4.95 -12.44 8.01
N SER D 229 -4.42 -11.73 7.02
CA SER D 229 -4.00 -12.37 5.75
C SER D 229 -2.67 -13.15 5.83
N ARG D 230 -1.81 -12.86 6.82
CA ARG D 230 -0.48 -13.52 6.91
C ARG D 230 -0.09 -14.02 8.30
N GLU D 231 -0.61 -13.41 9.34
CA GLU D 231 -0.05 -13.66 10.71
C GLU D 231 -0.89 -14.68 11.52
N VAL D 232 -2.13 -14.90 11.08
CA VAL D 232 -3.07 -15.76 11.79
C VAL D 232 -3.22 -17.09 11.02
N ASP D 233 -3.22 -18.20 11.77
CA ASP D 233 -3.45 -19.54 11.20
C ASP D 233 -4.70 -19.50 10.30
N PRO D 234 -4.57 -19.89 9.01
CA PRO D 234 -5.77 -19.92 8.14
C PRO D 234 -6.95 -20.72 8.69
N ASN D 235 -6.69 -21.72 9.54
CA ASN D 235 -7.73 -22.49 10.22
C ASN D 235 -8.42 -21.79 11.39
N GLU D 236 -7.88 -20.64 11.84
CA GLU D 236 -8.48 -19.93 12.97
C GLU D 236 -9.45 -18.86 12.47
N VAL D 237 -10.02 -18.08 13.39
CA VAL D 237 -10.94 -17.00 13.05
C VAL D 237 -10.38 -15.72 13.60
N ALA D 238 -10.16 -14.73 12.72
CA ALA D 238 -9.67 -13.43 13.19
C ALA D 238 -10.24 -12.37 12.27
N VAL D 239 -10.47 -11.19 12.81
CA VAL D 239 -10.97 -10.06 12.03
C VAL D 239 -10.33 -8.79 12.58
N VAL D 240 -9.94 -7.88 11.69
CA VAL D 240 -9.52 -6.54 12.10
C VAL D 240 -10.28 -5.57 11.18
N THR D 241 -11.21 -4.84 11.77
CA THR D 241 -12.01 -3.86 11.05
C THR D 241 -11.64 -2.45 11.49
N VAL D 242 -11.42 -1.57 10.53
CA VAL D 242 -11.29 -0.16 10.84
C VAL D 242 -12.63 0.45 10.47
N GLY D 243 -13.45 0.75 11.47
CA GLY D 243 -14.82 1.15 11.25
C GLY D 243 -15.00 2.64 11.08
N SER D 244 -14.01 3.42 11.52
CA SER D 244 -14.04 4.86 11.29
C SER D 244 -12.67 5.48 11.08
N ILE D 245 -12.67 6.63 10.40
CA ILE D 245 -11.47 7.42 10.21
C ILE D 245 -11.89 8.88 10.12
N GLU D 246 -11.14 9.75 10.79
CA GLU D 246 -11.47 11.19 10.74
C GLU D 246 -10.19 12.01 10.89
N GLY D 247 -10.00 13.00 10.03
CA GLY D 247 -8.91 14.00 10.21
C GLY D 247 -8.99 15.07 9.13
N GLY D 248 -8.59 16.28 9.48
CA GLY D 248 -8.57 17.39 8.54
C GLY D 248 -9.94 18.05 8.30
N LYS D 249 -9.88 19.24 7.74
CA LYS D 249 -11.08 20.00 7.41
C LYS D 249 -10.89 20.59 6.01
N SER D 250 -9.98 21.54 5.86
CA SER D 250 -9.79 22.13 4.53
C SER D 250 -9.01 21.19 3.57
N THR D 251 -9.45 21.17 2.30
CA THR D 251 -8.80 20.31 1.35
C THR D 251 -7.35 20.72 1.07
N ASN D 252 -7.04 22.00 1.24
CA ASN D 252 -5.71 22.53 0.92
C ASN D 252 -4.77 22.68 2.11
N SER D 253 -5.07 21.98 3.22
CA SER D 253 -4.19 21.98 4.39
C SER D 253 -3.92 20.53 4.75
N ILE D 254 -2.78 20.31 5.39
CA ILE D 254 -2.41 19.02 5.91
C ILE D 254 -2.63 19.13 7.43
N PRO D 255 -3.47 18.25 8.00
CA PRO D 255 -3.91 18.32 9.40
C PRO D 255 -2.88 17.75 10.36
N TYR D 256 -3.18 17.89 11.63
CA TYR D 256 -2.28 17.42 12.67
C TYR D 256 -2.56 16.01 13.17
N THR D 257 -3.83 15.61 13.22
CA THR D 257 -4.24 14.34 13.85
C THR D 257 -5.22 13.59 12.98
N VAL D 258 -5.10 12.25 12.94
CA VAL D 258 -6.14 11.41 12.33
C VAL D 258 -6.51 10.39 13.39
N THR D 259 -7.81 10.14 13.56
CA THR D 259 -8.26 9.14 14.51
C THR D 259 -8.84 7.99 13.74
N LEU D 260 -8.37 6.79 14.10
CA LEU D 260 -8.93 5.52 13.60
C LEU D 260 -9.80 4.83 14.64
N GLY D 261 -10.97 4.33 14.24
CA GLY D 261 -11.78 3.48 15.12
C GLY D 261 -11.59 2.03 14.70
N VAL D 262 -11.15 1.20 15.63
CA VAL D 262 -10.66 -0.15 15.30
C VAL D 262 -11.36 -1.24 16.16
N ASN D 263 -11.71 -2.34 15.49
CA ASN D 263 -12.43 -3.44 16.06
C ASN D 263 -11.70 -4.75 15.71
N THR D 264 -11.52 -5.63 16.70
CA THR D 264 -10.86 -6.92 16.45
C THR D 264 -11.81 -8.06 16.82
N ARG D 265 -11.59 -9.21 16.17
CA ARG D 265 -12.28 -10.43 16.59
C ARG D 265 -11.26 -11.56 16.55
N ALA D 266 -11.45 -12.55 17.43
CA ALA D 266 -10.61 -13.76 17.45
C ALA D 266 -11.36 -14.92 18.10
N SER D 267 -11.03 -16.15 17.73
CA SER D 267 -11.77 -17.30 18.24
C SER D 267 -11.47 -17.53 19.73
N ASN D 268 -10.37 -17.00 20.23
CA ASN D 268 -9.98 -17.18 21.64
C ASN D 268 -9.22 -16.01 22.24
N ASP D 269 -9.00 -16.04 23.57
CA ASP D 269 -8.41 -14.91 24.30
C ASP D 269 -6.94 -14.65 23.91
N GLU D 270 -6.17 -15.72 23.75
CA GLU D 270 -4.77 -15.61 23.37
C GLU D 270 -4.63 -14.99 21.97
N LEU D 271 -5.44 -15.47 21.05
CA LEU D 271 -5.40 -14.93 19.68
C LEU D 271 -5.87 -13.46 19.69
N SER D 272 -6.88 -13.16 20.52
CA SER D 272 -7.39 -11.78 20.65
C SER D 272 -6.30 -10.83 21.09
N GLU D 273 -5.52 -11.26 22.10
CA GLU D 273 -4.35 -10.48 22.51
C GLU D 273 -3.25 -10.38 21.45
N TYR D 274 -2.96 -11.50 20.77
CA TYR D 274 -2.01 -11.49 19.67
C TYR D 274 -2.37 -10.42 18.61
N VAL D 275 -3.63 -10.40 18.21
CA VAL D 275 -4.14 -9.44 17.20
C VAL D 275 -3.96 -7.99 17.68
N GLN D 276 -4.36 -7.71 18.91
CA GLN D 276 -4.26 -6.34 19.42
C GLN D 276 -2.82 -5.87 19.50
N ASN D 277 -1.93 -6.77 19.92
CA ASN D 277 -0.52 -6.44 20.04
C ASN D 277 0.12 -6.25 18.65
N ALA D 278 -0.36 -7.01 17.68
CA ALA D 278 0.09 -6.83 16.28
C ALA D 278 -0.33 -5.45 15.74
N ILE D 279 -1.53 -5.00 16.08
CA ILE D 279 -2.03 -3.68 15.68
C ILE D 279 -1.09 -2.62 16.21
N LYS D 280 -0.78 -2.70 17.50
CA LYS D 280 0.13 -1.75 18.12
C LYS D 280 1.50 -1.72 17.43
N ARG D 281 2.08 -2.90 17.18
CA ARG D 281 3.37 -3.04 16.52
C ARG D 281 3.33 -2.35 15.15
N ILE D 282 2.24 -2.60 14.44
CA ILE D 282 2.10 -2.03 13.08
C ILE D 282 1.96 -0.51 13.11
N VAL D 283 1.08 -0.01 13.97
CA VAL D 283 0.88 1.44 14.11
C VAL D 283 2.18 2.16 14.51
N ILE D 284 2.85 1.66 15.54
CA ILE D 284 4.13 2.24 15.94
C ILE D 284 5.17 2.24 14.80
N ALA D 285 5.33 1.11 14.11
CA ALA D 285 6.29 1.00 12.98
C ALA D 285 5.92 1.93 11.79
N GLU D 286 4.64 2.05 11.47
CA GLU D 286 4.21 2.96 10.40
C GLU D 286 4.47 4.43 10.71
N CYS D 287 4.29 4.82 11.96
CA CYS D 287 4.67 6.17 12.40
C CYS D 287 6.17 6.38 12.30
N GLN D 288 6.94 5.38 12.69
CA GLN D 288 8.39 5.46 12.65
C GLN D 288 8.85 5.55 11.19
N ALA D 289 8.15 4.82 10.30
CA ALA D 289 8.50 4.84 8.87
C ALA D 289 8.41 6.25 8.26
N ALA D 290 7.46 7.04 8.75
CA ALA D 290 7.20 8.38 8.26
C ALA D 290 8.09 9.40 8.95
N GLY D 291 8.82 8.95 9.97
CA GLY D 291 9.61 9.86 10.78
C GLY D 291 8.76 10.72 11.71
N ILE D 292 7.58 10.25 12.07
CA ILE D 292 6.74 10.95 13.04
C ILE D 292 7.37 10.88 14.42
N GLU D 293 7.43 12.02 15.11
CA GLU D 293 8.09 12.12 16.40
C GLU D 293 7.17 11.72 17.57
N GLN D 294 5.92 12.18 17.54
CA GLN D 294 4.97 11.85 18.62
C GLN D 294 4.54 10.39 18.56
N GLU D 295 4.47 9.75 19.73
CA GLU D 295 3.95 8.41 19.79
C GLU D 295 2.48 8.40 19.40
N PRO D 296 2.07 7.35 18.69
CA PRO D 296 0.62 7.24 18.45
C PRO D 296 -0.06 6.88 19.76
N GLU D 297 -1.33 7.23 19.88
CA GLU D 297 -2.06 6.90 21.10
C GLU D 297 -3.09 5.82 20.90
N PHE D 298 -3.11 4.86 21.83
CA PHE D 298 -4.07 3.76 21.80
C PHE D 298 -5.07 3.93 22.91
N GLU D 299 -6.32 4.18 22.53
CA GLU D 299 -7.39 4.46 23.48
C GLU D 299 -8.32 3.28 23.55
N TYR D 300 -8.19 2.52 24.65
CA TYR D 300 -9.04 1.36 24.89
C TYR D 300 -10.50 1.74 25.09
N LEU D 301 -11.40 1.09 24.35
CA LEU D 301 -12.83 1.32 24.56
C LEU D 301 -13.57 0.19 25.28
N ASP D 302 -13.33 -1.05 24.85
CA ASP D 302 -14.05 -2.20 25.35
C ASP D 302 -13.42 -3.50 24.87
N SER D 303 -13.66 -4.58 25.60
CA SER D 303 -13.28 -5.92 25.14
C SER D 303 -14.18 -6.92 25.80
N VAL D 304 -14.38 -8.03 25.11
CA VAL D 304 -15.18 -9.16 25.58
C VAL D 304 -14.46 -10.46 25.23
N PRO D 305 -14.60 -11.50 26.09
CA PRO D 305 -14.18 -12.85 25.69
C PRO D 305 -15.23 -13.53 24.78
N ALA D 306 -14.88 -14.62 24.10
CA ALA D 306 -15.86 -15.35 23.27
C ALA D 306 -17.00 -15.86 24.16
N VAL D 307 -18.25 -15.71 23.70
CA VAL D 307 -19.39 -16.30 24.41
C VAL D 307 -19.37 -17.81 24.29
N ILE D 308 -19.44 -18.47 25.45
CA ILE D 308 -19.54 -19.94 25.56
C ILE D 308 -20.88 -20.34 26.20
N ASN D 309 -21.70 -21.06 25.45
CA ASN D 309 -22.98 -21.53 25.94
C ASN D 309 -22.82 -22.86 26.68
N ASP D 310 -23.40 -22.94 27.89
CA ASP D 310 -23.44 -24.19 28.66
C ASP D 310 -23.97 -25.31 27.77
N GLU D 311 -23.20 -26.38 27.62
CA GLU D 311 -23.52 -27.41 26.63
C GLU D 311 -24.79 -28.19 26.98
N ASP D 312 -24.94 -28.56 28.25
CA ASP D 312 -26.15 -29.27 28.74
C ASP D 312 -27.41 -28.42 28.64
N LEU D 313 -27.29 -27.18 29.14
CA LEU D 313 -28.35 -26.21 29.10
C LEU D 313 -28.78 -25.86 27.67
N THR D 314 -27.81 -25.78 26.75
CA THR D 314 -28.11 -25.55 25.33
C THR D 314 -28.93 -26.69 24.75
N GLU D 315 -28.51 -27.92 25.03
CA GLU D 315 -29.22 -29.10 24.56
C GLU D 315 -30.65 -29.14 25.11
N GLN D 316 -30.77 -28.90 26.41
CA GLN D 316 -32.07 -28.80 27.08
C GLN D 316 -33.02 -27.84 26.35
N LEU D 317 -32.51 -26.63 26.04
CA LEU D 317 -33.32 -25.62 25.35
C LEU D 317 -33.66 -26.01 23.92
N MET D 318 -32.71 -26.62 23.22
CA MET D 318 -32.93 -27.07 21.85
C MET D 318 -34.09 -28.08 21.80
N ALA D 319 -34.12 -28.97 22.79
CA ALA D 319 -35.18 -29.97 22.95
C ALA D 319 -36.54 -29.32 23.22
N GLN D 320 -36.56 -28.37 24.16
CA GLN D 320 -37.75 -27.61 24.52
C GLN D 320 -38.33 -26.84 23.32
N PHE D 321 -37.45 -26.15 22.57
CA PHE D 321 -37.88 -25.33 21.44
C PHE D 321 -38.39 -26.16 20.27
N ARG D 322 -37.76 -27.31 20.03
CA ARG D 322 -38.20 -28.23 18.98
C ARG D 322 -39.56 -28.87 19.31
N GLU D 323 -39.76 -29.19 20.58
CA GLU D 323 -41.00 -29.76 21.08
C GLU D 323 -42.17 -28.80 20.85
N PHE D 324 -42.00 -27.56 21.30
CA PHE D 324 -43.05 -26.54 21.19
C PHE D 324 -43.22 -25.94 19.80
N PHE D 325 -42.11 -25.52 19.17
CA PHE D 325 -42.17 -24.79 17.90
C PHE D 325 -42.19 -25.68 16.66
N GLY D 326 -41.54 -26.85 16.75
CA GLY D 326 -41.37 -27.75 15.60
C GLY D 326 -39.90 -28.10 15.45
N GLU D 327 -39.64 -29.30 14.92
CA GLU D 327 -38.28 -29.83 14.80
C GLU D 327 -37.38 -28.93 13.95
N ASP D 328 -37.90 -28.54 12.80
CA ASP D 328 -37.21 -27.74 11.80
C ASP D 328 -37.06 -26.27 12.18
N GLN D 329 -37.81 -25.83 13.19
CA GLN D 329 -37.90 -24.43 13.62
C GLN D 329 -36.82 -24.00 14.61
N ALA D 330 -36.20 -24.97 15.26
CA ALA D 330 -35.07 -24.72 16.15
C ALA D 330 -33.90 -25.62 15.75
N VAL D 331 -32.87 -25.01 15.17
CA VAL D 331 -31.75 -25.76 14.58
C VAL D 331 -30.41 -25.37 15.21
N GLU D 332 -29.42 -26.27 15.13
CA GLU D 332 -28.08 -25.97 15.61
C GLU D 332 -27.27 -25.35 14.47
N ILE D 333 -26.47 -24.33 14.81
CA ILE D 333 -25.59 -23.69 13.83
C ILE D 333 -24.13 -23.68 14.34
N PRO D 334 -23.14 -23.63 13.41
CA PRO D 334 -21.76 -23.35 13.83
C PRO D 334 -21.63 -21.93 14.47
N PRO D 335 -20.54 -21.68 15.22
CA PRO D 335 -20.34 -20.37 15.85
C PRO D 335 -20.41 -19.22 14.84
N LEU D 336 -20.94 -18.09 15.29
CA LEU D 336 -20.93 -16.85 14.51
C LEU D 336 -19.63 -16.08 14.73
N SER D 337 -19.33 -15.13 13.84
CA SER D 337 -18.14 -14.29 14.01
C SER D 337 -18.38 -13.05 14.87
N GLY D 338 -19.64 -12.77 15.20
CA GLY D 338 -19.98 -11.65 16.08
C GLY D 338 -19.53 -11.88 17.53
N SER D 339 -19.89 -10.93 18.42
CA SER D 339 -19.47 -10.97 19.83
C SER D 339 -20.56 -10.41 20.73
N GLU D 340 -20.35 -10.52 22.04
CA GLU D 340 -21.34 -10.06 23.03
C GLU D 340 -20.70 -9.85 24.39
N ASP D 341 -21.15 -8.85 25.16
CA ASP D 341 -20.69 -8.70 26.57
C ASP D 341 -21.62 -9.39 27.59
N TYR D 342 -22.70 -9.95 27.08
CA TYR D 342 -23.73 -10.62 27.90
C TYR D 342 -23.19 -11.48 29.07
N PRO D 343 -22.31 -12.47 28.79
CA PRO D 343 -21.86 -13.38 29.88
C PRO D 343 -21.30 -12.77 31.17
N PHE D 344 -20.91 -11.50 31.20
CA PHE D 344 -20.49 -10.89 32.47
C PHE D 344 -21.63 -10.94 33.50
N ILE D 345 -22.88 -10.88 33.01
CA ILE D 345 -24.10 -10.96 33.84
C ILE D 345 -24.16 -12.34 34.54
N PRO D 346 -24.45 -13.45 33.81
CA PRO D 346 -24.47 -14.74 34.50
C PRO D 346 -23.20 -15.05 35.30
N ASN D 347 -22.02 -14.66 34.79
CA ASN D 347 -20.74 -14.94 35.46
C ASN D 347 -20.54 -14.23 36.81
N ALA D 348 -21.14 -13.06 36.95
CA ALA D 348 -21.17 -12.38 38.24
C ALA D 348 -22.07 -13.14 39.23
N TRP D 349 -23.20 -13.68 38.75
CA TRP D 349 -24.07 -14.53 39.57
C TRP D 349 -23.51 -15.95 39.78
N GLY D 350 -22.62 -16.39 38.90
CA GLY D 350 -22.09 -17.76 38.91
C GLY D 350 -23.09 -18.79 38.43
N VAL D 351 -23.86 -18.47 37.39
CA VAL D 351 -24.91 -19.36 36.92
C VAL D 351 -24.69 -19.86 35.48
N PRO D 352 -25.18 -21.08 35.16
CA PRO D 352 -25.21 -21.56 33.77
C PRO D 352 -26.06 -20.69 32.84
N SER D 353 -25.63 -20.59 31.59
CA SER D 353 -26.16 -19.57 30.68
C SER D 353 -26.24 -20.05 29.25
N VAL D 354 -27.30 -19.67 28.57
CA VAL D 354 -27.40 -19.85 27.12
C VAL D 354 -27.85 -18.54 26.49
N MET D 355 -27.23 -18.21 25.35
CA MET D 355 -27.71 -17.18 24.45
C MET D 355 -27.98 -17.82 23.10
N TRP D 356 -29.14 -17.53 22.52
CA TRP D 356 -29.47 -18.02 21.18
C TRP D 356 -29.84 -16.87 20.22
N GLY D 357 -30.05 -17.21 18.96
CA GLY D 357 -30.48 -16.24 17.98
C GLY D 357 -31.85 -16.58 17.43
N TRP D 358 -32.56 -15.58 16.91
CA TRP D 358 -33.73 -15.83 16.10
C TRP D 358 -33.77 -14.98 14.84
N SER D 359 -34.46 -15.50 13.83
CA SER D 359 -34.57 -14.83 12.55
C SER D 359 -35.71 -13.82 12.62
N GLY D 360 -35.42 -12.58 12.24
CA GLY D 360 -36.45 -11.54 12.16
C GLY D 360 -37.07 -11.29 10.79
N PHE D 361 -36.84 -12.18 9.82
CA PHE D 361 -37.13 -11.90 8.40
C PHE D 361 -37.62 -13.10 7.61
N ALA D 362 -38.56 -12.85 6.69
CA ALA D 362 -39.07 -13.88 5.79
C ALA D 362 -37.97 -14.36 4.83
N ALA D 363 -37.09 -13.44 4.42
CA ALA D 363 -35.99 -13.79 3.50
C ALA D 363 -34.81 -14.45 4.23
N GLY D 364 -34.87 -14.52 5.55
CA GLY D 364 -33.85 -15.20 6.37
C GLY D 364 -32.50 -14.53 6.22
N SER D 365 -31.49 -15.33 5.86
CA SER D 365 -30.13 -14.81 5.66
C SER D 365 -29.96 -13.95 4.38
N ASP D 366 -30.98 -13.93 3.51
CA ASP D 366 -31.02 -13.00 2.37
C ASP D 366 -31.48 -11.59 2.74
N ALA D 367 -31.96 -11.41 3.97
CA ALA D 367 -32.42 -10.10 4.44
C ALA D 367 -31.20 -9.23 4.82
N PRO D 368 -31.40 -7.90 4.93
CA PRO D 368 -30.31 -6.99 5.36
C PRO D 368 -29.75 -7.43 6.70
N GLY D 369 -28.43 -7.28 6.87
CA GLY D 369 -27.78 -7.75 8.08
C GLY D 369 -27.72 -6.67 9.15
N ASN D 370 -27.39 -7.10 10.37
CA ASN D 370 -27.22 -6.17 11.48
C ASN D 370 -26.14 -5.12 11.14
N HIS D 371 -26.39 -3.87 11.54
CA HIS D 371 -25.50 -2.72 11.30
C HIS D 371 -25.52 -2.19 9.87
N THR D 372 -26.48 -2.66 9.07
CA THR D 372 -26.81 -1.95 7.84
C THR D 372 -27.88 -0.89 8.16
N ASP D 373 -28.00 0.11 7.28
CA ASP D 373 -29.01 1.16 7.45
C ASP D 373 -30.40 0.68 7.03
N LYS D 374 -30.50 -0.58 6.63
CA LYS D 374 -31.78 -1.18 6.20
C LYS D 374 -32.31 -2.27 7.12
N PHE D 375 -31.58 -2.56 8.20
CA PHE D 375 -31.98 -3.63 9.12
C PHE D 375 -33.31 -3.34 9.83
N ALA D 376 -34.35 -4.07 9.45
CA ALA D 376 -35.69 -3.81 10.00
C ALA D 376 -36.49 -5.11 10.15
N PRO D 377 -36.39 -5.75 11.32
CA PRO D 377 -37.13 -6.99 11.58
C PRO D 377 -38.64 -6.79 11.32
N GLU D 378 -39.25 -7.82 10.77
CA GLU D 378 -40.59 -7.72 10.22
C GLU D 378 -41.69 -8.05 11.23
N LEU D 379 -42.53 -7.06 11.53
CA LEU D 379 -43.75 -7.27 12.32
C LEU D 379 -44.80 -8.01 11.47
N PRO D 380 -45.69 -8.80 12.13
CA PRO D 380 -45.77 -9.10 13.56
C PRO D 380 -44.78 -10.18 14.01
N ASP D 381 -44.39 -11.04 13.05
CA ASP D 381 -43.70 -12.30 13.37
C ASP D 381 -42.40 -12.12 14.13
N ALA D 382 -41.61 -11.10 13.79
CA ALA D 382 -40.31 -10.94 14.44
C ALA D 382 -40.45 -10.71 15.96
N LEU D 383 -41.39 -9.84 16.35
CA LEU D 383 -41.66 -9.57 17.78
C LEU D 383 -42.40 -10.74 18.43
N GLU D 384 -43.37 -11.28 17.69
CA GLU D 384 -44.11 -12.44 18.14
C GLU D 384 -43.17 -13.58 18.54
N ARG D 385 -42.24 -13.93 17.64
CA ARG D 385 -41.34 -15.07 17.88
C ARG D 385 -40.32 -14.84 19.00
N GLY D 386 -39.83 -13.62 19.17
CA GLY D 386 -38.92 -13.33 20.27
C GLY D 386 -39.60 -13.28 21.63
N THR D 387 -40.84 -12.81 21.66
CA THR D 387 -41.62 -12.77 22.89
C THR D 387 -41.94 -14.19 23.37
N GLN D 388 -42.45 -15.02 22.45
CA GLN D 388 -42.77 -16.42 22.74
C GLN D 388 -41.54 -17.21 23.20
N ALA D 389 -40.41 -17.03 22.52
CA ALA D 389 -39.17 -17.71 22.85
C ALA D 389 -38.76 -17.57 24.33
N ILE D 390 -39.02 -16.40 24.90
CA ILE D 390 -38.66 -16.14 26.30
C ILE D 390 -39.46 -17.04 27.27
N LEU D 391 -40.75 -17.14 27.02
CA LEU D 391 -41.68 -17.97 27.80
C LEU D 391 -41.37 -19.44 27.60
N VAL D 392 -41.14 -19.83 26.34
CA VAL D 392 -40.80 -21.22 26.00
C VAL D 392 -39.50 -21.68 26.68
N ALA D 393 -38.50 -20.80 26.74
CA ALA D 393 -37.25 -21.08 27.46
C ALA D 393 -37.41 -21.09 28.98
N ALA D 394 -38.34 -20.27 29.47
CA ALA D 394 -38.60 -20.16 30.90
C ALA D 394 -39.37 -21.37 31.41
N ALA D 395 -40.26 -21.92 30.58
CA ALA D 395 -41.17 -23.00 30.95
C ALA D 395 -40.58 -24.13 31.82
N PRO D 396 -39.55 -24.85 31.31
CA PRO D 396 -39.03 -26.00 32.07
C PRO D 396 -38.66 -25.71 33.53
N TRP D 397 -38.54 -24.42 33.89
CA TRP D 397 -38.25 -24.04 35.27
C TRP D 397 -39.50 -23.53 35.98
N LEU D 398 -40.36 -22.83 35.25
CA LEU D 398 -41.49 -22.12 35.83
C LEU D 398 -42.86 -22.78 35.57
N MET D 399 -42.91 -23.76 34.68
CA MET D 399 -44.15 -24.44 34.31
C MET D 399 -43.99 -25.96 34.18
#